data_3PTX
#
_entry.id   3PTX
#
_cell.length_a   166.414
_cell.length_b   233.611
_cell.length_c   73.453
_cell.angle_alpha   90.00
_cell.angle_beta   90.00
_cell.angle_gamma   90.00
#
_symmetry.space_group_name_H-M   'P 21 21 2'
#
loop_
_entity.id
_entity.type
_entity.pdbx_description
1 polymer Nucleoprotein
2 polymer 'RNA (45-MER)'
3 non-polymer 'URANYL (VI) ION'
#
loop_
_entity_poly.entity_id
_entity_poly.type
_entity_poly.pdbx_seq_one_letter_code
_entity_poly.pdbx_strand_id
1 'polypeptide(L)'
;SVTVKRIIDNTVIVPKLPANEDPVEYPADYFRKSKEIPLYINTTKSLSDLRGYVYQGLKSGNVSIIHVNSYLYGALKDIR
GKLDKDWSSFGINIGKAGDTIGIFDLVSLKALDGVLPDGVSDASRTSADDKWLPLYLLGLYRVGRTQMPEYRKKLMDGLT
NQCKMINEQFEPLVPEGRDIFDVWGNDSNYTKIVAAVDMFFHMFKKHECASFRYGTIVSRFKDCAALATFGHLCKITGMS
TEDVTTWILNREVADEMVQMMLPGQEIDKADSYMPYLIDFGLSSKSPYSSVKNPAFHFWGQLTALLLRSTRARNARQPDD
IEYTSLTTAGLLYAYAVGSSADLAQQFCVGDNKYTPDDSTGGLTTNAPPQGRDVVEWLGWFEDQNRKPTPDMMQYAKRAV
MSLQGLREKTIGKYAKSEFDK
;
A,B,C,D,E
2 'polyribonucleotide' AAAAAAAAAAAAAAAAAAAAAAAAAAAAAAAAAAAAAAAAAAAAA R
#
loop_
_chem_comp.id
_chem_comp.type
_chem_comp.name
_chem_comp.formula
A RNA linking ADENOSINE-5'-MONOPHOSPHATE 'C10 H14 N5 O7 P'
IUM non-polymer 'URANYL (VI) ION' 'O2 U 2'
#
# COMPACT_ATOMS: atom_id res chain seq x y z
N SER A 1 -36.41 5.89 -4.21
CA SER A 1 -35.14 6.13 -3.53
C SER A 1 -34.76 7.64 -3.46
N VAL A 2 -35.70 8.55 -3.73
CA VAL A 2 -35.40 9.98 -3.58
C VAL A 2 -35.27 10.24 -2.10
N THR A 3 -35.93 9.42 -1.30
CA THR A 3 -36.10 9.69 0.12
C THR A 3 -35.82 8.49 1.05
N VAL A 4 -34.64 8.48 1.67
CA VAL A 4 -34.18 7.39 2.53
C VAL A 4 -34.52 7.63 3.99
N LYS A 5 -34.77 6.56 4.73
CA LYS A 5 -35.02 6.69 6.16
C LYS A 5 -34.41 5.51 6.90
N ARG A 6 -33.95 5.75 8.12
CA ARG A 6 -33.43 4.69 8.97
C ARG A 6 -34.64 3.90 9.40
N ILE A 7 -34.51 2.58 9.50
CA ILE A 7 -35.59 1.80 10.10
C ILE A 7 -36.04 1.59 11.56
N ILE A 8 -35.15 1.27 12.48
CA ILE A 8 -35.50 1.09 13.90
C ILE A 8 -36.19 2.30 14.57
N ASP A 9 -35.57 3.48 14.49
CA ASP A 9 -36.18 4.69 15.04
C ASP A 9 -36.99 5.46 13.99
N ASN A 10 -36.83 5.04 12.74
CA ASN A 10 -37.64 5.54 11.64
C ASN A 10 -37.53 7.05 11.42
N THR A 11 -36.31 7.55 11.53
CA THR A 11 -36.01 8.93 11.17
C THR A 11 -35.45 9.03 9.74
N VAL A 12 -35.68 10.15 9.07
CA VAL A 12 -35.14 10.33 7.74
C VAL A 12 -33.63 10.51 7.84
N ILE A 13 -32.98 10.41 6.70
CA ILE A 13 -31.59 10.78 6.56
C ILE A 13 -31.51 11.23 5.10
N VAL A 14 -30.74 12.29 4.80
CA VAL A 14 -30.52 12.66 3.42
C VAL A 14 -29.08 12.36 3.06
N PRO A 15 -28.84 11.18 2.46
CA PRO A 15 -27.49 10.95 1.94
C PRO A 15 -27.18 11.98 0.87
N LYS A 16 -26.21 12.82 1.20
CA LYS A 16 -25.74 13.85 0.30
C LYS A 16 -24.26 13.66 0.32
N LEU A 17 -23.55 14.12 -0.70
CA LEU A 17 -22.10 14.01 -0.68
C LEU A 17 -21.45 15.14 -1.48
N PRO A 18 -20.21 15.50 -1.10
CA PRO A 18 -19.46 16.63 -1.66
C PRO A 18 -19.69 16.79 -3.14
N ALA A 19 -20.16 17.94 -3.58
CA ALA A 19 -20.38 18.17 -5.01
C ALA A 19 -19.06 18.06 -5.82
N ASN A 20 -19.18 18.20 -7.13
CA ASN A 20 -18.07 17.94 -8.04
C ASN A 20 -18.20 18.70 -9.35
N GLU A 21 -18.00 20.01 -9.30
CA GLU A 21 -18.31 20.87 -10.44
C GLU A 21 -17.46 20.64 -11.68
N ASP A 22 -16.52 21.56 -11.90
CA ASP A 22 -15.94 21.80 -13.23
C ASP A 22 -16.66 21.09 -14.40
N PRO A 23 -17.68 21.75 -14.94
CA PRO A 23 -18.29 21.35 -16.21
C PRO A 23 -17.24 21.29 -17.29
N VAL A 24 -17.59 20.71 -18.42
CA VAL A 24 -16.71 20.71 -19.57
C VAL A 24 -16.95 22.01 -20.32
N GLU A 25 -16.13 22.26 -21.33
CA GLU A 25 -16.28 23.45 -22.15
C GLU A 25 -16.01 23.12 -23.61
N TYR A 26 -17.00 23.33 -24.47
CA TYR A 26 -16.87 22.94 -25.88
C TYR A 26 -16.30 24.06 -26.74
N PRO A 27 -15.61 23.71 -27.83
CA PRO A 27 -15.03 24.72 -28.74
C PRO A 27 -16.10 25.69 -29.23
N ALA A 28 -17.04 25.16 -30.00
CA ALA A 28 -18.15 25.93 -30.53
C ALA A 28 -18.70 26.90 -29.50
N ASP A 29 -19.22 26.35 -28.40
CA ASP A 29 -19.94 27.14 -27.39
C ASP A 29 -18.96 28.15 -26.74
N TYR A 30 -17.93 28.54 -27.50
CA TYR A 30 -16.98 29.58 -27.12
C TYR A 30 -16.86 30.68 -28.19
N PHE A 31 -17.04 30.30 -29.45
CA PHE A 31 -17.15 31.29 -30.53
C PHE A 31 -18.53 31.92 -30.51
N ARG A 32 -19.28 31.63 -29.45
CA ARG A 32 -20.54 32.30 -29.21
C ARG A 32 -20.23 33.46 -28.27
N LYS A 33 -18.95 33.62 -27.96
CA LYS A 33 -18.46 34.77 -27.21
C LYS A 33 -17.60 35.65 -28.11
N SER A 34 -16.52 35.08 -28.61
CA SER A 34 -15.55 35.78 -29.43
C SER A 34 -15.46 35.16 -30.82
N LYS A 35 -15.04 35.94 -31.81
CA LYS A 35 -14.81 35.40 -33.15
C LYS A 35 -13.33 35.40 -33.54
N GLU A 36 -12.43 35.44 -32.56
CA GLU A 36 -10.99 35.54 -32.82
C GLU A 36 -10.20 34.80 -31.75
N ILE A 37 -9.11 34.16 -32.15
CA ILE A 37 -8.24 33.46 -31.18
C ILE A 37 -6.99 34.30 -30.86
N PRO A 38 -7.12 35.27 -29.93
CA PRO A 38 -6.15 36.35 -29.68
C PRO A 38 -4.78 35.84 -29.27
N LEU A 39 -3.78 36.05 -30.13
CA LEU A 39 -2.41 35.61 -29.82
C LEU A 39 -1.57 36.81 -29.43
N TYR A 40 -1.63 37.18 -28.16
CA TYR A 40 -0.82 38.27 -27.66
C TYR A 40 0.65 37.91 -27.87
N ILE A 41 1.24 38.56 -28.87
CA ILE A 41 2.68 38.54 -29.05
C ILE A 41 3.16 39.97 -28.96
N ASN A 42 3.96 40.25 -27.94
CA ASN A 42 4.27 41.63 -27.55
C ASN A 42 5.34 42.24 -28.46
N THR A 43 6.58 41.79 -28.29
CA THR A 43 7.73 42.46 -28.88
C THR A 43 7.81 42.19 -30.39
N THR A 44 7.02 42.93 -31.16
CA THR A 44 7.08 42.85 -32.61
C THR A 44 8.33 43.54 -33.15
N LYS A 45 9.26 43.86 -32.25
CA LYS A 45 10.56 44.38 -32.65
C LYS A 45 11.38 43.33 -33.38
N SER A 46 12.66 43.58 -33.55
CA SER A 46 13.49 42.85 -34.50
C SER A 46 13.57 41.33 -34.36
N LEU A 47 13.77 40.63 -35.49
CA LEU A 47 13.91 39.18 -35.44
C LEU A 47 15.35 38.73 -35.37
N SER A 48 16.20 39.24 -36.26
CA SER A 48 17.63 38.97 -36.19
C SER A 48 18.00 39.02 -34.70
N ASP A 49 17.50 40.06 -34.04
CA ASP A 49 17.67 40.24 -32.61
C ASP A 49 17.11 39.08 -31.79
N LEU A 50 15.79 38.90 -31.85
CA LEU A 50 15.11 37.87 -31.08
C LEU A 50 15.73 36.47 -31.27
N ARG A 51 16.11 36.15 -32.50
CA ARG A 51 16.82 34.90 -32.79
C ARG A 51 17.99 34.73 -31.83
N GLY A 52 18.65 35.85 -31.49
CA GLY A 52 19.73 35.81 -30.53
C GLY A 52 19.27 35.69 -29.08
N TYR A 53 18.21 36.43 -28.72
CA TYR A 53 17.73 36.44 -27.34
C TYR A 53 17.39 35.03 -26.88
N VAL A 54 17.09 34.17 -27.87
CA VAL A 54 16.71 32.78 -27.59
C VAL A 54 17.83 31.77 -27.75
N TYR A 55 18.71 31.93 -28.74
CA TYR A 55 19.82 30.99 -28.88
C TYR A 55 20.65 31.02 -27.60
N GLN A 56 21.01 32.22 -27.15
CA GLN A 56 21.77 32.43 -25.92
C GLN A 56 20.90 32.17 -24.68
N GLY A 57 19.64 32.58 -24.75
CA GLY A 57 18.74 32.42 -23.62
C GLY A 57 18.54 30.97 -23.26
N LEU A 58 18.70 30.09 -24.25
CA LEU A 58 18.45 28.65 -24.10
C LEU A 58 19.68 27.89 -23.63
N LYS A 59 20.86 28.32 -24.06
CA LYS A 59 22.11 27.73 -23.60
C LYS A 59 22.32 28.09 -22.13
N SER A 60 21.23 28.23 -21.40
CA SER A 60 21.25 28.64 -20.01
C SER A 60 19.83 28.61 -19.44
N GLY A 61 19.72 28.41 -18.13
CA GLY A 61 18.44 28.19 -17.49
C GLY A 61 17.40 29.28 -17.63
N ASN A 62 17.73 30.35 -18.34
CA ASN A 62 16.83 31.48 -18.39
C ASN A 62 16.61 32.04 -19.79
N VAL A 63 15.47 31.69 -20.37
CA VAL A 63 15.00 32.37 -21.57
C VAL A 63 13.52 32.62 -21.38
N SER A 64 13.10 33.87 -21.59
CA SER A 64 11.71 34.24 -21.34
C SER A 64 10.79 33.64 -22.38
N ILE A 65 9.71 33.03 -21.91
CA ILE A 65 8.72 32.53 -22.82
C ILE A 65 8.28 33.65 -23.76
N ILE A 66 8.05 34.85 -23.22
CA ILE A 66 7.62 36.00 -24.01
C ILE A 66 8.53 36.22 -25.21
N HIS A 67 9.81 35.90 -25.03
CA HIS A 67 10.80 36.00 -26.10
C HIS A 67 10.65 34.91 -27.15
N VAL A 68 10.63 33.65 -26.71
CA VAL A 68 10.46 32.55 -27.67
C VAL A 68 9.19 32.79 -28.49
N ASN A 69 8.09 33.07 -27.81
CA ASN A 69 6.86 33.49 -28.48
C ASN A 69 7.15 34.41 -29.66
N SER A 70 7.62 35.61 -29.32
CA SER A 70 7.88 36.62 -30.33
C SER A 70 8.87 36.09 -31.37
N TYR A 71 9.83 35.27 -30.95
CA TYR A 71 10.78 34.75 -31.91
C TYR A 71 10.07 33.90 -32.95
N LEU A 72 9.18 33.03 -32.49
CA LEU A 72 8.43 32.16 -33.37
C LEU A 72 7.61 32.98 -34.35
N TYR A 73 6.89 33.98 -33.84
CA TYR A 73 6.13 34.86 -34.73
C TYR A 73 7.04 35.31 -35.87
N GLY A 74 8.27 35.65 -35.53
CA GLY A 74 9.23 36.17 -36.49
C GLY A 74 9.64 35.14 -37.53
N ALA A 75 10.01 33.95 -37.07
CA ALA A 75 10.49 32.91 -37.96
C ALA A 75 9.34 32.32 -38.76
N LEU A 76 8.14 32.33 -38.18
CA LEU A 76 7.00 31.69 -38.79
C LEU A 76 6.04 32.68 -39.45
N LYS A 77 6.57 33.48 -40.37
CA LYS A 77 5.71 34.14 -41.33
C LYS A 77 6.09 33.74 -42.76
N ASP A 78 6.45 32.47 -42.88
CA ASP A 78 6.33 31.75 -44.14
C ASP A 78 4.86 31.88 -44.54
N ILE A 79 4.54 33.05 -45.09
CA ILE A 79 3.18 33.35 -45.54
C ILE A 79 2.84 32.37 -46.67
N ARG A 80 3.67 31.32 -46.79
CA ARG A 80 3.53 30.26 -47.77
C ARG A 80 2.31 29.43 -47.44
N GLY A 81 1.72 28.82 -48.46
CA GLY A 81 0.54 27.98 -48.27
C GLY A 81 -0.65 28.47 -49.05
N LYS A 82 -0.88 27.88 -50.23
CA LYS A 82 -2.00 28.26 -51.10
C LYS A 82 -3.19 27.34 -50.90
N LEU A 83 -4.20 27.84 -50.20
CA LEU A 83 -5.43 27.09 -49.98
C LEU A 83 -6.02 26.56 -51.30
N ASP A 84 -5.67 25.33 -51.67
CA ASP A 84 -6.21 24.72 -52.88
C ASP A 84 -7.75 24.64 -52.82
N LYS A 85 -8.27 24.49 -51.60
CA LYS A 85 -9.71 24.44 -51.37
C LYS A 85 -10.19 25.69 -50.63
N ASP A 86 -11.27 25.54 -49.87
CA ASP A 86 -11.75 26.59 -48.99
C ASP A 86 -11.16 26.36 -47.59
N TRP A 87 -11.64 27.11 -46.60
CA TRP A 87 -11.21 26.90 -45.22
C TRP A 87 -11.92 27.81 -44.21
N SER A 88 -12.88 27.26 -43.49
CA SER A 88 -13.57 27.97 -42.42
C SER A 88 -13.69 27.06 -41.20
N SER A 89 -14.28 27.58 -40.14
CA SER A 89 -14.46 26.80 -38.92
C SER A 89 -15.16 27.59 -37.83
N PHE A 90 -16.35 27.14 -37.43
CA PHE A 90 -17.10 27.75 -36.35
C PHE A 90 -17.62 29.14 -36.69
N GLY A 91 -17.60 29.48 -37.97
CA GLY A 91 -18.03 30.79 -38.44
C GLY A 91 -16.83 31.55 -38.98
N ILE A 92 -15.69 31.32 -38.35
CA ILE A 92 -14.42 31.95 -38.74
C ILE A 92 -13.98 31.56 -40.15
N ASN A 93 -13.97 32.54 -41.06
CA ASN A 93 -13.33 32.33 -42.36
C ASN A 93 -11.84 32.32 -42.13
N ILE A 94 -11.10 31.61 -42.97
CA ILE A 94 -9.65 31.61 -42.87
C ILE A 94 -9.04 31.82 -44.24
N GLY A 95 -9.78 31.46 -45.28
CA GLY A 95 -9.32 31.64 -46.64
C GLY A 95 -10.17 30.89 -47.62
N LYS A 96 -10.61 31.58 -48.67
CA LYS A 96 -11.43 30.97 -49.69
C LYS A 96 -10.57 30.64 -50.91
N ALA A 97 -11.22 30.36 -52.03
CA ALA A 97 -10.51 29.91 -53.23
C ALA A 97 -9.12 30.53 -53.32
N GLY A 98 -8.13 29.71 -53.65
CA GLY A 98 -6.86 30.21 -54.16
C GLY A 98 -6.15 31.11 -53.18
N ASP A 99 -6.82 31.41 -52.06
CA ASP A 99 -6.31 32.36 -51.08
C ASP A 99 -4.95 31.91 -50.56
N THR A 100 -3.96 32.80 -50.62
CA THR A 100 -2.64 32.49 -50.08
C THR A 100 -2.51 33.00 -48.63
N ILE A 101 -2.24 32.10 -47.69
CA ILE A 101 -2.23 32.44 -46.28
C ILE A 101 -1.13 31.77 -45.47
N GLY A 102 -0.83 32.35 -44.31
CA GLY A 102 0.25 31.89 -43.45
C GLY A 102 -0.20 31.47 -42.05
N ILE A 103 0.75 31.02 -41.25
CA ILE A 103 0.45 30.36 -39.98
C ILE A 103 -0.36 31.19 -38.99
N PHE A 104 -0.58 32.47 -39.28
CA PHE A 104 -1.15 33.35 -38.27
C PHE A 104 -2.41 34.10 -38.66
N ASP A 105 -3.11 33.61 -39.69
CA ASP A 105 -4.40 34.19 -40.05
C ASP A 105 -5.41 33.71 -39.02
N LEU A 106 -4.85 33.43 -37.84
CA LEU A 106 -5.55 33.06 -36.63
C LEU A 106 -5.21 34.15 -35.54
N VAL A 107 -5.59 35.37 -35.95
CA VAL A 107 -5.88 36.59 -35.17
C VAL A 107 -4.90 37.14 -34.10
N SER A 108 -3.83 37.78 -34.56
CA SER A 108 -2.75 38.27 -33.69
C SER A 108 -3.03 39.60 -32.98
N LEU A 109 -2.52 39.72 -31.74
CA LEU A 109 -2.56 40.96 -30.99
C LEU A 109 -1.15 41.41 -30.62
N LYS A 110 -1.02 42.06 -29.46
CA LYS A 110 0.29 42.49 -28.94
C LYS A 110 0.09 43.04 -27.53
N ALA A 111 0.97 42.69 -26.59
CA ALA A 111 0.69 42.93 -25.16
C ALA A 111 1.53 43.99 -24.38
N LEU A 112 2.21 43.53 -23.33
CA LEU A 112 2.73 44.40 -22.28
C LEU A 112 4.15 44.96 -22.50
N ASP A 113 4.87 45.22 -21.40
CA ASP A 113 6.06 46.08 -21.44
C ASP A 113 7.41 45.41 -21.11
N GLY A 114 7.43 44.48 -20.16
CA GLY A 114 8.67 43.88 -19.70
C GLY A 114 9.34 42.91 -20.67
N VAL A 115 10.63 43.14 -20.91
CA VAL A 115 11.44 42.26 -21.77
C VAL A 115 12.92 42.33 -21.35
N LEU A 116 13.61 41.18 -21.38
CA LEU A 116 14.93 41.08 -20.72
C LEU A 116 16.15 41.73 -21.44
N PRO A 117 16.97 40.94 -22.18
CA PRO A 117 18.24 41.54 -22.64
C PRO A 117 18.16 42.91 -23.37
N ASP A 118 19.25 43.66 -23.37
CA ASP A 118 19.28 44.94 -24.10
C ASP A 118 19.45 44.66 -25.60
N GLY A 119 19.61 45.73 -26.37
CA GLY A 119 19.73 45.66 -27.82
C GLY A 119 20.08 44.33 -28.49
N VAL A 120 21.14 43.67 -28.02
CA VAL A 120 21.75 42.55 -28.73
C VAL A 120 22.37 41.47 -27.81
N SER A 121 21.73 40.32 -27.73
CA SER A 121 22.25 39.20 -26.94
C SER A 121 23.65 38.87 -27.44
N ASP A 122 23.75 38.42 -28.69
CA ASP A 122 25.00 38.47 -29.42
C ASP A 122 24.84 38.27 -30.93
N ALA A 123 25.60 39.03 -31.71
CA ALA A 123 25.43 39.07 -33.16
C ALA A 123 25.62 37.69 -33.81
N SER A 124 25.99 36.71 -32.99
CA SER A 124 26.37 35.39 -33.46
C SER A 124 25.43 34.79 -34.50
N ARG A 125 24.16 34.71 -34.16
CA ARG A 125 23.21 33.89 -34.92
C ARG A 125 22.69 34.44 -36.26
N THR A 126 23.20 33.82 -37.33
CA THR A 126 22.73 33.94 -38.71
C THR A 126 21.34 33.30 -38.89
N SER A 127 20.77 33.41 -40.10
CA SER A 127 19.48 32.79 -40.38
C SER A 127 19.57 31.28 -40.68
N ALA A 128 20.51 30.60 -40.04
CA ALA A 128 20.34 29.19 -39.67
C ALA A 128 19.30 29.34 -38.58
N ASP A 129 18.09 29.64 -39.03
CA ASP A 129 17.10 30.36 -38.27
C ASP A 129 15.88 29.48 -38.28
N ASP A 130 14.88 29.92 -39.04
CA ASP A 130 13.65 29.16 -39.27
C ASP A 130 14.03 27.70 -39.52
N LYS A 131 15.06 27.54 -40.32
CA LYS A 131 15.57 26.23 -40.70
C LYS A 131 15.34 25.16 -39.61
N TRP A 132 15.56 25.52 -38.35
CA TRP A 132 15.45 24.57 -37.24
C TRP A 132 15.03 25.19 -35.92
N LEU A 133 15.76 26.19 -35.44
CA LEU A 133 15.48 26.84 -34.16
C LEU A 133 14.01 26.87 -33.76
N PRO A 134 13.11 27.23 -34.69
CA PRO A 134 11.68 27.14 -34.34
C PRO A 134 11.27 25.69 -34.09
N LEU A 135 11.54 24.82 -35.05
CA LEU A 135 11.34 23.38 -34.86
C LEU A 135 11.72 22.99 -33.43
N TYR A 136 13.00 23.16 -33.13
CA TYR A 136 13.54 22.84 -31.83
C TYR A 136 12.70 23.44 -30.70
N LEU A 137 12.33 24.70 -30.84
CA LEU A 137 11.58 25.40 -29.81
C LEU A 137 10.21 24.77 -29.63
N LEU A 138 9.50 24.61 -30.73
CA LEU A 138 8.22 23.94 -30.73
C LEU A 138 8.36 22.52 -30.19
N GLY A 139 9.42 21.84 -30.62
CA GLY A 139 9.69 20.49 -30.17
C GLY A 139 9.74 20.36 -28.67
N LEU A 140 10.04 21.45 -27.98
CA LEU A 140 10.15 21.42 -26.54
C LEU A 140 8.78 21.49 -25.84
N TYR A 141 7.74 21.75 -26.62
CA TYR A 141 6.40 21.68 -26.07
C TYR A 141 6.15 20.22 -25.77
N ARG A 142 6.47 19.40 -26.76
CA ARG A 142 6.29 17.97 -26.73
C ARG A 142 7.08 17.34 -25.59
N VAL A 143 8.33 17.77 -25.45
CA VAL A 143 9.20 17.18 -24.46
C VAL A 143 8.72 17.57 -23.07
N GLY A 144 8.25 18.81 -22.93
CA GLY A 144 7.86 19.35 -21.64
C GLY A 144 6.73 18.60 -20.96
N ARG A 145 5.81 18.07 -21.76
CA ARG A 145 4.62 17.40 -21.27
C ARG A 145 4.91 16.05 -20.60
N THR A 146 6.10 15.50 -20.81
CA THR A 146 6.37 14.12 -20.41
C THR A 146 7.12 13.94 -19.08
N GLN A 147 7.49 12.70 -18.74
CA GLN A 147 7.94 12.36 -17.38
C GLN A 147 8.99 11.23 -17.17
N MET A 148 9.09 10.24 -18.06
CA MET A 148 10.02 9.10 -17.88
C MET A 148 11.14 9.11 -18.96
N PRO A 149 12.14 8.17 -18.90
CA PRO A 149 13.19 8.14 -19.93
C PRO A 149 12.68 8.33 -21.36
N GLU A 150 11.36 8.58 -21.50
CA GLU A 150 10.77 9.06 -22.74
C GLU A 150 11.21 10.49 -22.97
N TYR A 151 11.33 11.26 -21.90
CA TYR A 151 11.87 12.60 -22.02
C TYR A 151 13.16 12.55 -22.84
N ARG A 152 14.13 11.74 -22.40
CA ARG A 152 15.43 11.70 -23.06
C ARG A 152 15.31 10.99 -24.40
N LYS A 153 14.37 10.08 -24.49
CA LYS A 153 14.01 9.47 -25.77
C LYS A 153 13.50 10.56 -26.69
N LYS A 154 12.53 11.33 -26.18
CA LYS A 154 11.84 12.33 -26.98
C LYS A 154 12.75 13.49 -27.36
N LEU A 155 13.56 13.97 -26.42
CA LEU A 155 14.51 15.02 -26.75
C LEU A 155 15.53 14.46 -27.73
N MET A 156 16.12 13.32 -27.40
CA MET A 156 17.22 12.79 -28.19
C MET A 156 16.86 12.58 -29.66
N ASP A 157 15.57 12.51 -29.97
CA ASP A 157 15.12 12.36 -31.35
C ASP A 157 14.46 13.65 -31.84
N GLY A 158 13.79 14.34 -30.92
CA GLY A 158 13.30 15.66 -31.23
C GLY A 158 14.48 16.60 -31.21
N LEU A 159 15.66 15.99 -31.44
CA LEU A 159 16.94 16.69 -31.60
C LEU A 159 17.81 16.05 -32.71
N THR A 160 17.38 14.94 -33.30
CA THR A 160 17.99 14.54 -34.56
C THR A 160 17.12 15.04 -35.71
N ASN A 161 16.11 15.83 -35.36
CA ASN A 161 15.23 16.41 -36.37
C ASN A 161 15.72 17.79 -36.78
N GLN A 162 16.56 18.39 -35.95
CA GLN A 162 17.20 19.62 -36.34
C GLN A 162 18.54 19.28 -36.95
N CYS A 163 18.86 18.00 -37.03
CA CYS A 163 20.05 17.61 -37.76
C CYS A 163 19.64 17.29 -39.18
N LYS A 164 18.50 17.85 -39.57
CA LYS A 164 17.92 17.58 -40.86
C LYS A 164 18.18 18.72 -41.84
N MET A 165 18.96 18.49 -42.89
CA MET A 165 19.12 19.48 -43.95
C MET A 165 19.74 20.76 -43.36
N ILE A 166 19.87 20.75 -42.03
CA ILE A 166 20.37 21.88 -41.28
C ILE A 166 21.55 21.53 -40.35
N ASN A 167 21.56 20.29 -39.86
CA ASN A 167 22.66 19.74 -39.05
C ASN A 167 23.19 20.67 -37.97
N GLU A 168 22.34 20.99 -37.00
CA GLU A 168 22.72 21.88 -35.89
C GLU A 168 22.25 21.32 -34.51
N GLN A 169 23.20 21.26 -33.56
CA GLN A 169 23.22 20.25 -32.49
C GLN A 169 22.38 20.45 -31.21
N PHE A 170 22.79 19.82 -30.09
CA PHE A 170 21.85 19.68 -28.96
C PHE A 170 22.05 20.84 -28.00
N GLU A 171 21.07 21.24 -27.19
CA GLU A 171 21.30 22.43 -26.31
C GLU A 171 21.32 22.60 -24.75
N PRO A 172 20.15 22.84 -24.10
CA PRO A 172 20.24 23.22 -22.69
C PRO A 172 20.80 22.11 -21.80
N LEU A 173 20.91 22.36 -20.50
CA LEU A 173 21.71 21.48 -19.67
C LEU A 173 20.95 20.32 -19.01
N VAL A 174 20.17 20.64 -17.98
CA VAL A 174 19.47 19.65 -17.16
C VAL A 174 18.54 18.77 -18.00
N PRO A 175 18.57 17.45 -17.74
CA PRO A 175 17.66 16.51 -18.42
C PRO A 175 16.18 16.95 -18.38
N GLU A 176 15.52 16.69 -17.26
CA GLU A 176 14.15 17.18 -17.11
C GLU A 176 13.71 17.45 -15.67
N GLY A 177 12.53 16.94 -15.33
CA GLY A 177 11.89 17.19 -14.04
C GLY A 177 10.55 17.85 -14.25
N ARG A 178 10.09 17.86 -15.50
CA ARG A 178 9.01 18.70 -15.89
C ARG A 178 9.25 19.99 -15.15
N ASP A 179 10.34 20.71 -15.52
CA ASP A 179 10.67 22.05 -14.94
C ASP A 179 11.46 23.08 -15.77
N ILE A 180 12.37 22.64 -16.62
CA ILE A 180 13.36 23.52 -17.30
C ILE A 180 12.80 24.53 -18.36
N PHE A 181 11.66 24.15 -18.93
CA PHE A 181 10.99 24.87 -20.02
C PHE A 181 9.62 24.18 -20.14
N ASP A 182 9.35 23.31 -19.18
CA ASP A 182 8.08 22.61 -19.09
C ASP A 182 7.09 23.58 -18.53
N VAL A 183 7.45 24.85 -18.57
CA VAL A 183 6.61 25.92 -18.10
C VAL A 183 6.02 26.64 -19.29
N TRP A 184 6.68 26.50 -20.43
CA TRP A 184 6.15 27.02 -21.68
C TRP A 184 4.72 26.52 -21.89
N GLY A 185 4.48 25.31 -21.41
CA GLY A 185 3.16 24.73 -21.41
C GLY A 185 2.17 25.68 -20.76
N ASN A 186 2.49 26.14 -19.56
CA ASN A 186 1.60 27.05 -18.86
C ASN A 186 1.38 28.39 -19.58
N ASP A 187 2.07 28.60 -20.70
CA ASP A 187 1.96 29.89 -21.38
C ASP A 187 0.86 29.97 -22.44
N SER A 188 -0.24 30.66 -22.09
CA SER A 188 -1.41 30.82 -22.94
C SER A 188 -1.11 31.09 -24.41
N ASN A 189 -0.08 31.92 -24.66
CA ASN A 189 0.26 32.33 -26.02
C ASN A 189 1.21 31.39 -26.71
N TYR A 190 2.06 30.73 -25.94
CA TYR A 190 2.94 29.72 -26.50
C TYR A 190 2.09 28.60 -27.11
N THR A 191 1.30 27.95 -26.26
CA THR A 191 0.38 26.90 -26.69
C THR A 191 -0.37 27.33 -27.96
N LYS A 192 -0.91 28.55 -27.95
CA LYS A 192 -1.61 29.07 -29.11
C LYS A 192 -0.72 29.07 -30.37
N ILE A 193 0.57 29.31 -30.19
CA ILE A 193 1.48 29.29 -31.34
C ILE A 193 1.69 27.87 -31.88
N VAL A 194 2.04 26.92 -31.01
CA VAL A 194 2.23 25.56 -31.46
C VAL A 194 0.92 25.04 -32.02
N ALA A 195 -0.18 25.37 -31.35
CA ALA A 195 -1.48 24.93 -31.83
C ALA A 195 -1.66 25.42 -33.28
N ALA A 196 -1.30 26.68 -33.55
CA ALA A 196 -1.44 27.23 -34.89
C ALA A 196 -0.45 26.59 -35.89
N VAL A 197 0.77 26.36 -35.46
CA VAL A 197 1.78 25.78 -36.33
C VAL A 197 1.35 24.40 -36.79
N ASP A 198 0.73 23.66 -35.88
CA ASP A 198 0.28 22.31 -36.19
C ASP A 198 -0.92 22.39 -37.11
N MET A 199 -1.95 23.09 -36.65
CA MET A 199 -3.19 23.27 -37.40
C MET A 199 -2.92 23.71 -38.83
N PHE A 200 -1.82 24.42 -39.01
CA PHE A 200 -1.47 24.95 -40.31
C PHE A 200 -0.79 23.87 -41.14
N PHE A 201 0.32 23.34 -40.64
CA PHE A 201 1.03 22.31 -41.36
C PHE A 201 0.21 21.03 -41.45
N HIS A 202 -0.74 20.89 -40.54
CA HIS A 202 -1.69 19.80 -40.64
C HIS A 202 -2.49 19.95 -41.90
N MET A 203 -2.80 21.20 -42.24
CA MET A 203 -3.51 21.51 -43.47
C MET A 203 -2.59 21.43 -44.69
N PHE A 204 -1.43 22.09 -44.61
CA PHE A 204 -0.46 22.06 -45.69
C PHE A 204 0.57 20.98 -45.43
N LYS A 205 0.12 19.74 -45.41
CA LYS A 205 0.93 18.59 -45.00
C LYS A 205 2.22 18.46 -45.81
N LYS A 206 2.21 18.92 -47.06
CA LYS A 206 3.35 18.74 -47.98
C LYS A 206 4.40 19.86 -47.94
N HIS A 207 4.17 20.86 -47.09
CA HIS A 207 5.05 22.04 -47.03
C HIS A 207 6.50 21.67 -46.66
N GLU A 208 7.47 22.45 -47.15
CA GLU A 208 8.88 22.18 -46.85
C GLU A 208 9.11 22.18 -45.34
N CYS A 209 8.58 23.21 -44.68
CA CYS A 209 8.80 23.42 -43.27
C CYS A 209 7.81 22.62 -42.42
N ALA A 210 6.99 21.80 -43.06
CA ALA A 210 6.03 20.98 -42.32
C ALA A 210 6.71 20.02 -41.36
N SER A 211 8.03 19.86 -41.51
CA SER A 211 8.82 19.03 -40.63
C SER A 211 8.71 19.53 -39.18
N PHE A 212 8.20 20.75 -39.04
CA PHE A 212 8.08 21.43 -37.75
C PHE A 212 7.07 20.82 -36.81
N ARG A 213 6.14 20.06 -37.38
CA ARG A 213 5.09 19.46 -36.59
C ARG A 213 5.66 18.47 -35.59
N TYR A 214 6.97 18.27 -35.62
CA TYR A 214 7.56 17.21 -34.81
C TYR A 214 7.14 17.33 -33.34
N GLY A 215 7.25 18.51 -32.75
CA GLY A 215 6.82 18.69 -31.38
C GLY A 215 5.42 19.27 -31.30
N THR A 216 5.04 19.98 -32.36
CA THR A 216 3.79 20.70 -32.38
C THR A 216 2.59 19.76 -32.52
N ILE A 217 2.89 18.47 -32.70
CA ILE A 217 1.86 17.46 -32.98
C ILE A 217 1.07 16.96 -31.77
N VAL A 218 1.72 16.83 -30.62
CA VAL A 218 1.01 16.41 -29.41
C VAL A 218 0.00 17.47 -28.96
N SER A 219 -0.21 18.48 -29.79
CA SER A 219 -1.20 19.51 -29.51
C SER A 219 -2.56 19.15 -30.07
N ARG A 220 -2.54 18.44 -31.20
CA ARG A 220 -3.78 18.03 -31.86
C ARG A 220 -4.47 16.97 -31.03
N PHE A 221 -5.69 17.29 -30.64
CA PHE A 221 -6.43 16.47 -29.69
C PHE A 221 -5.67 16.28 -28.39
N LYS A 222 -5.07 17.36 -27.91
CA LYS A 222 -4.54 17.36 -26.56
C LYS A 222 -5.75 17.38 -25.65
N ASP A 223 -5.77 16.44 -24.69
CA ASP A 223 -6.89 16.29 -23.75
C ASP A 223 -8.16 15.68 -24.40
N CYS A 224 -8.00 14.95 -25.50
CA CYS A 224 -9.12 14.29 -26.16
C CYS A 224 -8.85 12.80 -26.34
N ALA A 225 -8.45 12.14 -25.25
CA ALA A 225 -8.05 10.75 -25.28
C ALA A 225 -9.23 9.83 -25.48
N ALA A 226 -10.35 10.13 -24.82
CA ALA A 226 -11.51 9.27 -24.91
C ALA A 226 -12.06 9.32 -26.33
N LEU A 227 -12.01 10.51 -26.90
CA LEU A 227 -12.42 10.72 -28.28
C LEU A 227 -11.61 9.81 -29.20
N ALA A 228 -10.35 9.63 -28.85
CA ALA A 228 -9.43 8.95 -29.73
C ALA A 228 -9.43 7.48 -29.46
N THR A 229 -9.81 7.10 -28.24
CA THR A 229 -9.93 5.68 -27.92
C THR A 229 -11.27 5.17 -28.41
N PHE A 230 -12.18 6.08 -28.69
CA PHE A 230 -13.40 5.74 -29.39
C PHE A 230 -13.01 5.28 -30.81
N GLY A 231 -12.35 6.17 -31.55
CA GLY A 231 -11.89 5.87 -32.89
C GLY A 231 -11.07 4.59 -33.00
N HIS A 232 -10.38 4.24 -31.91
CA HIS A 232 -9.45 3.12 -31.91
C HIS A 232 -10.23 1.85 -31.70
N LEU A 233 -11.15 1.90 -30.75
CA LEU A 233 -12.12 0.83 -30.53
C LEU A 233 -12.78 0.48 -31.86
N CYS A 234 -13.34 1.49 -32.51
CA CYS A 234 -13.94 1.29 -33.81
C CYS A 234 -13.00 0.51 -34.71
N LYS A 235 -11.81 1.09 -34.91
CA LYS A 235 -10.81 0.54 -35.81
C LYS A 235 -10.42 -0.89 -35.44
N ILE A 236 -10.47 -1.19 -34.16
CA ILE A 236 -9.93 -2.44 -33.62
C ILE A 236 -11.00 -3.52 -33.58
N THR A 237 -12.25 -3.07 -33.63
CA THR A 237 -13.38 -3.97 -33.76
C THR A 237 -13.89 -3.92 -35.20
N GLY A 238 -13.13 -3.22 -36.05
CA GLY A 238 -13.51 -3.04 -37.44
C GLY A 238 -14.92 -2.51 -37.60
N MET A 239 -15.69 -2.54 -36.51
CA MET A 239 -17.04 -2.00 -36.50
C MET A 239 -17.18 -0.51 -36.81
N SER A 240 -18.41 -0.13 -37.16
CA SER A 240 -18.70 1.22 -37.57
C SER A 240 -18.93 2.03 -36.33
N THR A 241 -18.70 3.33 -36.45
CA THR A 241 -18.80 4.24 -35.33
C THR A 241 -20.14 4.07 -34.63
N GLU A 242 -21.20 3.97 -35.41
CA GLU A 242 -22.56 3.85 -34.90
C GLU A 242 -22.85 2.48 -34.29
N ASP A 243 -22.32 1.41 -34.88
CA ASP A 243 -22.51 0.06 -34.33
C ASP A 243 -21.70 -0.11 -33.02
N VAL A 244 -20.49 0.46 -33.00
CA VAL A 244 -19.68 0.50 -31.77
C VAL A 244 -20.46 1.22 -30.68
N THR A 245 -21.12 2.30 -31.06
CA THR A 245 -21.86 3.14 -30.12
C THR A 245 -22.97 2.38 -29.42
N THR A 246 -23.63 1.48 -30.14
CA THR A 246 -24.78 0.77 -29.59
C THR A 246 -24.33 -0.22 -28.53
N TRP A 247 -23.07 -0.62 -28.67
CA TRP A 247 -22.42 -1.55 -27.74
C TRP A 247 -22.04 -0.94 -26.38
N ILE A 248 -22.30 0.36 -26.22
CA ILE A 248 -22.18 1.00 -24.92
C ILE A 248 -23.31 0.52 -24.03
N LEU A 249 -22.92 -0.05 -22.88
CA LEU A 249 -23.85 -0.80 -22.04
C LEU A 249 -23.89 -0.31 -20.60
N ASN A 250 -23.54 0.96 -20.36
CA ASN A 250 -23.59 1.55 -19.02
C ASN A 250 -24.03 3.02 -19.09
N ARG A 251 -25.02 3.38 -18.28
CA ARG A 251 -25.49 4.78 -18.25
C ARG A 251 -24.32 5.75 -18.37
N GLU A 252 -23.36 5.65 -17.46
CA GLU A 252 -22.31 6.67 -17.41
C GLU A 252 -21.26 6.55 -18.50
N VAL A 253 -21.29 5.47 -19.28
CA VAL A 253 -20.47 5.42 -20.49
C VAL A 253 -21.18 6.06 -21.66
N ALA A 254 -22.49 5.86 -21.71
CA ALA A 254 -23.33 6.50 -22.69
C ALA A 254 -23.48 7.98 -22.42
N ASP A 255 -23.50 8.35 -21.15
CA ASP A 255 -23.62 9.75 -20.78
C ASP A 255 -22.43 10.50 -21.34
N GLU A 256 -21.29 9.84 -21.28
CA GLU A 256 -20.03 10.41 -21.73
C GLU A 256 -19.95 10.44 -23.23
N MET A 257 -20.36 9.34 -23.82
CA MET A 257 -20.46 9.27 -25.27
C MET A 257 -21.35 10.41 -25.77
N VAL A 258 -22.46 10.64 -25.09
CA VAL A 258 -23.37 11.69 -25.49
C VAL A 258 -22.65 13.01 -25.37
N GLN A 259 -21.97 13.21 -24.25
CA GLN A 259 -21.23 14.44 -24.00
C GLN A 259 -20.16 14.68 -25.07
N MET A 260 -19.48 13.60 -25.47
CA MET A 260 -18.44 13.68 -26.50
C MET A 260 -19.01 14.07 -27.86
N MET A 261 -20.05 13.34 -28.25
CA MET A 261 -20.59 13.39 -29.60
C MET A 261 -21.44 14.64 -29.83
N LEU A 262 -21.56 15.47 -28.81
CA LEU A 262 -22.33 16.71 -28.94
C LEU A 262 -21.99 17.37 -30.25
N PRO A 263 -23.04 17.78 -31.00
CA PRO A 263 -22.84 18.18 -32.39
C PRO A 263 -22.34 19.61 -32.55
N GLY A 264 -22.06 20.02 -33.79
CA GLY A 264 -21.64 21.36 -34.11
C GLY A 264 -20.40 21.71 -33.31
N GLN A 265 -19.44 20.78 -33.29
CA GLN A 265 -18.17 20.99 -32.59
C GLN A 265 -16.99 20.66 -33.51
N GLU A 266 -17.31 20.14 -34.70
CA GLU A 266 -16.32 19.91 -35.75
C GLU A 266 -15.32 18.80 -35.41
N ILE A 267 -15.70 17.93 -34.48
CA ILE A 267 -14.90 16.73 -34.16
C ILE A 267 -14.39 16.11 -35.47
N ASP A 268 -15.35 15.58 -36.24
CA ASP A 268 -15.07 14.92 -37.51
C ASP A 268 -14.51 15.80 -38.63
N LYS A 269 -14.44 17.11 -38.40
CA LYS A 269 -14.09 18.05 -39.48
C LYS A 269 -12.65 17.95 -39.93
N ALA A 270 -12.47 18.07 -41.24
CA ALA A 270 -11.16 17.95 -41.88
C ALA A 270 -10.05 18.65 -41.09
N ASP A 271 -9.97 19.96 -41.31
CA ASP A 271 -8.99 20.78 -40.64
C ASP A 271 -9.74 21.84 -39.84
N SER A 272 -10.19 21.45 -38.64
CA SER A 272 -10.93 22.35 -37.76
C SER A 272 -10.08 22.86 -36.61
N TYR A 273 -10.67 23.74 -35.81
CA TYR A 273 -10.04 24.28 -34.60
C TYR A 273 -10.17 23.31 -33.45
N MET A 274 -11.23 22.51 -33.50
CA MET A 274 -11.61 21.66 -32.39
C MET A 274 -10.46 20.86 -31.75
N PRO A 275 -9.60 20.24 -32.56
CA PRO A 275 -8.52 19.41 -32.01
C PRO A 275 -7.62 20.19 -31.06
N TYR A 276 -7.67 21.51 -31.17
CA TYR A 276 -6.81 22.37 -30.41
C TYR A 276 -7.59 23.20 -29.43
N LEU A 277 -8.82 22.77 -29.16
CA LEU A 277 -9.67 23.49 -28.21
C LEU A 277 -8.87 23.88 -26.96
N ILE A 278 -7.99 22.98 -26.52
CA ILE A 278 -7.25 23.17 -25.26
C ILE A 278 -6.16 24.20 -25.38
N ASP A 279 -5.29 24.04 -26.38
CA ASP A 279 -4.16 24.95 -26.61
C ASP A 279 -4.51 26.35 -27.16
N PHE A 280 -5.54 26.42 -27.98
CA PHE A 280 -6.07 27.70 -28.39
C PHE A 280 -6.93 28.32 -27.26
N GLY A 281 -7.05 27.61 -26.14
CA GLY A 281 -7.81 28.09 -25.00
C GLY A 281 -9.28 28.28 -25.30
N LEU A 282 -9.76 27.56 -26.30
CA LEU A 282 -11.17 27.55 -26.64
C LEU A 282 -11.93 26.81 -25.54
N SER A 283 -11.17 26.10 -24.71
CA SER A 283 -11.72 25.26 -23.66
C SER A 283 -10.70 25.08 -22.56
N SER A 284 -11.17 24.96 -21.31
CA SER A 284 -10.25 24.83 -20.17
C SER A 284 -10.59 23.56 -19.38
N LYS A 285 -11.42 22.76 -20.02
CA LYS A 285 -11.82 21.48 -19.49
C LYS A 285 -12.48 20.80 -20.67
N SER A 286 -11.64 20.14 -21.47
CA SER A 286 -12.06 19.46 -22.69
C SER A 286 -12.99 18.30 -22.38
N PRO A 287 -14.14 18.26 -23.06
CA PRO A 287 -15.14 17.19 -22.98
C PRO A 287 -14.75 15.88 -23.67
N TYR A 288 -13.52 15.78 -24.16
CA TYR A 288 -13.10 14.58 -24.87
C TYR A 288 -12.00 13.88 -24.09
N SER A 289 -11.72 14.40 -22.91
CA SER A 289 -10.61 13.95 -22.09
C SER A 289 -10.89 12.60 -21.46
N SER A 290 -9.84 11.82 -21.24
CA SER A 290 -9.94 10.59 -20.49
C SER A 290 -10.67 10.85 -19.18
N VAL A 291 -10.37 11.99 -18.54
CA VAL A 291 -10.80 12.24 -17.16
C VAL A 291 -12.27 12.63 -17.02
N LYS A 292 -12.82 13.29 -18.03
CA LYS A 292 -14.25 13.56 -18.08
C LYS A 292 -15.02 12.42 -18.73
N ASN A 293 -14.29 11.45 -19.25
CA ASN A 293 -14.89 10.28 -19.87
C ASN A 293 -14.21 9.03 -19.36
N PRO A 294 -14.10 8.91 -18.03
CA PRO A 294 -13.36 7.85 -17.33
C PRO A 294 -13.93 6.48 -17.63
N ALA A 295 -15.25 6.37 -17.57
CA ALA A 295 -15.91 5.11 -17.81
C ALA A 295 -15.73 4.76 -19.27
N PHE A 296 -15.89 5.76 -20.14
CA PHE A 296 -15.79 5.47 -21.55
C PHE A 296 -14.37 5.11 -21.87
N HIS A 297 -13.46 5.77 -21.22
CA HIS A 297 -12.09 5.53 -21.57
C HIS A 297 -11.74 4.12 -21.18
N PHE A 298 -12.15 3.72 -19.99
CA PHE A 298 -11.79 2.42 -19.45
C PHE A 298 -12.32 1.33 -20.37
N TRP A 299 -13.63 1.29 -20.46
CA TRP A 299 -14.35 0.33 -21.28
C TRP A 299 -13.69 0.19 -22.64
N GLY A 300 -13.73 1.25 -23.44
CA GLY A 300 -13.17 1.25 -24.78
C GLY A 300 -11.79 0.65 -24.88
N GLN A 301 -10.93 0.94 -23.92
CA GLN A 301 -9.59 0.40 -23.97
C GLN A 301 -9.57 -1.05 -23.52
N LEU A 302 -10.04 -1.32 -22.32
CA LEU A 302 -10.19 -2.68 -21.85
C LEU A 302 -10.70 -3.56 -22.98
N THR A 303 -11.76 -3.12 -23.63
CA THR A 303 -12.33 -3.87 -24.73
C THR A 303 -11.28 -4.06 -25.81
N ALA A 304 -10.80 -2.96 -26.36
CA ALA A 304 -9.78 -3.02 -27.39
C ALA A 304 -8.65 -3.94 -26.95
N LEU A 305 -8.22 -3.83 -25.69
CA LEU A 305 -7.14 -4.68 -25.20
C LEU A 305 -7.46 -6.13 -25.45
N LEU A 306 -8.57 -6.55 -24.90
CA LEU A 306 -9.09 -7.89 -25.12
C LEU A 306 -9.07 -8.27 -26.61
N LEU A 307 -9.41 -7.33 -27.48
CA LEU A 307 -9.41 -7.57 -28.92
C LEU A 307 -8.02 -7.41 -29.52
N ARG A 308 -7.01 -7.67 -28.69
CA ARG A 308 -5.64 -7.69 -29.14
C ARG A 308 -4.93 -6.34 -29.36
N SER A 309 -5.58 -5.25 -28.99
CA SER A 309 -4.99 -3.93 -29.16
C SER A 309 -3.64 -3.82 -28.50
N THR A 310 -2.68 -3.25 -29.21
CA THR A 310 -1.35 -3.10 -28.65
C THR A 310 -1.36 -1.87 -27.76
N ARG A 311 -1.96 -0.78 -28.26
CA ARG A 311 -2.15 0.47 -27.52
C ARG A 311 -2.74 0.26 -26.11
N ALA A 312 -3.97 -0.25 -26.05
CA ALA A 312 -4.71 -0.39 -24.80
C ALA A 312 -3.91 -1.00 -23.65
N ARG A 313 -3.09 -2.00 -23.97
CA ARG A 313 -2.12 -2.53 -23.03
C ARG A 313 -1.69 -1.52 -21.95
N ASN A 314 -1.42 -0.30 -22.39
CA ASN A 314 -0.82 0.71 -21.52
C ASN A 314 -1.68 1.93 -21.15
N ALA A 315 -2.98 1.82 -21.39
CA ALA A 315 -3.90 2.91 -21.09
C ALA A 315 -4.08 2.90 -19.60
N ARG A 316 -4.17 4.07 -18.96
CA ARG A 316 -4.33 4.13 -17.51
C ARG A 316 -5.72 3.65 -17.05
N GLN A 317 -5.80 3.10 -15.85
CA GLN A 317 -7.06 2.59 -15.34
C GLN A 317 -7.64 3.73 -14.54
N PRO A 318 -8.61 4.46 -15.13
CA PRO A 318 -9.21 5.61 -14.48
C PRO A 318 -9.78 5.22 -13.13
N ASP A 319 -9.78 6.14 -12.17
CA ASP A 319 -10.31 5.85 -10.85
C ASP A 319 -11.78 6.28 -10.71
N ASP A 320 -12.40 5.84 -9.61
CA ASP A 320 -13.76 6.23 -9.28
C ASP A 320 -14.74 5.97 -10.43
N ILE A 321 -14.58 4.83 -11.09
CA ILE A 321 -15.57 4.38 -12.04
C ILE A 321 -16.05 3.00 -11.61
N GLU A 322 -17.17 2.54 -12.13
CA GLU A 322 -17.61 1.22 -11.71
C GLU A 322 -16.85 0.16 -12.49
N TYR A 323 -15.86 -0.45 -11.85
CA TYR A 323 -14.94 -1.32 -12.59
C TYR A 323 -15.58 -2.63 -12.98
N THR A 324 -16.54 -3.06 -12.18
CA THR A 324 -17.05 -4.42 -12.28
C THR A 324 -18.33 -4.55 -13.11
N SER A 325 -18.57 -3.54 -13.94
CA SER A 325 -19.70 -3.52 -14.87
C SER A 325 -19.14 -2.99 -16.15
N LEU A 326 -18.08 -2.22 -16.03
CA LEU A 326 -17.38 -1.72 -17.18
C LEU A 326 -16.62 -2.89 -17.78
N THR A 327 -16.01 -3.70 -16.91
CA THR A 327 -15.24 -4.85 -17.37
C THR A 327 -16.18 -5.87 -17.95
N THR A 328 -17.28 -6.13 -17.24
CA THR A 328 -18.24 -7.10 -17.75
C THR A 328 -18.64 -6.67 -19.17
N ALA A 329 -19.10 -5.42 -19.32
CA ALA A 329 -19.59 -4.94 -20.61
C ALA A 329 -18.48 -4.86 -21.65
N GLY A 330 -17.25 -4.97 -21.18
CA GLY A 330 -16.09 -4.83 -22.03
C GLY A 330 -15.83 -6.22 -22.53
N LEU A 331 -15.57 -7.12 -21.58
CA LEU A 331 -15.50 -8.56 -21.84
C LEU A 331 -16.55 -9.01 -22.85
N LEU A 332 -17.76 -8.52 -22.69
CA LEU A 332 -18.83 -9.03 -23.52
C LEU A 332 -18.63 -8.58 -24.94
N TYR A 333 -18.41 -7.29 -25.09
CA TYR A 333 -18.18 -6.69 -26.39
C TYR A 333 -16.94 -7.33 -27.01
N ALA A 334 -15.91 -7.51 -26.20
CA ALA A 334 -14.69 -8.11 -26.68
C ALA A 334 -15.03 -9.48 -27.17
N TYR A 335 -15.67 -10.26 -26.31
CA TYR A 335 -16.07 -11.62 -26.66
C TYR A 335 -16.86 -11.64 -27.96
N ALA A 336 -18.02 -10.98 -27.98
CA ALA A 336 -18.76 -10.81 -29.22
C ALA A 336 -17.82 -10.65 -30.42
N VAL A 337 -17.24 -9.46 -30.57
CA VAL A 337 -16.33 -9.17 -31.66
C VAL A 337 -15.26 -10.25 -31.85
N GLY A 338 -14.82 -10.83 -30.75
CA GLY A 338 -13.64 -11.66 -30.79
C GLY A 338 -13.99 -12.98 -31.41
N SER A 339 -14.72 -13.76 -30.61
CA SER A 339 -15.16 -15.10 -30.95
C SER A 339 -15.74 -15.15 -32.36
N SER A 340 -16.80 -14.39 -32.58
CA SER A 340 -17.45 -14.38 -33.89
C SER A 340 -16.79 -13.38 -34.85
N ALA A 341 -15.81 -13.86 -35.61
CA ALA A 341 -15.04 -13.03 -36.53
C ALA A 341 -15.91 -12.31 -37.56
N ASP A 342 -15.28 -11.84 -38.63
CA ASP A 342 -15.97 -11.11 -39.69
C ASP A 342 -15.59 -11.63 -41.08
N LEU A 343 -15.53 -12.94 -41.20
CA LEU A 343 -15.19 -13.61 -42.45
C LEU A 343 -16.28 -13.56 -43.48
N ALA A 344 -15.90 -13.31 -44.72
CA ALA A 344 -16.82 -13.24 -45.83
C ALA A 344 -16.02 -13.16 -47.10
N GLN A 345 -16.26 -14.09 -48.01
CA GLN A 345 -15.59 -14.08 -49.29
C GLN A 345 -15.68 -12.68 -49.87
N GLN A 346 -14.55 -12.19 -50.40
CA GLN A 346 -14.55 -10.86 -50.97
C GLN A 346 -14.41 -10.89 -52.49
N PHE A 347 -13.61 -11.84 -52.99
CA PHE A 347 -13.42 -11.97 -54.44
C PHE A 347 -13.81 -13.37 -54.94
N CYS A 348 -13.78 -13.59 -56.26
CA CYS A 348 -14.24 -14.87 -56.78
C CYS A 348 -13.98 -15.07 -58.27
N VAL A 349 -14.73 -16.02 -58.85
CA VAL A 349 -14.75 -16.21 -60.30
C VAL A 349 -16.10 -16.81 -60.75
N GLY A 350 -17.20 -16.11 -60.44
CA GLY A 350 -18.53 -16.65 -60.66
C GLY A 350 -19.03 -17.62 -59.57
N ASP A 351 -18.13 -17.94 -58.62
CA ASP A 351 -18.42 -18.89 -57.54
C ASP A 351 -18.08 -18.30 -56.17
N ASN A 352 -19.09 -18.17 -55.32
CA ASN A 352 -18.94 -17.52 -54.01
C ASN A 352 -19.77 -18.20 -52.90
N LYS A 353 -19.48 -17.92 -51.64
CA LYS A 353 -20.24 -18.57 -50.58
C LYS A 353 -21.61 -17.96 -50.26
N TYR A 354 -22.62 -18.36 -51.01
CA TYR A 354 -24.00 -18.16 -50.58
C TYR A 354 -24.08 -18.87 -49.23
N THR A 355 -24.30 -18.09 -48.18
CA THR A 355 -24.15 -18.59 -46.81
C THR A 355 -25.40 -19.18 -46.14
N PRO A 356 -26.58 -18.69 -46.53
CA PRO A 356 -27.84 -19.22 -45.99
C PRO A 356 -28.10 -20.65 -46.44
N ASP A 357 -27.40 -21.60 -45.83
CA ASP A 357 -27.80 -23.00 -45.89
C ASP A 357 -28.70 -23.37 -44.72
N ASP A 358 -30.01 -23.39 -44.97
CA ASP A 358 -30.93 -24.17 -44.17
C ASP A 358 -30.44 -24.31 -42.73
N SER A 359 -30.20 -23.17 -42.10
CA SER A 359 -29.43 -23.13 -40.85
C SER A 359 -30.17 -23.88 -39.74
N THR A 360 -30.40 -25.16 -39.94
CA THR A 360 -30.84 -26.06 -38.86
C THR A 360 -29.66 -26.93 -38.44
N GLY A 361 -29.40 -27.02 -37.14
CA GLY A 361 -28.23 -27.72 -36.66
C GLY A 361 -28.43 -28.60 -35.43
N GLY A 362 -27.36 -28.75 -34.65
CA GLY A 362 -27.35 -29.62 -33.49
C GLY A 362 -27.11 -28.93 -32.16
N LEU A 363 -26.16 -28.00 -32.12
CA LEU A 363 -25.87 -27.20 -30.91
C LEU A 363 -27.10 -26.34 -30.58
N THR A 364 -28.23 -27.03 -30.45
CA THR A 364 -29.58 -26.45 -30.46
C THR A 364 -29.85 -25.44 -29.37
N THR A 365 -28.80 -24.87 -28.79
CA THR A 365 -28.99 -24.24 -27.49
C THR A 365 -27.76 -23.53 -26.90
N ASN A 366 -28.00 -22.29 -26.49
CA ASN A 366 -27.04 -21.50 -25.71
C ASN A 366 -25.69 -21.18 -26.36
N ALA A 367 -25.46 -21.69 -27.57
CA ALA A 367 -24.26 -21.32 -28.31
C ALA A 367 -24.34 -19.82 -28.58
N PRO A 368 -23.23 -19.10 -28.31
CA PRO A 368 -23.15 -17.64 -28.47
C PRO A 368 -23.65 -17.17 -29.83
N PRO A 369 -24.15 -15.92 -29.90
CA PRO A 369 -24.84 -15.33 -31.05
C PRO A 369 -24.00 -15.18 -32.31
N GLN A 370 -24.69 -15.26 -33.43
CA GLN A 370 -24.09 -15.39 -34.75
C GLN A 370 -23.15 -14.22 -35.05
N GLY A 371 -23.67 -13.01 -34.88
CA GLY A 371 -22.92 -11.84 -35.29
C GLY A 371 -22.49 -10.94 -34.15
N ARG A 372 -22.73 -9.65 -34.32
CA ARG A 372 -22.33 -8.68 -33.31
C ARG A 372 -23.43 -7.69 -33.02
N ASP A 373 -24.67 -8.16 -33.00
CA ASP A 373 -25.73 -7.27 -32.60
C ASP A 373 -25.81 -7.24 -31.11
N VAL A 374 -25.76 -6.02 -30.58
CA VAL A 374 -25.84 -5.76 -29.15
C VAL A 374 -26.99 -6.55 -28.51
N VAL A 375 -28.17 -6.44 -29.12
CA VAL A 375 -29.38 -7.05 -28.59
C VAL A 375 -29.32 -8.57 -28.66
N GLU A 376 -28.80 -9.09 -29.77
CA GLU A 376 -28.54 -10.52 -29.85
C GLU A 376 -27.66 -10.93 -28.66
N TRP A 377 -26.64 -10.14 -28.38
CA TRP A 377 -25.72 -10.51 -27.32
C TRP A 377 -26.27 -10.23 -25.94
N LEU A 378 -26.84 -9.06 -25.75
CA LEU A 378 -27.52 -8.77 -24.49
C LEU A 378 -28.50 -9.89 -24.12
N GLY A 379 -29.36 -10.24 -25.08
CA GLY A 379 -30.27 -11.35 -24.91
C GLY A 379 -29.48 -12.55 -24.43
N TRP A 380 -28.54 -12.98 -25.26
CA TRP A 380 -27.70 -14.13 -24.92
C TRP A 380 -27.12 -14.02 -23.51
N PHE A 381 -26.72 -12.81 -23.12
CA PHE A 381 -26.10 -12.63 -21.82
C PHE A 381 -27.14 -12.80 -20.70
N GLU A 382 -28.27 -12.11 -20.83
CA GLU A 382 -29.38 -12.32 -19.91
C GLU A 382 -29.68 -13.80 -19.83
N ASP A 383 -29.55 -14.48 -20.98
CA ASP A 383 -29.78 -15.93 -21.08
C ASP A 383 -28.71 -16.65 -20.27
N GLN A 384 -27.64 -15.94 -19.95
CA GLN A 384 -26.54 -16.56 -19.24
C GLN A 384 -26.57 -16.20 -17.76
N ASN A 385 -27.76 -15.86 -17.28
CA ASN A 385 -27.93 -15.47 -15.87
C ASN A 385 -27.08 -14.24 -15.53
N ARG A 386 -26.68 -13.51 -16.59
CA ARG A 386 -26.07 -12.21 -16.47
C ARG A 386 -24.69 -12.27 -15.79
N LYS A 387 -23.97 -13.36 -16.07
CA LYS A 387 -22.68 -13.65 -15.45
C LYS A 387 -21.80 -14.29 -16.52
N PRO A 388 -20.64 -13.67 -16.80
CA PRO A 388 -19.80 -14.05 -17.94
C PRO A 388 -19.35 -15.52 -17.93
N THR A 389 -19.49 -16.15 -19.10
CA THR A 389 -19.27 -17.57 -19.25
C THR A 389 -17.81 -17.98 -19.26
N PRO A 390 -17.52 -19.18 -18.74
CA PRO A 390 -16.31 -19.96 -18.95
C PRO A 390 -15.56 -19.68 -20.25
N ASP A 391 -16.11 -19.91 -21.45
CA ASP A 391 -15.29 -19.64 -22.64
C ASP A 391 -14.91 -18.16 -22.69
N MET A 392 -15.88 -17.28 -22.53
CA MET A 392 -15.56 -15.87 -22.62
C MET A 392 -14.51 -15.44 -21.58
N MET A 393 -14.64 -15.91 -20.35
CA MET A 393 -13.57 -15.69 -19.38
C MET A 393 -12.26 -16.43 -19.76
N GLN A 394 -12.37 -17.52 -20.52
CA GLN A 394 -11.19 -18.15 -21.05
C GLN A 394 -10.63 -17.25 -22.14
N TYR A 395 -11.53 -16.67 -22.94
CA TYR A 395 -11.14 -15.81 -24.06
C TYR A 395 -10.38 -14.65 -23.52
N ALA A 396 -10.86 -14.16 -22.38
CA ALA A 396 -10.26 -13.06 -21.64
C ALA A 396 -8.88 -13.44 -21.10
N LYS A 397 -8.80 -14.59 -20.43
CA LYS A 397 -7.53 -15.11 -19.96
C LYS A 397 -6.54 -15.46 -21.10
N ARG A 398 -7.05 -15.77 -22.30
CA ARG A 398 -6.15 -15.95 -23.44
C ARG A 398 -5.68 -14.58 -23.94
N ALA A 399 -6.56 -13.59 -23.87
CA ALA A 399 -6.19 -12.24 -24.30
C ALA A 399 -5.07 -11.67 -23.46
N VAL A 400 -5.08 -11.97 -22.16
CA VAL A 400 -4.19 -11.25 -21.22
C VAL A 400 -3.01 -12.05 -20.67
N MET A 401 -3.16 -13.35 -20.45
CA MET A 401 -1.97 -14.13 -20.14
C MET A 401 -1.04 -13.86 -21.29
N SER A 402 0.24 -14.14 -21.10
CA SER A 402 1.23 -13.94 -22.17
C SER A 402 1.57 -12.46 -22.41
N LEU A 403 0.63 -11.55 -22.13
CA LEU A 403 1.00 -10.14 -21.95
C LEU A 403 2.06 -10.03 -20.87
N GLN A 404 3.18 -9.43 -21.20
CA GLN A 404 4.16 -9.13 -20.15
C GLN A 404 4.49 -7.64 -20.15
N GLY A 405 5.36 -7.24 -19.23
CA GLY A 405 5.80 -5.85 -19.12
C GLY A 405 4.64 -4.89 -18.96
N LEU A 406 3.70 -5.23 -18.08
CA LEU A 406 2.54 -4.37 -17.86
C LEU A 406 2.83 -3.35 -16.79
N ARG A 407 2.45 -2.09 -17.07
CA ARG A 407 2.74 -0.99 -16.14
C ARG A 407 1.63 -0.90 -15.13
N GLU A 408 1.95 -0.49 -13.91
CA GLU A 408 0.93 -0.49 -12.86
C GLU A 408 -0.10 0.58 -13.15
N LYS A 409 -1.29 0.38 -12.61
CA LYS A 409 -2.41 1.27 -12.90
C LYS A 409 -2.74 1.45 -14.39
N THR A 410 -2.31 0.55 -15.26
CA THR A 410 -2.88 0.56 -16.61
C THR A 410 -4.00 -0.48 -16.77
N ILE A 411 -4.89 -0.26 -17.73
CA ILE A 411 -5.97 -1.21 -18.02
C ILE A 411 -5.34 -2.55 -18.40
N GLY A 412 -4.12 -2.49 -18.93
CA GLY A 412 -3.36 -3.70 -19.16
C GLY A 412 -3.17 -4.47 -17.86
N LYS A 413 -2.46 -3.87 -16.91
CA LYS A 413 -2.21 -4.54 -15.65
C LYS A 413 -3.52 -4.94 -14.98
N TYR A 414 -4.56 -4.20 -15.28
CA TYR A 414 -5.83 -4.50 -14.67
C TYR A 414 -6.37 -5.79 -15.23
N ALA A 415 -6.56 -5.80 -16.54
CA ALA A 415 -7.09 -6.95 -17.24
C ALA A 415 -6.34 -8.24 -16.89
N LYS A 416 -5.01 -8.20 -16.87
CA LYS A 416 -4.23 -9.41 -16.63
C LYS A 416 -4.52 -9.96 -15.25
N SER A 417 -4.79 -9.06 -14.31
CA SER A 417 -5.08 -9.45 -12.95
C SER A 417 -6.51 -9.91 -12.84
N GLU A 418 -7.39 -9.23 -13.56
CA GLU A 418 -8.79 -9.59 -13.56
C GLU A 418 -8.99 -10.98 -14.21
N PHE A 419 -8.16 -11.30 -15.20
CA PHE A 419 -8.40 -12.48 -16.02
C PHE A 419 -7.38 -13.64 -15.93
N ASP A 420 -6.07 -13.35 -15.92
CA ASP A 420 -5.07 -14.44 -15.86
C ASP A 420 -4.89 -14.92 -14.44
N LYS A 421 -5.41 -16.10 -14.18
CA LYS A 421 -5.14 -16.85 -12.96
C LYS A 421 -5.82 -18.23 -13.01
N SER B 1 -31.22 -7.83 29.07
CA SER B 1 -29.78 -7.74 29.34
C SER B 1 -29.37 -6.40 30.00
N VAL B 2 -30.32 -5.63 30.52
CA VAL B 2 -29.96 -4.40 31.25
C VAL B 2 -29.29 -4.82 32.55
N THR B 3 -29.67 -6.00 33.03
CA THR B 3 -29.32 -6.45 34.38
C THR B 3 -28.75 -7.89 34.46
N VAL B 4 -27.43 -8.00 34.56
CA VAL B 4 -26.71 -9.28 34.59
C VAL B 4 -26.50 -9.80 36.01
N LYS B 5 -26.51 -11.11 36.19
CA LYS B 5 -26.23 -11.69 37.49
C LYS B 5 -25.43 -12.96 37.33
N ARG B 6 -24.56 -13.24 38.30
CA ARG B 6 -23.79 -14.49 38.32
C ARG B 6 -24.77 -15.59 38.65
N ILE B 7 -24.65 -16.75 38.04
CA ILE B 7 -25.47 -17.87 38.49
C ILE B 7 -25.39 -18.81 39.71
N ILE B 8 -24.23 -19.35 40.04
CA ILE B 8 -24.07 -20.23 41.23
C ILE B 8 -24.45 -19.57 42.58
N ASP B 9 -23.86 -18.42 42.90
CA ASP B 9 -24.21 -17.71 44.13
C ASP B 9 -25.33 -16.69 43.89
N ASN B 10 -25.63 -16.45 42.63
CA ASN B 10 -26.77 -15.62 42.23
C ASN B 10 -26.73 -14.20 42.73
N THR B 11 -25.55 -13.60 42.67
CA THR B 11 -25.35 -12.19 42.96
C THR B 11 -25.33 -11.38 41.66
N VAL B 12 -25.72 -10.11 41.74
CA VAL B 12 -25.67 -9.25 40.56
C VAL B 12 -24.24 -8.91 40.25
N ILE B 13 -24.03 -8.36 39.07
CA ILE B 13 -22.78 -7.76 38.69
C ILE B 13 -23.20 -6.69 37.69
N VAL B 14 -22.55 -5.52 37.71
CA VAL B 14 -22.83 -4.52 36.68
C VAL B 14 -21.63 -4.41 35.78
N PRO B 15 -21.65 -5.11 34.64
CA PRO B 15 -20.60 -4.88 33.67
C PRO B 15 -20.67 -3.44 33.19
N LYS B 16 -19.63 -2.70 33.56
CA LYS B 16 -19.46 -1.32 33.18
C LYS B 16 -18.05 -1.28 32.63
N LEU B 17 -17.75 -0.28 31.81
CA LEU B 17 -16.39 -0.17 31.30
C LEU B 17 -16.03 1.27 30.99
N PRO B 18 -14.74 1.62 31.12
CA PRO B 18 -14.20 2.98 30.94
C PRO B 18 -14.95 3.74 29.87
N ALA B 19 -15.50 4.90 30.21
CA ALA B 19 -16.23 5.69 29.23
C ALA B 19 -15.30 6.16 28.11
N ASN B 20 -15.87 6.87 27.14
CA ASN B 20 -15.16 7.22 25.92
C ASN B 20 -15.76 8.48 25.27
N GLU B 21 -15.52 9.63 25.88
CA GLU B 21 -16.17 10.88 25.46
C GLU B 21 -15.81 11.37 24.06
N ASP B 22 -14.98 12.41 24.01
CA ASP B 22 -14.91 13.32 22.87
C ASP B 22 -16.01 13.13 21.81
N PRO B 23 -17.14 13.81 22.01
CA PRO B 23 -18.17 13.96 21.00
C PRO B 23 -17.59 14.56 19.73
N VAL B 24 -18.33 14.50 18.64
CA VAL B 24 -17.94 15.17 17.43
C VAL B 24 -18.38 16.62 17.52
N GLU B 25 -17.96 17.43 16.54
CA GLU B 25 -18.34 18.83 16.51
C GLU B 25 -18.59 19.26 15.08
N TYR B 26 -19.82 19.69 14.80
CA TYR B 26 -20.22 20.01 13.44
C TYR B 26 -19.95 21.47 13.09
N PRO B 27 -19.70 21.76 11.80
CA PRO B 27 -19.49 23.13 11.36
C PRO B 27 -20.64 24.04 11.78
N ALA B 28 -21.80 23.82 11.17
CA ALA B 28 -23.00 24.56 11.48
C ALA B 28 -23.12 24.85 12.96
N ASP B 29 -23.26 23.79 13.77
CA ASP B 29 -23.55 23.90 15.19
C ASP B 29 -22.37 24.64 15.90
N TYR B 30 -21.66 25.49 15.14
CA TYR B 30 -20.61 26.38 15.66
C TYR B 30 -20.83 27.83 15.28
N PHE B 31 -21.48 28.05 14.12
CA PHE B 31 -21.96 29.37 13.74
C PHE B 31 -23.22 29.70 14.51
N ARG B 32 -23.55 28.84 15.47
CA ARG B 32 -24.60 29.14 16.41
C ARG B 32 -23.95 29.78 17.64
N LYS B 33 -22.63 29.98 17.56
CA LYS B 33 -21.88 30.71 18.57
C LYS B 33 -21.39 32.04 17.98
N SER B 34 -20.56 31.92 16.95
CA SER B 34 -19.94 33.07 16.31
C SER B 34 -20.35 33.16 14.85
N LYS B 35 -20.27 34.35 14.28
CA LYS B 35 -20.56 34.53 12.86
C LYS B 35 -19.32 34.92 12.04
N GLU B 36 -18.13 34.66 12.57
CA GLU B 36 -16.86 35.09 11.95
C GLU B 36 -15.76 34.10 12.21
N ILE B 37 -14.89 33.88 11.23
CA ILE B 37 -13.77 32.96 11.41
C ILE B 37 -12.48 33.74 11.68
N PRO B 38 -12.23 34.11 12.95
CA PRO B 38 -11.21 35.08 13.36
C PRO B 38 -9.79 34.68 13.01
N LEU B 39 -9.17 35.38 12.08
CA LEU B 39 -7.80 35.08 11.69
C LEU B 39 -6.85 36.07 12.33
N TYR B 40 -6.42 35.78 13.55
CA TYR B 40 -5.45 36.65 14.22
C TYR B 40 -4.15 36.67 13.43
N ILE B 41 -3.89 37.78 12.77
CA ILE B 41 -2.56 38.09 12.26
C ILE B 41 -2.07 39.44 12.76
N ASN B 42 -0.83 39.47 13.27
CA ASN B 42 -0.42 40.49 14.21
C ASN B 42 0.30 41.65 13.53
N THR B 43 1.49 41.37 12.99
CA THR B 43 2.37 42.43 12.53
C THR B 43 1.77 42.72 11.15
N THR B 44 0.74 43.56 11.12
CA THR B 44 0.36 44.27 9.91
C THR B 44 1.40 45.31 9.53
N LYS B 45 2.68 44.92 9.62
CA LYS B 45 3.77 45.81 9.26
C LYS B 45 4.41 45.39 7.94
N SER B 46 5.43 46.15 7.51
CA SER B 46 5.92 46.06 6.14
C SER B 46 5.80 44.63 5.61
N LEU B 47 5.46 44.52 4.32
CA LEU B 47 5.58 43.26 3.61
C LEU B 47 6.95 43.07 2.99
N SER B 48 7.42 44.05 2.22
CA SER B 48 8.78 44.00 1.70
C SER B 48 9.65 43.41 2.81
N ASP B 49 9.45 43.93 4.01
CA ASP B 49 10.12 43.45 5.21
C ASP B 49 9.87 41.98 5.49
N LEU B 50 8.61 41.64 5.77
CA LEU B 50 8.21 40.28 6.12
C LEU B 50 8.67 39.25 5.09
N ARG B 51 8.58 39.58 3.81
CA ARG B 51 9.10 38.73 2.75
C ARG B 51 10.52 38.31 3.08
N GLY B 52 11.29 39.21 3.68
CA GLY B 52 12.65 38.91 4.10
C GLY B 52 12.74 38.09 5.38
N TYR B 53 11.92 38.42 6.36
CA TYR B 53 11.95 37.73 7.64
C TYR B 53 11.77 36.24 7.43
N VAL B 54 11.11 35.88 6.33
CA VAL B 54 10.81 34.47 6.00
C VAL B 54 11.78 33.80 5.02
N TYR B 55 12.22 34.50 3.98
CA TYR B 55 13.21 33.93 3.07
C TYR B 55 14.45 33.52 3.87
N GLN B 56 14.97 34.45 4.69
CA GLN B 56 16.12 34.17 5.55
C GLN B 56 15.72 33.22 6.68
N GLY B 57 14.54 33.42 7.24
CA GLY B 57 14.09 32.63 8.38
C GLY B 57 14.01 31.16 8.03
N LEU B 58 13.78 30.89 6.76
CA LEU B 58 13.57 29.52 6.28
C LEU B 58 14.87 28.82 5.91
N LYS B 59 15.83 29.59 5.39
CA LYS B 59 17.13 29.04 5.05
C LYS B 59 17.87 28.71 6.36
N SER B 60 17.10 28.35 7.38
CA SER B 60 17.64 28.05 8.71
C SER B 60 16.51 27.55 9.59
N GLY B 61 16.86 26.78 10.62
CA GLY B 61 15.88 26.07 11.43
C GLY B 61 14.89 26.94 12.20
N ASN B 62 14.99 28.25 12.04
CA ASN B 62 14.14 29.13 12.82
C ASN B 62 13.46 30.24 12.04
N VAL B 63 12.17 30.03 11.75
CA VAL B 63 11.32 31.09 11.24
C VAL B 63 10.00 31.01 11.98
N SER B 64 9.57 32.13 12.54
CA SER B 64 8.38 32.13 13.38
C SER B 64 7.15 31.93 12.55
N ILE B 65 6.27 31.05 13.02
CA ILE B 65 5.00 30.87 12.36
C ILE B 65 4.31 32.23 12.27
N ILE B 66 4.29 32.97 13.37
CA ILE B 66 3.64 34.29 13.40
C ILE B 66 4.08 35.17 12.23
N HIS B 67 5.34 34.99 11.81
CA HIS B 67 5.88 35.73 10.67
C HIS B 67 5.33 35.22 9.34
N VAL B 68 5.44 33.92 9.10
CA VAL B 68 4.92 33.37 7.84
C VAL B 68 3.45 33.78 7.69
N ASN B 69 2.65 33.54 8.72
CA ASN B 69 1.28 34.02 8.79
C ASN B 69 1.15 35.40 8.18
N SER B 70 1.74 36.36 8.88
CA SER B 70 1.69 37.76 8.46
C SER B 70 2.25 37.93 7.06
N TYR B 71 3.27 37.17 6.69
CA TYR B 71 3.78 37.27 5.32
C TYR B 71 2.74 36.89 4.29
N LEU B 72 2.05 35.78 4.54
CA LEU B 72 1.00 35.34 3.66
C LEU B 72 -0.12 36.37 3.53
N TYR B 73 -0.61 36.90 4.66
CA TYR B 73 -1.59 37.97 4.59
C TYR B 73 -1.12 39.04 3.60
N GLY B 74 0.18 39.35 3.63
CA GLY B 74 0.74 40.39 2.80
C GLY B 74 0.74 40.04 1.33
N ALA B 75 1.20 38.83 1.01
CA ALA B 75 1.32 38.41 -0.37
C ALA B 75 -0.05 38.09 -0.96
N LEU B 76 -0.97 37.67 -0.10
CA LEU B 76 -2.28 37.20 -0.55
C LEU B 76 -3.38 38.23 -0.29
N LYS B 77 -3.20 39.42 -0.84
CA LYS B 77 -4.34 40.30 -1.00
C LYS B 77 -4.48 40.67 -2.47
N ASP B 78 -4.22 39.67 -3.31
CA ASP B 78 -4.78 39.62 -4.64
C ASP B 78 -6.29 39.70 -4.44
N ILE B 79 -6.77 40.92 -4.22
CA ILE B 79 -8.18 41.20 -4.00
C ILE B 79 -8.93 40.80 -5.29
N ARG B 80 -8.22 40.06 -6.15
CA ARG B 80 -8.74 39.54 -7.42
C ARG B 80 -9.78 38.47 -7.17
N GLY B 81 -10.71 38.32 -8.11
CA GLY B 81 -11.75 37.32 -7.99
C GLY B 81 -13.14 37.94 -7.99
N LYS B 82 -13.78 37.94 -9.16
CA LYS B 82 -15.13 38.51 -9.33
C LYS B 82 -16.19 37.44 -9.23
N LEU B 83 -16.88 37.38 -8.09
CA LEU B 83 -17.97 36.42 -7.91
C LEU B 83 -19.00 36.49 -9.02
N ASP B 84 -18.84 35.65 -10.03
CA ASP B 84 -19.79 35.58 -11.13
C ASP B 84 -21.20 35.27 -10.62
N LYS B 85 -21.25 34.48 -9.55
CA LYS B 85 -22.52 34.11 -8.91
C LYS B 85 -22.68 34.79 -7.55
N ASP B 86 -23.40 34.14 -6.66
CA ASP B 86 -23.55 34.59 -5.27
C ASP B 86 -22.52 33.84 -4.45
N TRP B 87 -22.61 33.96 -3.13
CA TRP B 87 -21.72 33.19 -2.25
C TRP B 87 -21.98 33.42 -0.76
N SER B 88 -22.64 32.45 -0.13
CA SER B 88 -22.89 32.49 1.30
C SER B 88 -22.57 31.13 1.90
N SER B 89 -22.77 31.00 3.21
CA SER B 89 -22.52 29.72 3.87
C SER B 89 -22.77 29.80 5.38
N PHE B 90 -23.76 29.06 5.86
CA PHE B 90 -24.06 28.98 7.28
C PHE B 90 -24.63 30.27 7.85
N GLY B 91 -25.03 31.17 6.95
CA GLY B 91 -25.55 32.45 7.37
C GLY B 91 -24.62 33.54 6.90
N ILE B 92 -23.33 33.24 6.94
CA ILE B 92 -22.26 34.15 6.52
C ILE B 92 -22.37 34.54 5.04
N ASN B 93 -22.66 35.82 4.75
CA ASN B 93 -22.53 36.33 3.39
C ASN B 93 -21.05 36.43 3.08
N ILE B 94 -20.68 36.29 1.81
CA ILE B 94 -19.28 36.46 1.44
C ILE B 94 -19.19 37.38 0.24
N GLY B 95 -20.26 37.43 -0.54
CA GLY B 95 -20.32 38.28 -1.70
C GLY B 95 -21.50 37.94 -2.59
N LYS B 96 -22.25 38.97 -2.98
CA LYS B 96 -23.40 38.79 -3.85
C LYS B 96 -23.03 39.20 -5.27
N ALA B 97 -24.04 39.35 -6.12
CA ALA B 97 -23.82 39.35 -7.56
C ALA B 97 -22.49 40.00 -7.92
N GLY B 98 -21.50 39.15 -8.23
CA GLY B 98 -20.34 39.59 -8.98
C GLY B 98 -19.39 40.43 -8.15
N ASP B 99 -19.90 40.97 -7.05
CA ASP B 99 -19.05 41.43 -5.96
C ASP B 99 -17.60 41.00 -6.17
N THR B 100 -16.67 41.96 -6.11
CA THR B 100 -15.24 41.63 -6.25
C THR B 100 -14.59 41.44 -4.87
N ILE B 101 -14.06 40.24 -4.63
CA ILE B 101 -13.54 39.90 -3.31
C ILE B 101 -12.22 39.10 -3.31
N GLY B 102 -11.53 39.12 -2.17
CA GLY B 102 -10.22 38.51 -2.05
C GLY B 102 -10.14 37.45 -0.96
N ILE B 103 -8.98 36.82 -0.85
CA ILE B 103 -8.83 35.61 -0.05
C ILE B 103 -9.23 35.76 1.41
N PHE B 104 -9.53 36.97 1.86
CA PHE B 104 -9.68 37.15 3.30
C PHE B 104 -10.98 37.79 3.75
N ASP B 105 -11.99 37.78 2.89
CA ASP B 105 -13.30 38.25 3.30
C ASP B 105 -13.90 37.20 4.24
N LEU B 106 -12.96 36.51 4.88
CA LEU B 106 -13.18 35.50 5.92
C LEU B 106 -12.47 35.99 7.22
N VAL B 107 -12.92 37.20 7.60
CA VAL B 107 -12.89 37.87 8.92
C VAL B 107 -11.58 38.00 9.73
N SER B 108 -10.74 38.95 9.32
CA SER B 108 -9.41 39.18 9.92
C SER B 108 -9.35 39.94 11.24
N LEU B 109 -8.46 39.53 12.13
CA LEU B 109 -8.22 40.26 13.36
C LEU B 109 -6.74 40.69 13.42
N LYS B 110 -6.19 40.73 14.64
CA LYS B 110 -4.78 41.08 14.87
C LYS B 110 -4.42 40.92 16.36
N ALA B 111 -3.26 40.31 16.65
CA ALA B 111 -3.04 39.82 18.03
C ALA B 111 -1.96 40.52 18.89
N LEU B 112 -0.97 39.74 19.31
CA LEU B 112 -0.09 40.09 20.43
C LEU B 112 1.18 40.91 20.08
N ASP B 113 2.24 40.73 20.86
CA ASP B 113 3.36 41.69 20.86
C ASP B 113 4.74 41.17 20.37
N GLY B 114 5.05 39.92 20.67
CA GLY B 114 6.37 39.37 20.37
C GLY B 114 6.63 39.06 18.90
N VAL B 115 7.75 39.57 18.39
CA VAL B 115 8.18 39.33 17.02
C VAL B 115 9.71 39.42 16.92
N LEU B 116 10.31 38.53 16.12
CA LEU B 116 11.77 38.31 16.17
C LEU B 116 12.67 39.40 15.51
N PRO B 117 13.18 39.18 14.27
CA PRO B 117 14.22 40.11 13.77
C PRO B 117 13.90 41.62 13.86
N ASP B 118 14.94 42.47 13.87
CA ASP B 118 14.74 43.91 13.88
C ASP B 118 14.36 44.38 12.47
N GLY B 119 14.23 45.70 12.32
CA GLY B 119 13.84 46.30 11.06
C GLY B 119 13.91 45.49 9.76
N VAL B 120 15.05 44.86 9.51
CA VAL B 120 15.36 44.34 8.19
C VAL B 120 16.31 43.14 8.28
N SER B 121 15.80 41.96 7.94
CA SER B 121 16.59 40.74 7.99
C SER B 121 17.57 40.57 6.84
N ASP B 122 17.18 41.03 5.66
CA ASP B 122 18.03 41.58 4.62
C ASP B 122 17.32 42.09 3.36
N ALA B 123 17.83 43.18 2.80
CA ALA B 123 17.15 43.85 1.69
C ALA B 123 17.07 42.99 0.43
N SER B 124 17.69 41.82 0.50
CA SER B 124 17.83 40.92 -0.64
C SER B 124 16.56 40.75 -1.48
N ARG B 125 15.48 40.33 -0.83
CA ARG B 125 14.31 39.81 -1.54
C ARG B 125 13.35 40.80 -2.21
N THR B 126 13.44 40.83 -3.54
CA THR B 126 12.52 41.51 -4.44
C THR B 126 11.14 40.85 -4.44
N SER B 127 10.20 41.40 -5.21
CA SER B 127 8.87 40.79 -5.33
C SER B 127 8.79 39.61 -6.30
N ALA B 128 9.89 38.87 -6.43
CA ALA B 128 9.82 37.45 -6.75
C ALA B 128 9.25 36.94 -5.44
N ASP B 129 7.96 37.21 -5.30
CA ASP B 129 7.32 37.32 -4.01
C ASP B 129 6.17 36.38 -4.02
N ASP B 130 4.96 36.96 -4.12
CA ASP B 130 3.72 36.22 -4.28
C ASP B 130 3.95 35.12 -5.31
N LYS B 131 4.63 35.49 -6.38
CA LYS B 131 4.94 34.59 -7.48
C LYS B 131 5.08 33.12 -7.05
N TRP B 132 5.73 32.90 -5.90
CA TRP B 132 6.02 31.54 -5.42
C TRP B 132 6.11 31.39 -3.91
N LEU B 133 6.99 32.16 -3.27
CA LEU B 133 7.18 32.12 -1.83
C LEU B 133 5.93 31.72 -1.04
N PRO B 134 4.77 32.32 -1.35
CA PRO B 134 3.59 31.88 -0.61
C PRO B 134 3.26 30.44 -0.97
N LEU B 135 3.18 30.15 -2.27
CA LEU B 135 3.02 28.78 -2.74
C LEU B 135 3.86 27.87 -1.88
N TYR B 136 5.16 28.06 -1.98
CA TYR B 136 6.11 27.26 -1.23
C TYR B 136 5.75 27.14 0.24
N LEU B 137 5.39 28.25 0.84
CA LEU B 137 5.07 28.26 2.26
C LEU B 137 3.84 27.41 2.55
N LEU B 138 2.76 27.66 1.81
CA LEU B 138 1.54 26.91 1.93
C LEU B 138 1.80 25.44 1.62
N GLY B 139 2.61 25.19 0.60
CA GLY B 139 2.98 23.83 0.23
C GLY B 139 3.64 23.03 1.35
N LEU B 140 4.17 23.72 2.34
CA LEU B 140 4.78 23.04 3.47
C LEU B 140 3.73 22.59 4.50
N TYR B 141 2.50 23.03 4.32
CA TYR B 141 1.44 22.52 5.16
C TYR B 141 1.28 21.05 4.79
N ARG B 142 1.20 20.84 3.48
CA ARG B 142 1.01 19.54 2.88
C ARG B 142 2.13 18.60 3.24
N VAL B 143 3.35 19.10 3.18
CA VAL B 143 4.50 18.26 3.39
C VAL B 143 4.56 17.90 4.86
N GLY B 144 4.22 18.85 5.72
CA GLY B 144 4.32 18.67 7.17
C GLY B 144 3.47 17.53 7.73
N ARG B 145 2.30 17.30 7.12
CA ARG B 145 1.36 16.29 7.57
C ARG B 145 1.82 14.84 7.37
N THR B 146 2.87 14.63 6.59
CA THR B 146 3.23 13.27 6.13
C THR B 146 4.38 12.62 6.90
N GLN B 147 4.80 11.42 6.46
CA GLN B 147 5.72 10.57 7.24
C GLN B 147 6.75 9.65 6.53
N MET B 148 6.50 9.21 5.30
CA MET B 148 7.41 8.28 4.59
C MET B 148 8.08 8.96 3.37
N PRO B 149 9.00 8.26 2.63
CA PRO B 149 9.62 8.86 1.44
C PRO B 149 8.64 9.62 0.55
N GLU B 150 7.37 9.71 0.97
CA GLU B 150 6.38 10.60 0.38
C GLU B 150 6.76 12.03 0.72
N TYR B 151 7.27 12.24 1.94
CA TYR B 151 7.75 13.57 2.33
C TYR B 151 8.68 14.08 1.25
N ARG B 152 9.70 13.31 0.90
CA ARG B 152 10.69 13.76 -0.10
C ARG B 152 10.08 13.72 -1.50
N LYS B 153 9.14 12.82 -1.71
CA LYS B 153 8.34 12.83 -2.93
C LYS B 153 7.58 14.14 -2.97
N LYS B 154 6.90 14.44 -1.87
CA LYS B 154 5.98 15.57 -1.81
C LYS B 154 6.74 16.89 -1.86
N LEU B 155 7.82 17.01 -1.12
CA LEU B 155 8.61 18.23 -1.21
C LEU B 155 9.19 18.33 -2.61
N MET B 156 9.85 17.26 -3.07
CA MET B 156 10.57 17.34 -4.34
C MET B 156 9.69 17.76 -5.52
N ASP B 157 8.38 17.66 -5.37
CA ASP B 157 7.50 18.11 -6.43
C ASP B 157 6.78 19.38 -5.98
N GLY B 158 6.51 19.45 -4.69
CA GLY B 158 5.93 20.65 -4.13
C GLY B 158 7.03 21.66 -4.09
N LEU B 159 8.05 21.42 -4.93
CA LEU B 159 9.20 22.28 -5.14
C LEU B 159 9.62 22.36 -6.61
N THR B 160 8.97 21.58 -7.49
CA THR B 160 9.08 21.92 -8.91
C THR B 160 7.86 22.72 -9.31
N ASN B 161 7.06 23.09 -8.32
CA ASN B 161 5.92 23.95 -8.59
C ASN B 161 6.27 25.41 -8.41
N GLN B 162 7.37 25.69 -7.72
CA GLN B 162 7.86 27.04 -7.65
C GLN B 162 8.90 27.21 -8.73
N CYS B 163 9.13 26.18 -9.53
CA CYS B 163 9.95 26.36 -10.71
C CYS B 163 9.05 26.67 -11.88
N LYS B 164 7.86 27.14 -11.57
CA LYS B 164 6.86 27.46 -12.58
C LYS B 164 6.89 28.94 -12.90
N MET B 165 7.51 29.29 -14.02
CA MET B 165 7.74 30.68 -14.40
C MET B 165 8.47 31.40 -13.28
N ILE B 166 9.34 30.66 -12.59
CA ILE B 166 10.12 31.22 -11.49
C ILE B 166 11.45 30.69 -12.01
N ASN B 167 12.32 30.26 -11.10
CA ASN B 167 13.30 29.22 -11.39
C ASN B 167 14.01 29.69 -10.14
N GLU B 168 14.99 28.89 -9.70
CA GLU B 168 15.16 28.63 -8.27
C GLU B 168 15.87 27.40 -7.69
N GLN B 169 16.20 27.46 -6.41
CA GLN B 169 16.42 26.26 -5.61
C GLN B 169 15.73 26.36 -4.25
N PHE B 170 15.96 25.36 -3.41
CA PHE B 170 14.87 24.62 -2.79
C PHE B 170 14.79 24.77 -1.27
N GLU B 171 15.64 25.63 -0.72
CA GLU B 171 15.67 25.86 0.72
C GLU B 171 16.14 24.76 1.67
N PRO B 172 15.28 24.39 2.62
CA PRO B 172 15.69 24.30 4.02
C PRO B 172 16.08 22.87 4.40
N LEU B 173 16.95 22.75 5.39
CA LEU B 173 17.98 21.71 5.37
C LEU B 173 17.47 20.27 5.60
N VAL B 174 17.13 19.97 6.85
CA VAL B 174 16.75 18.61 7.25
C VAL B 174 15.58 18.09 6.43
N PRO B 175 15.65 16.82 6.00
CA PRO B 175 14.54 16.18 5.28
C PRO B 175 13.18 16.34 6.00
N GLU B 176 12.95 15.51 7.01
CA GLU B 176 11.73 15.64 7.81
C GLU B 176 11.84 15.14 9.25
N GLY B 177 10.85 14.36 9.66
CA GLY B 177 10.70 13.88 11.02
C GLY B 177 9.40 14.38 11.61
N ARG B 178 8.53 14.87 10.74
CA ARG B 178 7.39 15.64 11.20
C ARG B 178 7.92 16.43 12.34
N ASP B 179 8.80 17.41 12.06
CA ASP B 179 9.35 18.36 13.05
C ASP B 179 9.85 19.76 12.63
N ILE B 180 10.37 19.91 11.41
CA ILE B 180 11.08 21.14 10.99
C ILE B 180 10.22 22.43 10.80
N PHE B 181 8.95 22.21 10.51
CA PHE B 181 7.95 23.22 10.18
C PHE B 181 6.62 22.46 10.18
N ASP B 182 6.68 21.21 10.64
CA ASP B 182 5.51 20.37 10.78
C ASP B 182 4.77 20.82 12.02
N VAL B 183 5.13 22.02 12.47
CA VAL B 183 4.54 22.60 13.66
C VAL B 183 3.58 23.67 13.23
N TRP B 184 3.80 24.20 12.03
CA TRP B 184 2.87 25.16 11.44
C TRP B 184 1.46 24.58 11.49
N GLY B 185 1.39 23.26 11.39
CA GLY B 185 0.14 22.55 11.49
C GLY B 185 -0.56 22.92 12.79
N ASN B 186 0.18 22.85 13.89
CA ASN B 186 -0.37 23.19 15.20
C ASN B 186 -0.82 24.66 15.33
N ASP B 187 -0.56 25.47 14.32
CA ASP B 187 -0.88 26.89 14.42
C ASP B 187 -2.27 27.27 13.94
N SER B 188 -3.14 27.52 14.90
CA SER B 188 -4.54 27.86 14.64
C SER B 188 -4.76 28.84 13.48
N ASN B 189 -3.88 29.83 13.33
CA ASN B 189 -4.05 30.87 12.32
C ASN B 189 -3.43 30.52 10.99
N TYR B 190 -2.38 29.71 11.04
CA TYR B 190 -1.76 29.21 9.82
C TYR B 190 -2.78 28.39 9.06
N THR B 191 -3.22 27.30 9.68
CA THR B 191 -4.28 26.45 9.13
C THR B 191 -5.41 27.30 8.53
N LYS B 192 -5.90 28.28 9.31
CA LYS B 192 -6.94 29.19 8.84
C LYS B 192 -6.55 29.89 7.54
N ILE B 193 -5.28 30.20 7.37
CA ILE B 193 -4.83 30.85 6.14
C ILE B 193 -4.88 29.90 4.96
N VAL B 194 -4.28 28.72 5.09
CA VAL B 194 -4.31 27.74 4.02
C VAL B 194 -5.74 27.35 3.73
N ALA B 195 -6.52 27.15 4.78
CA ALA B 195 -7.92 26.81 4.59
C ALA B 195 -8.60 27.86 3.70
N ALA B 196 -8.33 29.14 3.96
CA ALA B 196 -8.90 30.24 3.18
C ALA B 196 -8.34 30.28 1.75
N VAL B 197 -7.04 30.07 1.59
CA VAL B 197 -6.42 30.10 0.28
C VAL B 197 -7.02 29.07 -0.62
N ASP B 198 -7.31 27.91 -0.05
CA ASP B 198 -7.86 26.80 -0.81
C ASP B 198 -9.32 27.10 -1.13
N MET B 199 -10.10 27.32 -0.08
CA MET B 199 -11.52 27.64 -0.22
C MET B 199 -11.76 28.74 -1.23
N PHE B 200 -10.78 29.62 -1.39
CA PHE B 200 -10.88 30.72 -2.31
C PHE B 200 -10.58 30.28 -3.72
N PHE B 201 -9.39 29.73 -3.93
CA PHE B 201 -8.99 29.28 -5.25
C PHE B 201 -9.80 28.06 -5.67
N HIS B 202 -10.38 27.38 -4.69
CA HIS B 202 -11.33 26.33 -5.00
C HIS B 202 -12.51 26.92 -5.70
N MET B 203 -12.90 28.13 -5.29
CA MET B 203 -14.01 28.85 -5.93
C MET B 203 -13.59 29.50 -7.25
N PHE B 204 -12.46 30.21 -7.23
CA PHE B 204 -11.93 30.82 -8.44
C PHE B 204 -10.88 29.93 -9.08
N LYS B 205 -11.34 28.76 -9.52
CA LYS B 205 -10.46 27.68 -9.99
C LYS B 205 -9.55 28.13 -11.13
N LYS B 206 -9.99 29.15 -11.88
CA LYS B 206 -9.27 29.57 -13.08
C LYS B 206 -8.26 30.69 -12.85
N HIS B 207 -8.14 31.15 -11.61
CA HIS B 207 -7.25 32.26 -11.28
C HIS B 207 -5.78 31.98 -11.64
N GLU B 208 -5.04 33.03 -11.99
CA GLU B 208 -3.62 32.87 -12.32
C GLU B 208 -2.87 32.23 -11.16
N CYS B 209 -3.13 32.74 -9.96
CA CYS B 209 -2.41 32.30 -8.77
C CYS B 209 -3.05 31.07 -8.13
N ALA B 210 -4.05 30.51 -8.79
CA ALA B 210 -4.71 29.32 -8.26
C ALA B 210 -3.74 28.15 -8.17
N SER B 211 -2.57 28.30 -8.76
CA SER B 211 -1.55 27.26 -8.73
C SER B 211 -1.12 27.01 -7.31
N PHE B 212 -1.53 27.92 -6.42
CA PHE B 212 -1.16 27.91 -4.99
C PHE B 212 -1.80 26.80 -4.20
N ARG B 213 -2.86 26.23 -4.75
CA ARG B 213 -3.58 25.19 -4.05
C ARG B 213 -2.72 23.95 -3.90
N TYR B 214 -1.51 23.98 -4.45
CA TYR B 214 -0.72 22.77 -4.47
C TYR B 214 -0.61 22.14 -3.08
N GLY B 215 -0.30 22.94 -2.08
CA GLY B 215 -0.17 22.38 -0.74
C GLY B 215 -1.42 22.66 0.08
N THR B 216 -2.13 23.70 -0.32
CA THR B 216 -3.28 24.17 0.41
C THR B 216 -4.46 23.21 0.20
N ILE B 217 -4.26 22.21 -0.65
CA ILE B 217 -5.33 21.30 -1.05
C ILE B 217 -5.65 20.20 -0.03
N VAL B 218 -4.65 19.68 0.66
CA VAL B 218 -4.90 18.66 1.66
C VAL B 218 -5.65 19.22 2.85
N SER B 219 -6.11 20.46 2.73
CA SER B 219 -6.93 21.05 3.77
C SER B 219 -8.42 20.79 3.56
N ARG B 220 -8.83 20.68 2.30
CA ARG B 220 -10.23 20.44 1.95
C ARG B 220 -10.61 19.03 2.34
N PHE B 221 -11.61 18.94 3.21
CA PHE B 221 -11.99 17.68 3.82
C PHE B 221 -10.84 17.03 4.57
N LYS B 222 -10.06 17.85 5.29
CA LYS B 222 -9.08 17.31 6.21
C LYS B 222 -9.88 16.72 7.35
N ASP B 223 -9.61 15.46 7.67
CA ASP B 223 -10.29 14.72 8.72
C ASP B 223 -11.71 14.28 8.31
N CYS B 224 -11.96 14.19 7.00
CA CYS B 224 -13.26 13.73 6.49
C CYS B 224 -13.10 12.54 5.54
N ALA B 225 -12.39 11.53 6.00
CA ALA B 225 -12.05 10.38 5.17
C ALA B 225 -13.24 9.50 4.92
N ALA B 226 -14.06 9.28 5.95
CA ALA B 226 -15.19 8.40 5.84
C ALA B 226 -16.21 9.02 4.89
N LEU B 227 -16.34 10.34 4.98
CA LEU B 227 -17.21 11.10 4.11
C LEU B 227 -16.82 10.86 2.66
N ALA B 228 -15.53 10.73 2.46
CA ALA B 228 -15.00 10.67 1.11
C ALA B 228 -14.93 9.24 0.64
N THR B 229 -14.85 8.28 1.57
CA THR B 229 -14.87 6.87 1.18
C THR B 229 -16.31 6.45 0.97
N PHE B 230 -17.23 7.30 1.44
CA PHE B 230 -18.62 7.14 1.12
C PHE B 230 -18.76 7.43 -0.38
N GLY B 231 -18.38 8.63 -0.77
CA GLY B 231 -18.49 9.03 -2.16
C GLY B 231 -17.77 8.12 -3.14
N HIS B 232 -16.77 7.42 -2.64
CA HIS B 232 -15.92 6.55 -3.49
C HIS B 232 -16.59 5.22 -3.68
N LEU B 233 -17.11 4.68 -2.58
CA LEU B 233 -17.95 3.50 -2.59
C LEU B 233 -19.05 3.73 -3.62
N CYS B 234 -19.75 4.85 -3.53
CA CYS B 234 -20.84 5.14 -4.46
C CYS B 234 -20.32 5.06 -5.87
N LYS B 235 -19.26 5.80 -6.14
CA LYS B 235 -18.66 5.89 -7.48
C LYS B 235 -18.18 4.54 -8.01
N ILE B 236 -17.71 3.70 -7.10
CA ILE B 236 -17.08 2.42 -7.46
C ILE B 236 -18.11 1.29 -7.57
N THR B 237 -19.28 1.53 -6.99
CA THR B 237 -20.40 0.61 -7.15
C THR B 237 -21.38 1.23 -8.13
N GLY B 238 -20.96 2.33 -8.74
CA GLY B 238 -21.81 3.07 -9.66
C GLY B 238 -23.19 3.40 -9.09
N MET B 239 -23.52 2.81 -7.95
CA MET B 239 -24.77 3.04 -7.24
C MET B 239 -24.97 4.49 -6.73
N SER B 240 -26.22 4.79 -6.43
CA SER B 240 -26.62 6.12 -6.00
C SER B 240 -26.41 6.22 -4.53
N THR B 241 -26.21 7.45 -4.09
CA THR B 241 -25.85 7.71 -2.71
C THR B 241 -26.87 7.04 -1.78
N GLU B 242 -28.14 7.19 -2.13
CA GLU B 242 -29.20 6.60 -1.34
C GLU B 242 -29.23 5.06 -1.41
N ASP B 243 -28.94 4.49 -2.56
CA ASP B 243 -29.03 3.02 -2.71
C ASP B 243 -27.81 2.41 -2.00
N VAL B 244 -26.66 3.07 -2.11
CA VAL B 244 -25.50 2.67 -1.33
C VAL B 244 -25.83 2.66 0.15
N THR B 245 -26.57 3.69 0.57
CA THR B 245 -26.91 3.89 1.98
C THR B 245 -27.73 2.75 2.55
N THR B 246 -28.61 2.17 1.74
CA THR B 246 -29.49 1.10 2.21
C THR B 246 -28.67 -0.18 2.46
N TRP B 247 -27.56 -0.27 1.74
CA TRP B 247 -26.66 -1.40 1.83
C TRP B 247 -25.83 -1.45 3.11
N ILE B 248 -25.99 -0.43 3.95
CA ILE B 248 -25.39 -0.43 5.28
C ILE B 248 -26.14 -1.44 6.13
N LEU B 249 -25.38 -2.40 6.68
CA LEU B 249 -25.93 -3.60 7.29
C LEU B 249 -25.45 -3.85 8.73
N ASN B 250 -25.05 -2.79 9.43
CA ASN B 250 -24.58 -2.89 10.82
C ASN B 250 -24.97 -1.64 11.62
N ARG B 251 -25.61 -1.84 12.77
CA ARG B 251 -26.00 -0.71 13.63
C ARG B 251 -24.92 0.36 13.59
N GLU B 252 -23.71 0.00 13.98
CA GLU B 252 -22.68 1.03 14.19
C GLU B 252 -22.07 1.57 12.91
N VAL B 253 -22.44 1.00 11.76
CA VAL B 253 -22.10 1.63 10.49
C VAL B 253 -23.15 2.63 10.08
N ALA B 254 -24.42 2.30 10.35
CA ALA B 254 -25.54 3.19 10.09
C ALA B 254 -25.54 4.33 11.10
N ASP B 255 -25.13 4.05 12.33
CA ASP B 255 -25.05 5.07 13.36
C ASP B 255 -24.15 6.17 12.88
N GLU B 256 -23.05 5.77 12.26
CA GLU B 256 -22.02 6.68 11.78
C GLU B 256 -22.48 7.40 10.52
N MET B 257 -23.14 6.65 9.65
CA MET B 257 -23.71 7.23 8.45
C MET B 257 -24.67 8.32 8.87
N VAL B 258 -25.47 8.03 9.89
CA VAL B 258 -26.43 9.00 10.37
C VAL B 258 -25.71 10.21 10.90
N GLN B 259 -24.67 9.96 11.70
CA GLN B 259 -23.83 11.03 12.23
C GLN B 259 -23.19 11.89 11.13
N MET B 260 -22.71 11.24 10.06
CA MET B 260 -22.14 11.96 8.93
C MET B 260 -23.15 12.78 8.17
N MET B 261 -24.28 12.16 7.85
CA MET B 261 -25.28 12.76 6.97
C MET B 261 -26.12 13.83 7.65
N LEU B 262 -25.87 14.09 8.93
CA LEU B 262 -26.56 15.13 9.65
C LEU B 262 -26.71 16.38 8.79
N PRO B 263 -27.92 16.94 8.75
CA PRO B 263 -28.22 17.94 7.73
C PRO B 263 -27.80 19.32 8.12
N GLY B 264 -27.95 20.27 7.22
CA GLY B 264 -27.64 21.66 7.48
C GLY B 264 -26.18 21.80 7.88
N GLN B 265 -25.30 21.12 7.15
CA GLN B 265 -23.87 21.16 7.42
C GLN B 265 -23.10 21.45 6.14
N GLU B 266 -23.84 21.54 5.04
CA GLU B 266 -23.28 21.96 3.75
C GLU B 266 -22.26 20.99 3.15
N ILE B 267 -22.29 19.75 3.61
CA ILE B 267 -21.46 18.67 3.03
C ILE B 267 -21.45 18.81 1.52
N ASP B 268 -22.62 18.53 0.94
CA ASP B 268 -22.86 18.58 -0.51
C ASP B 268 -22.68 19.96 -1.18
N LYS B 269 -22.50 21.01 -0.38
CA LYS B 269 -22.55 22.37 -0.92
C LYS B 269 -21.35 22.70 -1.81
N ALA B 270 -21.64 23.43 -2.88
CA ALA B 270 -20.67 23.83 -3.88
C ALA B 270 -19.34 24.24 -3.25
N ASP B 271 -19.29 25.50 -2.81
CA ASP B 271 -18.13 26.08 -2.17
C ASP B 271 -18.56 26.52 -0.78
N SER B 272 -18.52 25.58 0.16
CA SER B 272 -18.89 25.85 1.55
C SER B 272 -17.65 25.91 2.45
N TYR B 273 -17.89 26.23 3.72
CA TYR B 273 -16.86 26.22 4.76
C TYR B 273 -16.61 24.81 5.27
N MET B 274 -17.64 23.98 5.20
CA MET B 274 -17.62 22.66 5.80
C MET B 274 -16.35 21.85 5.57
N PRO B 275 -15.87 21.79 4.32
CA PRO B 275 -14.68 20.98 4.01
C PRO B 275 -13.50 21.35 4.88
N TYR B 276 -13.54 22.57 5.43
CA TYR B 276 -12.44 23.12 6.21
C TYR B 276 -12.80 23.29 7.66
N LEU B 277 -13.88 22.62 8.07
CA LEU B 277 -14.31 22.64 9.46
C LEU B 277 -13.11 22.51 10.41
N ILE B 278 -12.15 21.67 10.04
CA ILE B 278 -11.01 21.37 10.92
C ILE B 278 -10.03 22.52 10.97
N ASP B 279 -9.58 22.98 9.80
CA ASP B 279 -8.56 24.02 9.70
C ASP B 279 -9.05 25.42 10.04
N PHE B 280 -10.32 25.68 9.75
CA PHE B 280 -10.90 26.92 10.19
C PHE B 280 -11.25 26.84 11.69
N GLY B 281 -10.98 25.71 12.32
CA GLY B 281 -11.31 25.50 13.71
C GLY B 281 -12.81 25.57 14.03
N LEU B 282 -13.64 25.35 13.01
CA LEU B 282 -15.07 25.28 13.20
C LEU B 282 -15.39 24.00 13.97
N SER B 283 -14.42 23.09 14.03
CA SER B 283 -14.59 21.79 14.68
C SER B 283 -13.24 21.29 15.19
N SER B 284 -13.25 20.55 16.29
CA SER B 284 -12.00 20.05 16.85
C SER B 284 -12.06 18.53 16.98
N LYS B 285 -13.07 17.97 16.32
CA LYS B 285 -13.28 16.55 16.27
C LYS B 285 -14.32 16.38 15.20
N SER B 286 -13.86 16.28 13.96
CA SER B 286 -14.73 16.20 12.79
C SER B 286 -15.51 14.91 12.78
N PRO B 287 -16.82 15.02 12.56
CA PRO B 287 -17.75 13.89 12.42
C PRO B 287 -17.65 13.13 11.10
N TYR B 288 -16.69 13.47 10.25
CA TYR B 288 -16.56 12.80 8.96
C TYR B 288 -15.28 11.98 8.92
N SER B 289 -14.59 11.93 10.05
CA SER B 289 -13.27 11.33 10.16
C SER B 289 -13.31 9.81 10.11
N SER B 290 -12.27 9.21 9.55
CA SER B 290 -12.14 7.76 9.61
C SER B 290 -12.36 7.30 11.05
N VAL B 291 -11.81 8.04 12.02
CA VAL B 291 -11.72 7.55 13.39
C VAL B 291 -13.05 7.59 14.15
N LYS B 292 -13.91 8.55 13.81
CA LYS B 292 -15.26 8.61 14.38
C LYS B 292 -16.25 7.77 13.54
N ASN B 293 -15.77 7.27 12.41
CA ASN B 293 -16.55 6.45 11.51
C ASN B 293 -15.74 5.22 11.10
N PRO B 294 -15.21 4.50 12.10
CA PRO B 294 -14.28 3.37 11.92
C PRO B 294 -14.96 2.23 11.19
N ALA B 295 -16.15 1.89 11.65
CA ALA B 295 -16.91 0.82 11.04
C ALA B 295 -17.27 1.20 9.62
N PHE B 296 -17.72 2.44 9.45
CA PHE B 296 -18.13 2.88 8.12
C PHE B 296 -16.93 2.94 7.24
N HIS B 297 -15.81 3.32 7.82
CA HIS B 297 -14.66 3.48 6.97
C HIS B 297 -14.19 2.13 6.47
N PHE B 298 -14.18 1.16 7.37
CA PHE B 298 -13.69 -0.16 7.07
C PHE B 298 -14.55 -0.78 5.99
N TRP B 299 -15.81 -0.95 6.32
CA TRP B 299 -16.80 -1.51 5.42
C TRP B 299 -16.69 -0.90 4.03
N GLY B 300 -16.96 0.39 3.93
CA GLY B 300 -16.92 1.08 2.65
C GLY B 300 -15.68 0.81 1.83
N GLN B 301 -14.52 0.77 2.48
CA GLN B 301 -13.29 0.51 1.75
C GLN B 301 -13.15 -0.97 1.39
N LEU B 302 -13.26 -1.84 2.39
CA LEU B 302 -13.20 -3.27 2.16
C LEU B 302 -14.09 -3.60 0.99
N THR B 303 -15.29 -3.05 1.01
CA THR B 303 -16.22 -3.26 -0.08
C THR B 303 -15.64 -2.76 -1.40
N ALA B 304 -15.41 -1.47 -1.49
CA ALA B 304 -14.78 -0.92 -2.68
C ALA B 304 -13.59 -1.75 -3.11
N LEU B 305 -12.73 -2.15 -2.17
CA LEU B 305 -11.57 -3.00 -2.52
C LEU B 305 -12.01 -4.22 -3.31
N LEU B 306 -12.90 -4.99 -2.73
CA LEU B 306 -13.45 -6.15 -3.38
C LEU B 306 -13.96 -5.80 -4.78
N LEU B 307 -14.54 -4.61 -4.91
CA LEU B 307 -15.06 -4.14 -6.20
C LEU B 307 -14.00 -3.51 -7.07
N ARG B 308 -12.75 -3.92 -6.84
CA ARG B 308 -11.63 -3.57 -7.68
C ARG B 308 -11.02 -2.20 -7.43
N SER B 309 -11.44 -1.54 -6.37
CA SER B 309 -10.94 -0.19 -6.09
C SER B 309 -9.46 -0.21 -5.96
N THR B 310 -8.80 0.78 -6.57
CA THR B 310 -7.35 0.86 -6.45
C THR B 310 -7.01 1.52 -5.12
N ARG B 311 -7.69 2.62 -4.80
CA ARG B 311 -7.56 3.32 -3.52
C ARG B 311 -7.62 2.37 -2.31
N ALA B 312 -8.74 1.68 -2.16
CA ALA B 312 -9.02 0.93 -0.94
C ALA B 312 -7.89 0.00 -0.55
N ARG B 313 -7.26 -0.61 -1.54
CA ARG B 313 -6.04 -1.38 -1.34
C ARG B 313 -5.28 -0.92 -0.10
N ASN B 314 -5.12 0.40 0.06
CA ASN B 314 -4.23 0.98 1.05
C ASN B 314 -4.87 1.76 2.21
N ALA B 315 -6.17 1.58 2.38
CA ALA B 315 -6.92 2.22 3.46
C ALA B 315 -6.58 1.51 4.74
N ARG B 316 -6.43 2.23 5.83
CA ARG B 316 -6.03 1.59 7.10
C ARG B 316 -7.17 0.74 7.66
N GLN B 317 -6.82 -0.31 8.40
CA GLN B 317 -7.81 -1.17 9.02
C GLN B 317 -8.06 -0.63 10.42
N PRO B 318 -9.14 0.15 10.58
CA PRO B 318 -9.44 0.78 11.87
C PRO B 318 -9.47 -0.26 12.96
N ASP B 319 -9.16 0.10 14.18
CA ASP B 319 -9.17 -0.86 15.27
C ASP B 319 -10.47 -0.78 16.07
N ASP B 320 -10.67 -1.77 16.93
CA ASP B 320 -11.82 -1.80 17.83
C ASP B 320 -13.15 -1.65 17.10
N ILE B 321 -13.27 -2.29 15.94
CA ILE B 321 -14.55 -2.42 15.27
C ILE B 321 -14.88 -3.90 15.14
N GLU B 322 -16.12 -4.24 14.85
CA GLU B 322 -16.43 -5.64 14.69
C GLU B 322 -16.03 -6.06 13.29
N TYR B 323 -14.90 -6.74 13.17
CA TYR B 323 -14.31 -7.03 11.87
C TYR B 323 -15.08 -8.13 11.14
N THR B 324 -15.68 -9.03 11.90
CA THR B 324 -16.25 -10.23 11.33
C THR B 324 -17.74 -10.14 11.03
N SER B 325 -18.22 -8.91 10.85
CA SER B 325 -19.61 -8.64 10.50
C SER B 325 -19.54 -7.52 9.51
N LEU B 326 -18.48 -6.75 9.64
CA LEU B 326 -18.27 -5.66 8.73
C LEU B 326 -17.76 -6.25 7.45
N THR B 327 -16.93 -7.29 7.57
CA THR B 327 -16.38 -7.97 6.40
C THR B 327 -17.48 -8.77 5.72
N THR B 328 -18.27 -9.48 6.52
CA THR B 328 -19.36 -10.23 5.95
C THR B 328 -20.25 -9.26 5.14
N ALA B 329 -20.67 -8.16 5.75
CA ALA B 329 -21.57 -7.22 5.08
C ALA B 329 -20.90 -6.51 3.91
N GLY B 330 -19.58 -6.64 3.85
CA GLY B 330 -18.81 -5.94 2.85
C GLY B 330 -18.75 -6.86 1.69
N LEU B 331 -18.21 -8.06 1.94
CA LEU B 331 -18.27 -9.19 1.02
C LEU B 331 -19.61 -9.30 0.31
N LEU B 332 -20.69 -9.17 1.06
CA LEU B 332 -21.98 -9.38 0.47
C LEU B 332 -22.24 -8.28 -0.53
N TYR B 333 -22.07 -7.04 -0.09
CA TYR B 333 -22.34 -5.90 -0.92
C TYR B 333 -21.44 -5.96 -2.12
N ALA B 334 -20.19 -6.37 -1.89
CA ALA B 334 -19.21 -6.46 -2.97
C ALA B 334 -19.71 -7.49 -3.94
N TYR B 335 -20.05 -8.66 -3.43
CA TYR B 335 -20.58 -9.75 -4.24
C TYR B 335 -21.78 -9.26 -5.03
N ALA B 336 -22.82 -8.81 -4.33
CA ALA B 336 -23.98 -8.25 -5.01
C ALA B 336 -23.51 -7.42 -6.19
N VAL B 337 -22.97 -6.24 -5.92
CA VAL B 337 -22.53 -5.34 -6.98
C VAL B 337 -21.63 -6.02 -8.02
N GLY B 338 -20.88 -7.00 -7.55
CA GLY B 338 -19.82 -7.53 -8.37
C GLY B 338 -20.41 -8.46 -9.40
N SER B 339 -20.85 -9.59 -8.89
CA SER B 339 -21.35 -10.68 -9.68
C SER B 339 -22.38 -10.15 -10.66
N SER B 340 -23.42 -9.54 -10.14
CA SER B 340 -24.51 -9.05 -10.98
C SER B 340 -24.23 -7.64 -11.50
N ALA B 341 -23.59 -7.56 -12.67
CA ALA B 341 -23.16 -6.29 -13.29
C ALA B 341 -24.31 -5.34 -13.50
N ASP B 342 -24.10 -4.31 -14.32
CA ASP B 342 -25.17 -3.33 -14.57
C ASP B 342 -24.76 -3.32 -16.03
N LEU B 343 -25.49 -4.10 -16.83
CA LEU B 343 -25.41 -4.10 -18.29
C LEU B 343 -26.81 -3.73 -18.75
N ALA B 344 -26.87 -2.89 -19.78
CA ALA B 344 -28.14 -2.46 -20.33
C ALA B 344 -27.86 -1.68 -21.59
N GLN B 345 -28.43 -2.11 -22.71
CA GLN B 345 -28.26 -1.41 -23.98
C GLN B 345 -28.50 0.06 -23.73
N GLN B 346 -27.67 0.91 -24.32
CA GLN B 346 -27.81 2.35 -24.13
C GLN B 346 -28.20 3.05 -25.42
N PHE B 347 -27.70 2.56 -26.55
CA PHE B 347 -28.02 3.15 -27.85
C PHE B 347 -28.56 2.10 -28.79
N CYS B 348 -29.02 2.50 -29.97
CA CYS B 348 -29.67 1.56 -30.89
C CYS B 348 -29.98 2.10 -32.29
N VAL B 349 -30.88 1.41 -32.98
CA VAL B 349 -31.43 1.92 -34.23
C VAL B 349 -32.87 1.39 -34.45
N GLY B 350 -33.76 1.68 -33.50
CA GLY B 350 -35.10 1.11 -33.51
C GLY B 350 -35.18 -0.30 -32.91
N ASP B 351 -34.01 -0.87 -32.62
CA ASP B 351 -33.91 -2.24 -32.10
C ASP B 351 -33.08 -2.33 -30.80
N ASN B 352 -33.73 -2.72 -29.71
CA ASN B 352 -33.12 -2.74 -28.38
C ASN B 352 -33.53 -3.97 -27.55
N LYS B 353 -32.83 -4.25 -26.46
CA LYS B 353 -33.18 -5.46 -25.69
C LYS B 353 -34.31 -5.29 -24.68
N TYR B 354 -35.54 -5.44 -25.17
CA TYR B 354 -36.65 -5.68 -24.28
C TYR B 354 -36.26 -6.94 -23.51
N THR B 355 -36.07 -6.76 -22.20
CA THR B 355 -35.47 -7.81 -21.38
C THR B 355 -36.43 -8.82 -20.73
N PRO B 356 -37.67 -8.41 -20.40
CA PRO B 356 -38.67 -9.32 -19.80
C PRO B 356 -39.14 -10.44 -20.73
N ASP B 357 -38.22 -11.29 -21.17
CA ASP B 357 -38.50 -12.43 -22.04
C ASP B 357 -39.77 -13.19 -21.62
N THR B 364 -33.02 -19.61 -10.94
CA THR B 364 -33.21 -20.96 -10.41
C THR B 364 -33.17 -21.00 -8.88
N THR B 365 -33.51 -22.16 -8.28
CA THR B 365 -33.29 -22.35 -6.85
C THR B 365 -31.91 -21.83 -6.39
N ASN B 366 -31.96 -20.96 -5.39
CA ASN B 366 -30.77 -20.48 -4.67
C ASN B 366 -29.73 -19.69 -5.49
N ALA B 367 -29.96 -19.56 -6.78
CA ALA B 367 -29.09 -18.72 -7.59
C ALA B 367 -29.20 -17.30 -7.05
N PRO B 368 -28.06 -16.62 -6.86
CA PRO B 368 -28.00 -15.26 -6.31
C PRO B 368 -28.94 -14.30 -7.02
N PRO B 369 -29.41 -13.26 -6.31
CA PRO B 369 -30.45 -12.31 -6.74
C PRO B 369 -30.11 -11.52 -8.00
N GLN B 370 -31.16 -11.15 -8.72
CA GLN B 370 -31.06 -10.56 -10.04
C GLN B 370 -30.27 -9.24 -10.02
N GLY B 371 -30.65 -8.34 -9.14
CA GLY B 371 -30.05 -7.02 -9.14
C GLY B 371 -29.23 -6.68 -7.92
N ARG B 372 -29.49 -5.51 -7.35
CA ARG B 372 -28.74 -5.04 -6.19
C ARG B 372 -29.66 -4.47 -5.13
N ASP B 373 -30.81 -5.10 -4.93
CA ASP B 373 -31.64 -4.71 -3.82
C ASP B 373 -31.15 -5.36 -2.54
N VAL B 374 -30.87 -4.52 -1.56
CA VAL B 374 -30.46 -4.96 -0.24
C VAL B 374 -31.32 -6.10 0.28
N VAL B 375 -32.65 -5.91 0.21
CA VAL B 375 -33.61 -6.87 0.73
C VAL B 375 -33.57 -8.15 -0.08
N GLU B 376 -33.49 -8.03 -1.39
CA GLU B 376 -33.34 -9.21 -2.23
C GLU B 376 -32.10 -9.98 -1.77
N TRP B 377 -31.05 -9.25 -1.46
CA TRP B 377 -29.83 -9.91 -1.07
C TRP B 377 -29.84 -10.41 0.36
N LEU B 378 -30.27 -9.57 1.28
CA LEU B 378 -30.45 -10.00 2.66
C LEU B 378 -31.29 -11.28 2.71
N GLY B 379 -32.44 -11.25 2.04
CA GLY B 379 -33.25 -12.44 1.93
C GLY B 379 -32.37 -13.58 1.49
N TRP B 380 -31.77 -13.44 0.31
CA TRP B 380 -30.90 -14.49 -0.24
C TRP B 380 -29.86 -14.97 0.74
N PHE B 381 -29.32 -14.05 1.52
CA PHE B 381 -28.29 -14.40 2.48
C PHE B 381 -28.89 -15.23 3.62
N GLU B 382 -29.99 -14.75 4.21
CA GLU B 382 -30.68 -15.49 5.24
C GLU B 382 -30.96 -16.87 4.70
N ASP B 383 -31.27 -16.93 3.40
CA ASP B 383 -31.57 -18.18 2.69
C ASP B 383 -30.29 -19.01 2.66
N GLN B 384 -29.16 -18.35 2.87
CA GLN B 384 -27.86 -19.03 2.84
C GLN B 384 -27.35 -19.43 4.21
N ASN B 385 -28.27 -19.56 5.17
CA ASN B 385 -27.95 -19.88 6.55
C ASN B 385 -27.01 -18.84 7.16
N ARG B 386 -26.98 -17.66 6.53
CA ARG B 386 -26.33 -16.46 7.05
C ARG B 386 -24.81 -16.62 7.12
N LYS B 387 -24.27 -17.32 6.12
CA LYS B 387 -22.86 -17.67 6.06
C LYS B 387 -22.39 -17.62 4.61
N PRO B 388 -21.42 -16.76 4.30
CA PRO B 388 -21.05 -16.44 2.92
C PRO B 388 -20.67 -17.67 2.07
N THR B 389 -21.21 -17.68 0.85
CA THR B 389 -21.11 -18.83 -0.04
C THR B 389 -19.75 -18.98 -0.71
N PRO B 390 -19.33 -20.23 -0.94
CA PRO B 390 -18.30 -20.64 -1.87
C PRO B 390 -18.06 -19.67 -3.04
N ASP B 391 -18.99 -19.42 -3.95
CA ASP B 391 -18.64 -18.51 -5.05
C ASP B 391 -18.28 -17.14 -4.49
N MET B 392 -19.10 -16.62 -3.58
CA MET B 392 -18.78 -15.27 -3.10
C MET B 392 -17.43 -15.23 -2.42
N MET B 393 -17.13 -16.22 -1.61
CA MET B 393 -15.79 -16.30 -1.04
C MET B 393 -14.73 -16.55 -2.13
N GLN B 394 -15.12 -17.17 -3.24
CA GLN B 394 -14.20 -17.30 -4.35
C GLN B 394 -14.05 -15.93 -4.98
N TYR B 395 -15.15 -15.18 -5.03
CA TYR B 395 -15.16 -13.88 -5.69
C TYR B 395 -14.23 -13.00 -4.93
N ALA B 396 -14.26 -13.20 -3.62
CA ALA B 396 -13.44 -12.45 -2.69
C ALA B 396 -11.99 -12.83 -2.89
N LYS B 397 -11.70 -14.13 -2.90
CA LYS B 397 -10.34 -14.61 -3.18
C LYS B 397 -9.83 -14.21 -4.57
N ARG B 398 -10.72 -14.01 -5.55
CA ARG B 398 -10.29 -13.53 -6.85
C ARG B 398 -10.01 -12.02 -6.77
N ALA B 399 -10.78 -11.32 -5.96
CA ALA B 399 -10.56 -9.89 -5.78
C ALA B 399 -9.19 -9.58 -5.15
N VAL B 400 -8.75 -10.44 -4.23
CA VAL B 400 -7.58 -10.15 -3.40
C VAL B 400 -6.29 -10.91 -3.70
N MET B 401 -6.37 -12.18 -4.10
CA MET B 401 -5.18 -12.83 -4.63
C MET B 401 -4.71 -11.93 -5.76
N SER B 402 -3.45 -12.05 -6.13
CA SER B 402 -2.91 -11.23 -7.22
C SER B 402 -2.62 -9.76 -6.82
N LEU B 403 -3.37 -9.25 -5.84
CA LEU B 403 -2.94 -8.03 -5.14
C LEU B 403 -1.60 -8.25 -4.52
N GLN B 404 -0.62 -7.43 -4.86
CA GLN B 404 0.67 -7.50 -4.17
C GLN B 404 1.02 -6.15 -3.57
N GLY B 405 2.15 -6.10 -2.88
CA GLY B 405 2.65 -4.87 -2.28
C GLY B 405 1.67 -4.27 -1.30
N LEU B 406 1.08 -5.11 -0.46
CA LEU B 406 0.10 -4.62 0.50
C LEU B 406 0.80 -4.17 1.76
N ARG B 407 0.38 -3.00 2.25
CA ARG B 407 0.99 -2.44 3.45
C ARG B 407 0.31 -2.99 4.69
N GLU B 408 1.07 -3.17 5.78
CA GLU B 408 0.48 -3.78 6.95
C GLU B 408 -0.59 -2.87 7.55
N LYS B 409 -1.53 -3.47 8.26
CA LYS B 409 -2.64 -2.74 8.85
C LYS B 409 -3.48 -1.96 7.84
N THR B 410 -3.39 -2.26 6.54
CA THR B 410 -4.40 -1.75 5.62
C THR B 410 -5.54 -2.74 5.38
N ILE B 411 -6.70 -2.26 4.98
CA ILE B 411 -7.82 -3.11 4.62
C ILE B 411 -7.38 -4.00 3.47
N GLY B 412 -6.46 -3.50 2.66
CA GLY B 412 -5.85 -4.33 1.65
C GLY B 412 -5.27 -5.57 2.28
N LYS B 413 -4.23 -5.41 3.10
CA LYS B 413 -3.57 -6.55 3.71
C LYS B 413 -4.56 -7.40 4.47
N TYR B 414 -5.64 -6.77 4.91
CA TYR B 414 -6.63 -7.48 5.70
C TYR B 414 -7.37 -8.46 4.82
N ALA B 415 -8.05 -7.88 3.84
CA ALA B 415 -8.74 -8.62 2.81
C ALA B 415 -7.95 -9.79 2.25
N LYS B 416 -6.71 -9.56 1.82
CA LYS B 416 -5.92 -10.63 1.22
C LYS B 416 -5.71 -11.78 2.19
N SER B 417 -5.67 -11.46 3.48
CA SER B 417 -5.41 -12.49 4.49
C SER B 417 -6.71 -13.16 4.80
N GLU B 418 -7.77 -12.37 4.82
CA GLU B 418 -9.09 -12.90 5.10
C GLU B 418 -9.54 -13.84 3.97
N PHE B 419 -9.13 -13.53 2.74
CA PHE B 419 -9.67 -14.21 1.56
C PHE B 419 -8.74 -15.11 0.73
N ASP B 420 -7.51 -14.68 0.43
CA ASP B 420 -6.58 -15.52 -0.33
C ASP B 420 -5.93 -16.53 0.57
N LYS B 421 -6.34 -17.79 0.37
CA LYS B 421 -5.66 -18.95 0.91
C LYS B 421 -6.34 -20.24 0.40
N SER C 1 -14.91 -34.01 48.13
CA SER C 1 -13.47 -33.83 47.94
C SER C 1 -12.83 -32.87 48.98
N VAL C 2 -13.51 -32.59 50.08
CA VAL C 2 -12.89 -31.79 51.15
C VAL C 2 -11.82 -32.66 51.80
N THR C 3 -12.01 -33.98 51.73
CA THR C 3 -11.21 -34.91 52.52
C THR C 3 -10.68 -36.11 51.74
N VAL C 4 -9.41 -36.05 51.37
CA VAL C 4 -8.75 -37.07 50.54
C VAL C 4 -8.07 -38.12 51.39
N LYS C 5 -8.04 -39.37 50.92
CA LYS C 5 -7.34 -40.44 51.61
C LYS C 5 -6.66 -41.35 50.60
N ARG C 6 -5.50 -41.89 50.97
CA ARG C 6 -4.82 -42.89 50.15
C ARG C 6 -5.65 -44.15 50.21
N ILE C 7 -5.80 -44.89 49.11
CA ILE C 7 -6.41 -46.21 49.21
C ILE C 7 -5.91 -47.57 49.75
N ILE C 8 -4.73 -48.03 49.35
CA ILE C 8 -4.15 -49.30 49.86
C ILE C 8 -4.01 -49.40 51.39
N ASP C 9 -3.34 -48.44 52.02
CA ASP C 9 -3.20 -48.45 53.48
C ASP C 9 -4.30 -47.61 54.15
N ASN C 10 -5.03 -46.87 53.33
CA ASN C 10 -6.22 -46.13 53.76
C ASN C 10 -5.98 -45.09 54.84
N THR C 11 -4.89 -44.36 54.70
CA THR C 11 -4.58 -43.23 55.56
C THR C 11 -5.00 -41.93 54.86
N VAL C 12 -5.33 -40.92 55.66
CA VAL C 12 -5.67 -39.61 55.10
C VAL C 12 -4.43 -38.93 54.56
N ILE C 13 -4.65 -37.89 53.79
CA ILE C 13 -3.60 -37.00 53.33
C ILE C 13 -4.33 -35.67 53.17
N VAL C 14 -3.71 -34.57 53.56
CA VAL C 14 -4.30 -33.27 53.27
C VAL C 14 -3.50 -32.56 52.20
N PRO C 15 -3.92 -32.68 50.94
CA PRO C 15 -3.25 -31.87 49.92
C PRO C 15 -3.46 -30.41 50.22
N LYS C 16 -2.35 -29.76 50.55
CA LYS C 16 -2.31 -28.34 50.83
C LYS C 16 -1.19 -27.86 49.96
N LEU C 17 -1.18 -26.57 49.67
CA LEU C 17 -0.10 -26.02 48.88
C LEU C 17 0.15 -24.54 49.22
N PRO C 18 1.41 -24.09 49.07
CA PRO C 18 1.87 -22.75 49.39
C PRO C 18 0.79 -21.70 49.12
N ALA C 19 0.42 -20.93 50.12
CA ALA C 19 -0.60 -19.90 49.94
C ALA C 19 -0.13 -18.83 48.96
N ASN C 20 -1.00 -17.85 48.68
CA ASN C 20 -0.75 -16.88 47.62
C ASN C 20 -1.51 -15.57 47.88
N GLU C 21 -1.05 -14.80 48.86
CA GLU C 21 -1.77 -13.62 49.32
C GLU C 21 -1.92 -12.50 48.30
N ASP C 22 -1.14 -11.44 48.51
CA ASP C 22 -1.45 -10.11 47.98
C ASP C 22 -2.84 -9.98 47.36
N PRO C 23 -3.83 -9.63 48.21
CA PRO C 23 -5.15 -9.19 47.78
C PRO C 23 -5.03 -8.01 46.85
N VAL C 24 -6.11 -7.68 46.16
CA VAL C 24 -6.16 -6.48 45.35
C VAL C 24 -6.51 -5.32 46.26
N GLU C 25 -6.45 -4.11 45.72
CA GLU C 25 -6.81 -2.93 46.48
C GLU C 25 -7.58 -1.96 45.59
N TYR C 26 -8.81 -1.64 45.98
CA TYR C 26 -9.66 -0.78 45.16
C TYR C 26 -9.49 0.71 45.49
N PRO C 27 -9.74 1.58 44.49
CA PRO C 27 -9.63 3.02 44.72
C PRO C 27 -10.55 3.45 45.86
N ALA C 28 -11.85 3.35 45.62
CA ALA C 28 -12.86 3.68 46.62
C ALA C 28 -12.44 3.22 48.02
N ASP C 29 -12.31 1.91 48.21
CA ASP C 29 -12.05 1.32 49.52
C ASP C 29 -10.69 1.83 50.08
N TYR C 30 -10.28 3.02 49.63
CA TYR C 30 -9.10 3.74 50.13
C TYR C 30 -9.42 5.16 50.60
N PHE C 31 -10.43 5.77 49.98
CA PHE C 31 -10.96 7.04 50.46
C PHE C 31 -11.88 6.77 51.64
N ARG C 32 -11.87 5.54 52.12
CA ARG C 32 -12.51 5.20 53.37
C ARG C 32 -11.46 5.32 54.47
N LYS C 33 -10.25 5.73 54.07
CA LYS C 33 -9.18 6.03 55.02
C LYS C 33 -8.91 7.53 55.01
N SER C 34 -8.51 8.03 53.84
CA SER C 34 -8.13 9.41 53.64
C SER C 34 -9.05 10.09 52.62
N LYS C 35 -9.13 11.41 52.68
CA LYS C 35 -9.91 12.18 51.71
C LYS C 35 -9.00 13.11 50.86
N GLU C 36 -7.72 12.78 50.79
CA GLU C 36 -6.75 13.64 50.10
C GLU C 36 -5.63 12.81 49.48
N ILE C 37 -5.19 13.20 48.28
CA ILE C 37 -4.09 12.48 47.63
C ILE C 37 -2.79 13.26 47.82
N PRO C 38 -2.11 13.04 48.96
CA PRO C 38 -0.97 13.86 49.43
C PRO C 38 0.22 13.88 48.48
N LEU C 39 0.48 15.03 47.87
CA LEU C 39 1.62 15.17 46.98
C LEU C 39 2.75 15.91 47.67
N TYR C 40 3.58 15.16 48.40
CA TYR C 40 4.74 15.73 49.04
C TYR C 40 5.67 16.32 47.97
N ILE C 41 5.63 17.64 47.86
CA ILE C 41 6.60 18.38 47.09
C ILE C 41 7.35 19.31 48.03
N ASN C 42 8.66 19.12 48.17
CA ASN C 42 9.43 19.91 49.14
C ASN C 42 9.73 21.36 48.74
N THR C 43 10.86 21.53 48.05
CA THR C 43 11.57 22.80 47.91
C THR C 43 10.53 23.59 47.11
N THR C 44 9.57 24.17 47.82
CA THR C 44 8.80 25.29 47.29
C THR C 44 9.67 26.54 47.15
N LYS C 45 10.89 26.36 46.67
CA LYS C 45 11.79 27.47 46.43
C LYS C 45 11.88 27.81 44.95
N SER C 46 12.71 28.79 44.62
CA SER C 46 12.67 29.42 43.30
C SER C 46 12.32 28.39 42.22
N LEU C 47 11.58 28.84 41.21
CA LEU C 47 11.40 28.07 39.98
C LEU C 47 12.46 28.39 38.93
N SER C 48 12.65 29.66 38.62
CA SER C 48 13.74 30.06 37.75
C SER C 48 14.93 29.19 38.10
N ASP C 49 15.17 29.06 39.40
CA ASP C 49 16.22 28.21 39.95
C ASP C 49 16.05 26.74 39.57
N LEU C 50 14.97 26.13 40.03
CA LEU C 50 14.68 24.72 39.79
C LEU C 50 14.76 24.36 38.31
N ARG C 51 14.24 25.23 37.45
CA ARG C 51 14.36 25.06 36.01
C ARG C 51 15.80 24.76 35.60
N GLY C 52 16.74 25.41 36.29
CA GLY C 52 18.15 25.15 36.08
C GLY C 52 18.62 23.84 36.68
N TYR C 53 18.21 23.56 37.91
CA TYR C 53 18.68 22.37 38.62
C TYR C 53 18.40 21.13 37.79
N VAL C 54 17.40 21.21 36.91
CA VAL C 54 16.99 20.08 36.08
C VAL C 54 17.56 20.11 34.66
N TYR C 55 17.64 21.27 34.03
CA TYR C 55 18.23 21.34 32.68
C TYR C 55 19.66 20.79 32.72
N GLN C 56 20.44 21.29 33.68
CA GLN C 56 21.81 20.84 33.87
C GLN C 56 21.83 19.44 34.48
N GLY C 57 20.93 19.17 35.42
CA GLY C 57 20.91 17.89 36.09
C GLY C 57 20.66 16.74 35.14
N LEU C 58 19.96 17.04 34.05
CA LEU C 58 19.58 16.03 33.05
C LEU C 58 20.65 15.80 31.98
N LYS C 59 21.38 16.86 31.62
CA LYS C 59 22.47 16.71 30.67
C LYS C 59 23.60 15.95 31.35
N SER C 60 23.24 15.04 32.24
CA SER C 60 24.19 14.26 33.02
C SER C 60 23.45 13.25 33.88
N GLY C 61 24.14 12.16 34.21
CA GLY C 61 23.52 11.02 34.87
C GLY C 61 22.86 11.29 36.22
N ASN C 62 22.91 12.53 36.69
CA ASN C 62 22.43 12.81 38.03
C ASN C 62 21.53 14.04 38.14
N VAL C 63 20.23 13.80 38.22
CA VAL C 63 19.28 14.84 38.60
C VAL C 63 18.33 14.22 39.59
N SER C 64 18.13 14.88 40.71
CA SER C 64 17.31 14.30 41.77
C SER C 64 15.85 14.33 41.40
N ILE C 65 15.19 13.19 41.59
CA ILE C 65 13.76 13.15 41.39
C ILE C 65 13.06 14.25 42.19
N ILE C 66 13.47 14.42 43.44
CA ILE C 66 12.91 15.46 44.31
C ILE C 66 12.94 16.82 43.63
N HIS C 67 13.94 17.05 42.81
CA HIS C 67 14.06 18.30 42.06
C HIS C 67 13.08 18.39 40.90
N VAL C 68 13.07 17.38 40.03
CA VAL C 68 12.12 17.38 38.92
C VAL C 68 10.70 17.57 39.47
N ASN C 69 10.32 16.76 40.46
CA ASN C 69 9.07 16.94 41.17
C ASN C 69 8.77 18.42 41.38
N SER C 70 9.58 19.04 42.25
CA SER C 70 9.39 20.43 42.57
C SER C 70 9.38 21.29 41.32
N TYR C 71 10.21 20.95 40.33
CA TYR C 71 10.24 21.77 39.11
C TYR C 71 8.89 21.75 38.42
N LEU C 72 8.30 20.55 38.31
CA LEU C 72 7.00 20.39 37.71
C LEU C 72 5.94 21.19 38.46
N TYR C 73 5.88 21.05 39.77
CA TYR C 73 4.98 21.90 40.55
C TYR C 73 5.08 23.35 40.10
N GLY C 74 6.31 23.79 39.87
CA GLY C 74 6.56 25.16 39.51
C GLY C 74 6.03 25.52 38.15
N ALA C 75 6.32 24.67 37.17
CA ALA C 75 5.93 24.96 35.80
C ALA C 75 4.44 24.75 35.61
N LEU C 76 3.88 23.84 36.39
CA LEU C 76 2.49 23.43 36.21
C LEU C 76 1.57 24.05 37.26
N LYS C 77 1.58 25.38 37.34
CA LYS C 77 0.47 26.04 37.98
C LYS C 77 -0.19 27.00 37.01
N ASP C 78 -0.23 26.56 35.75
CA ASP C 78 -1.24 27.02 34.82
C ASP C 78 -2.58 26.76 35.50
N ILE C 79 -2.92 27.66 36.42
CA ILE C 79 -4.16 27.57 37.18
C ILE C 79 -5.32 27.71 36.19
N ARG C 80 -4.99 27.56 34.90
CA ARG C 80 -5.92 27.61 33.79
C ARG C 80 -6.83 26.39 33.82
N GLY C 81 -8.03 26.54 33.28
CA GLY C 81 -8.98 25.45 33.23
C GLY C 81 -10.27 25.79 33.96
N LYS C 82 -11.30 26.20 33.20
CA LYS C 82 -12.60 26.56 33.76
C LYS C 82 -13.58 25.41 33.67
N LEU C 83 -13.83 24.74 34.80
CA LEU C 83 -14.80 23.65 34.84
C LEU C 83 -16.17 24.06 34.28
N ASP C 84 -16.38 23.81 33.00
CA ASP C 84 -17.66 24.10 32.38
C ASP C 84 -18.79 23.38 33.10
N LYS C 85 -18.48 22.19 33.61
CA LYS C 85 -19.44 21.38 34.35
C LYS C 85 -19.11 21.35 35.84
N ASP C 86 -19.49 20.25 36.50
CA ASP C 86 -19.11 20.00 37.88
C ASP C 86 -17.85 19.12 37.88
N TRP C 87 -17.44 18.63 39.05
CA TRP C 87 -16.33 17.69 39.13
C TRP C 87 -16.07 17.18 40.53
N SER C 88 -16.48 15.94 40.80
CA SER C 88 -16.19 15.28 42.06
C SER C 88 -15.73 13.84 41.80
N SER C 89 -15.43 13.10 42.86
CA SER C 89 -15.01 11.73 42.72
C SER C 89 -14.71 11.09 44.07
N PHE C 90 -15.46 10.05 44.42
CA PHE C 90 -15.22 9.30 45.65
C PHE C 90 -15.53 10.09 46.90
N GLY C 91 -16.23 11.21 46.74
CA GLY C 91 -16.55 12.08 47.85
C GLY C 91 -15.83 13.39 47.69
N ILE C 92 -14.60 13.30 47.18
CA ILE C 92 -13.73 14.45 46.92
C ILE C 92 -14.33 15.43 45.92
N ASN C 93 -14.67 16.65 46.38
CA ASN C 93 -15.04 17.73 45.48
C ASN C 93 -13.76 18.18 44.81
N ILE C 94 -13.87 18.69 43.59
CA ILE C 94 -12.70 19.23 42.91
C ILE C 94 -13.03 20.59 42.35
N GLY C 95 -14.31 20.82 42.10
CA GLY C 95 -14.77 22.10 41.58
C GLY C 95 -16.18 22.03 41.08
N LYS C 96 -17.00 22.99 41.47
CA LYS C 96 -18.31 23.20 40.85
C LYS C 96 -18.27 24.39 39.89
N ALA C 97 -19.24 24.42 38.97
CA ALA C 97 -19.97 25.65 38.68
C ALA C 97 -19.03 26.73 38.15
N GLY C 98 -18.45 26.49 36.98
CA GLY C 98 -17.54 27.44 36.37
C GLY C 98 -16.25 27.59 37.16
N ASP C 99 -16.21 26.97 38.34
CA ASP C 99 -15.02 27.01 39.18
C ASP C 99 -13.75 26.94 38.32
N THR C 100 -12.84 27.89 38.54
CA THR C 100 -11.57 27.89 37.82
C THR C 100 -10.47 27.19 38.66
N ILE C 101 -9.90 26.11 38.10
CA ILE C 101 -8.94 25.29 38.85
C ILE C 101 -7.75 24.81 38.03
N GLY C 102 -6.68 24.45 38.74
CA GLY C 102 -5.42 24.04 38.14
C GLY C 102 -5.01 22.63 38.50
N ILE C 103 -3.89 22.19 37.94
CA ILE C 103 -3.49 20.78 37.96
C ILE C 103 -3.32 20.18 39.37
N PHE C 104 -3.41 21.01 40.40
CA PHE C 104 -3.05 20.50 41.72
C PHE C 104 -4.09 20.67 42.79
N ASP C 105 -5.35 20.85 42.40
CA ASP C 105 -6.43 20.89 43.38
C ASP C 105 -6.68 19.45 43.82
N LEU C 106 -5.59 18.69 43.74
CA LEU C 106 -5.47 17.31 44.18
C LEU C 106 -4.33 17.25 45.24
N VAL C 107 -4.57 18.09 46.26
CA VAL C 107 -4.07 18.08 47.66
C VAL C 107 -2.55 18.02 47.96
N SER C 108 -1.88 19.16 47.82
CA SER C 108 -0.41 19.26 47.98
C SER C 108 0.10 19.36 49.43
N LEU C 109 1.25 18.74 49.69
CA LEU C 109 1.93 18.88 50.97
C LEU C 109 3.34 19.44 50.77
N LYS C 110 4.28 19.03 51.62
CA LYS C 110 5.68 19.45 51.49
C LYS C 110 6.52 18.65 52.49
N ALA C 111 7.70 18.16 52.09
CA ALA C 111 8.40 17.17 52.93
C ALA C 111 9.74 17.56 53.60
N LEU C 112 10.79 16.83 53.27
CA LEU C 112 12.02 16.78 54.06
C LEU C 112 13.10 17.85 53.76
N ASP C 113 14.37 17.50 53.95
CA ASP C 113 15.44 18.51 54.05
C ASP C 113 16.53 18.48 52.95
N GLY C 114 16.91 17.29 52.50
CA GLY C 114 18.02 17.16 51.58
C GLY C 114 17.75 17.61 50.15
N VAL C 115 18.63 18.45 49.62
CA VAL C 115 18.54 18.92 48.24
C VAL C 115 19.93 19.28 47.71
N LEU C 116 20.20 18.96 46.44
CA LEU C 116 21.57 18.99 45.92
C LEU C 116 22.22 20.37 45.61
N PRO C 117 22.24 20.82 44.33
CA PRO C 117 23.06 22.02 44.04
C PRO C 117 22.82 23.26 44.92
N ASP C 118 23.80 24.15 44.99
CA ASP C 118 23.65 25.38 45.76
C ASP C 118 22.81 26.37 44.96
N GLY C 119 22.68 27.59 45.49
CA GLY C 119 21.87 28.64 44.90
C GLY C 119 21.46 28.54 43.43
N VAL C 120 22.42 28.28 42.54
CA VAL C 120 22.20 28.43 41.10
C VAL C 120 23.00 27.43 40.24
N SER C 121 22.32 26.46 39.65
CA SER C 121 22.96 25.50 38.75
C SER C 121 23.61 26.21 37.57
N ASP C 122 22.85 27.07 36.92
CA ASP C 122 23.39 28.04 35.97
C ASP C 122 22.30 28.95 35.39
N ALA C 123 22.57 30.24 35.40
CA ALA C 123 21.55 31.24 35.02
C ALA C 123 21.00 31.04 33.61
N SER C 124 21.58 30.06 32.91
CA SER C 124 21.32 29.83 31.49
C SER C 124 19.84 29.87 31.13
N ARG C 125 19.05 29.04 31.81
CA ARG C 125 17.70 28.73 31.35
C ARG C 125 16.59 29.76 31.58
N THR C 126 16.21 30.39 30.48
CA THR C 126 15.03 31.26 30.36
C THR C 126 13.73 30.45 30.49
N SER C 127 12.59 31.13 30.42
CA SER C 127 11.30 30.46 30.45
C SER C 127 10.85 29.86 29.11
N ALA C 128 11.83 29.44 28.30
CA ALA C 128 11.62 28.32 27.39
C ALA C 128 11.53 27.19 28.40
N ASP C 129 10.38 27.16 29.06
CA ASP C 129 10.24 26.57 30.37
C ASP C 129 9.13 25.58 30.27
N ASP C 130 7.99 25.95 30.86
CA ASP C 130 6.76 25.17 30.77
C ASP C 130 6.59 24.71 29.33
N LYS C 131 6.85 25.63 28.41
CA LYS C 131 6.73 25.38 26.99
C LYS C 131 7.00 23.93 26.59
N TRP C 132 8.01 23.31 27.20
CA TRP C 132 8.42 21.95 26.86
C TRP C 132 9.02 21.14 28.01
N LEU C 133 10.10 21.66 28.60
CA LEU C 133 10.79 20.98 29.71
C LEU C 133 9.91 20.09 30.59
N PRO C 134 8.72 20.58 30.98
CA PRO C 134 7.85 19.68 31.74
C PRO C 134 7.41 18.53 30.85
N LEU C 135 6.88 18.87 29.67
CA LEU C 135 6.52 17.85 28.69
C LEU C 135 7.57 16.77 28.68
N TYR C 136 8.76 17.19 28.26
CA TYR C 136 9.91 16.31 28.18
C TYR C 136 10.05 15.47 29.46
N LEU C 137 9.97 16.12 30.61
CA LEU C 137 10.16 15.45 31.88
C LEU C 137 9.12 14.38 32.09
N LEU C 138 7.87 14.77 31.89
CA LEU C 138 6.73 13.88 32.03
C LEU C 138 6.86 12.77 31.00
N GLY C 139 7.23 13.15 29.78
CA GLY C 139 7.42 12.18 28.72
C GLY C 139 8.37 11.05 29.07
N LEU C 140 9.27 11.30 30.04
CA LEU C 140 10.24 10.28 30.45
C LEU C 140 9.63 9.25 31.41
N TYR C 141 8.41 9.51 31.88
CA TYR C 141 7.72 8.51 32.66
C TYR C 141 7.41 7.39 31.72
N ARG C 142 6.85 7.78 30.58
CA ARG C 142 6.44 6.87 29.50
C ARG C 142 7.62 6.05 28.98
N VAL C 143 8.74 6.72 28.78
CA VAL C 143 9.91 6.07 28.22
C VAL C 143 10.48 5.09 29.24
N GLY C 144 10.46 5.47 30.51
CA GLY C 144 11.05 4.65 31.55
C GLY C 144 10.44 3.27 31.71
N ARG C 145 9.13 3.20 31.49
CA ARG C 145 8.39 1.96 31.67
C ARG C 145 8.72 0.84 30.66
N THR C 146 9.40 1.17 29.58
CA THR C 146 9.55 0.24 28.45
C THR C 146 10.89 -0.51 28.39
N GLN C 147 11.11 -1.30 27.33
CA GLN C 147 12.23 -2.25 27.28
C GLN C 147 12.93 -2.57 25.92
N MET C 148 12.25 -2.45 24.79
CA MET C 148 12.84 -2.80 23.47
C MET C 148 13.04 -1.55 22.59
N PRO C 149 13.64 -1.68 21.36
CA PRO C 149 13.80 -0.51 20.47
C PRO C 149 12.59 0.43 20.43
N GLU C 150 11.55 0.10 21.21
CA GLU C 150 10.43 0.99 21.46
C GLU C 150 10.92 2.12 22.33
N TYR C 151 11.84 1.83 23.24
CA TYR C 151 12.47 2.89 24.03
C TYR C 151 12.97 4.00 23.10
N ARG C 152 13.80 3.64 22.11
CA ARG C 152 14.35 4.64 21.20
C ARG C 152 13.30 5.15 20.23
N LYS C 153 12.32 4.32 19.91
CA LYS C 153 11.14 4.75 19.18
C LYS C 153 10.40 5.78 20.03
N LYS C 154 10.16 5.44 21.29
CA LYS C 154 9.37 6.26 22.18
C LYS C 154 10.06 7.57 22.53
N LEU C 155 11.34 7.52 22.85
CA LEU C 155 12.08 8.75 23.11
C LEU C 155 12.14 9.57 21.84
N MET C 156 12.59 8.95 20.74
CA MET C 156 12.81 9.70 19.50
C MET C 156 11.57 10.46 19.00
N ASP C 157 10.39 10.09 19.49
CA ASP C 157 9.17 10.83 19.13
C ASP C 157 8.66 11.60 20.32
N GLY C 158 8.88 11.04 21.51
CA GLY C 158 8.60 11.77 22.73
C GLY C 158 9.68 12.79 22.91
N LEU C 159 10.32 13.12 21.78
CA LEU C 159 11.34 14.19 21.65
C LEU C 159 11.19 15.00 20.35
N THR C 160 10.28 14.63 19.46
CA THR C 160 9.90 15.58 18.41
C THR C 160 8.63 16.29 18.87
N ASN C 161 8.22 16.03 20.11
CA ASN C 161 7.07 16.72 20.68
C ASN C 161 7.47 17.97 21.44
N GLN C 162 8.75 18.06 21.77
CA GLN C 162 9.31 19.30 22.31
C GLN C 162 9.90 20.10 21.19
N CYS C 163 9.78 19.60 19.97
CA CYS C 163 10.12 20.40 18.80
C CYS C 163 8.86 21.05 18.26
N LYS C 164 7.88 21.20 19.15
CA LYS C 164 6.57 21.74 18.77
C LYS C 164 6.38 23.19 19.22
N MET C 165 6.19 24.12 18.29
CA MET C 165 5.87 25.50 18.64
C MET C 165 6.91 25.95 19.66
N ILE C 166 7.94 25.10 19.78
CA ILE C 166 8.89 25.11 20.87
C ILE C 166 10.27 24.64 20.35
N ASN C 167 10.29 23.56 19.55
CA ASN C 167 11.43 23.11 18.72
C ASN C 167 12.89 23.15 19.20
N GLU C 168 13.25 22.32 20.16
CA GLU C 168 14.63 22.29 20.67
C GLU C 168 15.17 20.89 21.05
N GLN C 169 16.42 20.64 20.67
CA GLN C 169 17.01 19.29 20.62
C GLN C 169 16.84 18.35 21.83
N PHE C 170 17.54 17.22 21.72
CA PHE C 170 17.32 16.01 22.52
C PHE C 170 18.28 16.07 23.70
N GLU C 171 18.11 15.28 24.78
CA GLU C 171 19.09 15.40 25.91
C GLU C 171 20.10 14.39 26.54
N PRO C 172 19.65 13.56 27.53
CA PRO C 172 20.68 12.79 28.25
C PRO C 172 21.39 11.76 27.37
N LEU C 173 22.31 11.01 27.97
CA LEU C 173 23.28 10.26 27.18
C LEU C 173 22.85 8.83 26.82
N VAL C 174 22.95 7.93 27.80
CA VAL C 174 22.70 6.50 27.62
C VAL C 174 21.31 6.23 27.07
N PRO C 175 21.20 5.33 26.07
CA PRO C 175 19.89 4.92 25.54
C PRO C 175 18.89 4.53 26.64
N GLU C 176 19.01 3.30 27.14
CA GLU C 176 18.17 2.88 28.24
C GLU C 176 18.77 1.78 29.14
N GLY C 177 17.97 0.76 29.41
CA GLY C 177 18.30 -0.30 30.35
C GLY C 177 17.29 -0.32 31.49
N ARG C 178 16.18 0.37 31.29
CA ARG C 178 15.29 0.64 32.38
C ARG C 178 16.21 0.91 33.53
N ASP C 179 16.96 2.02 33.48
CA ASP C 179 17.84 2.50 34.58
C ASP C 179 18.16 3.98 34.74
N ILE C 180 18.22 4.76 33.66
CA ILE C 180 18.77 6.14 33.67
C ILE C 180 17.94 7.24 34.40
N PHE C 181 16.62 6.98 34.46
CA PHE C 181 15.60 7.87 35.00
C PHE C 181 14.34 7.00 35.08
N ASP C 182 14.55 5.70 34.86
CA ASP C 182 13.48 4.71 34.94
C ASP C 182 13.25 4.42 36.40
N VAL C 183 13.77 5.31 37.23
CA VAL C 183 13.64 5.21 38.66
C VAL C 183 12.60 6.22 39.14
N TRP C 184 12.38 7.26 38.35
CA TRP C 184 11.32 8.22 38.61
C TRP C 184 10.02 7.49 38.82
N GLY C 185 9.88 6.36 38.13
CA GLY C 185 8.73 5.49 38.28
C GLY C 185 8.55 5.11 39.73
N ASN C 186 9.64 4.66 40.36
CA ASN C 186 9.60 4.27 41.78
C ASN C 186 9.27 5.43 42.72
N ASP C 187 9.16 6.65 42.20
CA ASP C 187 8.94 7.80 43.06
C ASP C 187 7.48 8.14 43.31
N SER C 188 7.00 7.81 44.51
CA SER C 188 5.61 7.99 44.90
C SER C 188 4.98 9.35 44.50
N ASN C 189 5.76 10.42 44.56
CA ASN C 189 5.24 11.76 44.27
C ASN C 189 5.36 12.14 42.82
N TYR C 190 6.36 11.61 42.13
CA TYR C 190 6.48 11.81 40.69
C TYR C 190 5.23 11.25 40.00
N THR C 191 5.03 9.95 40.16
CA THR C 191 3.85 9.29 39.63
C THR C 191 2.62 10.14 39.91
N LYS C 192 2.45 10.57 41.16
CA LYS C 192 1.30 11.40 41.54
C LYS C 192 1.21 12.65 40.67
N ILE C 193 2.35 13.19 40.28
CA ILE C 193 2.35 14.40 39.46
C ILE C 193 1.89 14.11 38.04
N VAL C 194 2.49 13.10 37.40
CA VAL C 194 2.05 12.74 36.06
C VAL C 194 0.58 12.29 36.09
N ALA C 195 0.23 11.50 37.10
CA ALA C 195 -1.14 11.08 37.23
C ALA C 195 -2.04 12.33 37.23
N ALA C 196 -1.68 13.36 37.97
CA ALA C 196 -2.49 14.58 38.04
C ALA C 196 -2.49 15.38 36.73
N VAL C 197 -1.34 15.49 36.08
CA VAL C 197 -1.22 16.19 34.80
C VAL C 197 -2.11 15.55 33.73
N ASP C 198 -2.20 14.24 33.76
CA ASP C 198 -3.02 13.54 32.79
C ASP C 198 -4.48 13.73 33.15
N MET C 199 -4.84 13.34 34.36
CA MET C 199 -6.22 13.44 34.84
C MET C 199 -6.78 14.84 34.61
N PHE C 200 -5.90 15.82 34.60
CA PHE C 200 -6.30 17.20 34.42
C PHE C 200 -6.53 17.50 32.95
N PHE C 201 -5.51 17.30 32.13
CA PHE C 201 -5.61 17.57 30.72
C PHE C 201 -6.55 16.58 30.06
N HIS C 202 -6.74 15.44 30.71
CA HIS C 202 -7.75 14.50 30.26
C HIS C 202 -9.11 15.15 30.36
N MET C 203 -9.29 15.95 31.41
CA MET C 203 -10.51 16.72 31.60
C MET C 203 -10.57 17.93 30.67
N PHE C 204 -9.51 18.73 30.66
CA PHE C 204 -9.43 19.90 29.79
C PHE C 204 -8.68 19.56 28.52
N LYS C 205 -9.30 18.67 27.73
CA LYS C 205 -8.69 18.09 26.54
C LYS C 205 -8.22 19.16 25.52
N LYS C 206 -8.89 20.30 25.50
CA LYS C 206 -8.61 21.33 24.50
C LYS C 206 -7.55 22.36 24.92
N HIS C 207 -6.99 22.22 26.12
CA HIS C 207 -6.03 23.18 26.64
C HIS C 207 -4.79 23.34 25.77
N GLU C 208 -4.19 24.53 25.77
CA GLU C 208 -3.01 24.76 24.96
C GLU C 208 -1.89 23.80 25.35
N CYS C 209 -1.69 23.66 26.66
CA CYS C 209 -0.60 22.82 27.18
C CYS C 209 -1.01 21.35 27.30
N ALA C 210 -2.20 21.01 26.81
CA ALA C 210 -2.65 19.63 26.88
C ALA C 210 -1.74 18.71 26.10
N SER C 211 -0.85 19.29 25.30
CA SER C 211 0.10 18.52 24.50
C SER C 211 0.97 17.68 25.42
N PHE C 212 0.97 18.05 26.72
CA PHE C 212 1.81 17.44 27.77
C PHE C 212 1.48 15.99 28.06
N ARG C 213 0.27 15.59 27.70
CA ARG C 213 -0.17 14.27 28.03
C ARG C 213 0.68 13.26 27.29
N TYR C 214 1.62 13.74 26.47
CA TYR C 214 2.31 12.80 25.60
C TYR C 214 2.91 11.62 26.37
N GLY C 215 3.57 11.90 27.50
CA GLY C 215 4.15 10.83 28.30
C GLY C 215 3.28 10.53 29.49
N THR C 216 2.47 11.51 29.88
CA THR C 216 1.66 11.41 31.06
C THR C 216 0.47 10.48 30.81
N ILE C 217 0.33 10.00 29.58
CA ILE C 217 -0.84 9.20 29.18
C ILE C 217 -0.81 7.72 29.56
N VAL C 218 0.36 7.10 29.54
CA VAL C 218 0.46 5.71 29.95
C VAL C 218 0.20 5.55 31.43
N SER C 219 -0.24 6.63 32.08
CA SER C 219 -0.63 6.58 33.49
C SER C 219 -2.11 6.22 33.70
N ARG C 220 -2.93 6.64 32.75
CA ARG C 220 -4.36 6.35 32.77
C ARG C 220 -4.59 4.87 32.53
N PHE C 221 -5.23 4.23 33.50
CA PHE C 221 -5.39 2.78 33.52
C PHE C 221 -4.05 2.08 33.45
N LYS C 222 -3.07 2.59 34.17
CA LYS C 222 -1.84 1.85 34.38
C LYS C 222 -2.21 0.67 35.27
N ASP C 223 -1.84 -0.53 34.83
CA ASP C 223 -2.14 -1.75 35.59
C ASP C 223 -3.64 -2.17 35.51
N CYS C 224 -4.33 -1.72 34.47
CA CYS C 224 -5.74 -2.10 34.27
C CYS C 224 -5.95 -2.67 32.88
N ALA C 225 -5.12 -3.65 32.53
CA ALA C 225 -5.12 -4.23 31.20
C ALA C 225 -6.35 -5.07 30.96
N ALA C 226 -6.74 -5.86 31.95
CA ALA C 226 -7.87 -6.76 31.79
C ALA C 226 -9.14 -5.94 31.62
N LEU C 227 -9.21 -4.84 32.37
CA LEU C 227 -10.31 -3.91 32.30
C LEU C 227 -10.45 -3.39 30.88
N ALA C 228 -9.31 -3.21 30.23
CA ALA C 228 -9.28 -2.58 28.92
C ALA C 228 -9.42 -3.60 27.82
N THR C 229 -9.08 -4.86 28.11
CA THR C 229 -9.25 -5.92 27.11
C THR C 229 -10.67 -6.41 27.20
N PHE C 230 -11.33 -6.06 28.30
CA PHE C 230 -12.77 -6.28 28.40
C PHE C 230 -13.42 -5.37 27.36
N GLY C 231 -13.18 -4.07 27.50
CA GLY C 231 -13.73 -3.10 26.58
C GLY C 231 -13.44 -3.36 25.12
N HIS C 232 -12.35 -4.06 24.86
CA HIS C 232 -11.89 -4.27 23.49
C HIS C 232 -12.62 -5.46 22.91
N LEU C 233 -12.70 -6.51 23.71
CA LEU C 233 -13.54 -7.67 23.39
C LEU C 233 -14.94 -7.20 23.02
N CYS C 234 -15.55 -6.40 23.89
CA CYS C 234 -16.84 -5.82 23.59
C CYS C 234 -16.82 -5.20 22.20
N LYS C 235 -15.91 -4.24 22.01
CA LYS C 235 -15.84 -3.46 20.79
C LYS C 235 -15.60 -4.31 19.59
N ILE C 236 -14.89 -5.41 19.79
CA ILE C 236 -14.43 -6.27 18.68
C ILE C 236 -15.47 -7.34 18.32
N THR C 237 -16.37 -7.61 19.28
CA THR C 237 -17.49 -8.51 19.07
C THR C 237 -18.74 -7.69 18.89
N GLY C 238 -18.57 -6.39 18.75
CA GLY C 238 -19.69 -5.48 18.61
C GLY C 238 -20.73 -5.63 19.72
N MET C 239 -20.65 -6.73 20.46
CA MET C 239 -21.55 -7.00 21.56
C MET C 239 -21.52 -6.01 22.73
N SER C 240 -22.58 -6.07 23.54
CA SER C 240 -22.76 -5.16 24.64
C SER C 240 -22.00 -5.70 25.82
N THR C 241 -21.68 -4.79 26.73
CA THR C 241 -20.85 -5.14 27.86
C THR C 241 -21.49 -6.31 28.61
N GLU C 242 -22.80 -6.22 28.80
CA GLU C 242 -23.54 -7.25 29.52
C GLU C 242 -23.63 -8.57 28.74
N ASP C 243 -23.83 -8.51 27.43
CA ASP C 243 -23.96 -9.75 26.63
C ASP C 243 -22.56 -10.41 26.55
N VAL C 244 -21.52 -9.60 26.40
CA VAL C 244 -20.16 -10.13 26.44
C VAL C 244 -19.91 -10.84 27.76
N THR C 245 -20.39 -10.24 28.84
CA THR C 245 -20.21 -10.76 30.20
C THR C 245 -20.83 -12.16 30.39
N THR C 246 -21.96 -12.42 29.75
CA THR C 246 -22.63 -13.70 29.90
C THR C 246 -21.83 -14.82 29.24
N TRP C 247 -21.07 -14.42 28.23
CA TRP C 247 -20.19 -15.30 27.48
C TRP C 247 -18.94 -15.81 28.22
N ILE C 248 -18.75 -15.32 29.45
CA ILE C 248 -17.73 -15.84 30.35
C ILE C 248 -18.16 -17.23 30.82
N LEU C 249 -17.28 -18.20 30.58
CA LEU C 249 -17.65 -19.61 30.70
C LEU C 249 -16.68 -20.39 31.58
N ASN C 250 -16.02 -19.71 32.51
CA ASN C 250 -15.09 -20.34 33.44
C ASN C 250 -15.16 -19.69 34.82
N ARG C 251 -15.36 -20.49 35.88
CA ARG C 251 -15.38 -19.94 37.24
C ARG C 251 -14.37 -18.82 37.40
N GLU C 252 -13.10 -19.11 37.15
CA GLU C 252 -12.06 -18.15 37.50
C GLU C 252 -11.95 -17.01 36.51
N VAL C 253 -12.70 -17.06 35.42
CA VAL C 253 -12.78 -15.87 34.57
C VAL C 253 -13.90 -14.97 35.04
N ALA C 254 -14.98 -15.60 35.49
CA ALA C 254 -16.10 -14.89 36.07
C ALA C 254 -15.73 -14.33 37.46
N ASP C 255 -14.89 -15.06 38.18
CA ASP C 255 -14.46 -14.60 39.49
C ASP C 255 -13.74 -13.28 39.33
N GLU C 256 -12.94 -13.19 38.28
CA GLU C 256 -12.15 -12.00 38.01
C GLU C 256 -13.03 -10.89 37.48
N MET C 257 -13.98 -11.25 36.64
CA MET C 257 -14.90 -10.28 36.09
C MET C 257 -15.64 -9.68 37.24
N VAL C 258 -15.99 -10.51 38.22
CA VAL C 258 -16.73 -10.02 39.37
C VAL C 258 -15.84 -9.08 40.15
N GLN C 259 -14.61 -9.50 40.36
CA GLN C 259 -13.62 -8.66 41.03
C GLN C 259 -13.39 -7.31 40.34
N MET C 260 -13.31 -7.32 39.01
CA MET C 260 -13.16 -6.08 38.24
C MET C 260 -14.37 -5.17 38.35
N MET C 261 -15.55 -5.75 38.12
CA MET C 261 -16.79 -4.99 38.01
C MET C 261 -17.35 -4.51 39.34
N LEU C 262 -16.61 -4.78 40.43
CA LEU C 262 -16.99 -4.32 41.76
C LEU C 262 -17.41 -2.86 41.70
N PRO C 263 -18.56 -2.56 42.32
CA PRO C 263 -19.18 -1.26 42.06
C PRO C 263 -18.60 -0.15 42.92
N GLY C 264 -19.05 1.07 42.66
CA GLY C 264 -18.64 2.22 43.44
C GLY C 264 -17.14 2.38 43.39
N GLN C 265 -16.59 2.26 42.18
CA GLN C 265 -15.16 2.41 41.94
C GLN C 265 -14.90 3.37 40.78
N GLU C 266 -15.97 3.83 40.14
CA GLU C 266 -15.91 4.88 39.14
C GLU C 266 -15.20 4.45 37.87
N ILE C 267 -15.13 3.13 37.64
CA ILE C 267 -14.54 2.58 36.42
C ILE C 267 -15.07 3.40 35.26
N ASP C 268 -16.37 3.26 35.03
CA ASP C 268 -17.07 3.89 33.93
C ASP C 268 -17.11 5.41 33.97
N LYS C 269 -16.64 6.00 35.08
CA LYS C 269 -16.85 7.42 35.30
C LYS C 269 -16.05 8.31 34.34
N ALA C 270 -16.69 9.39 33.92
CA ALA C 270 -16.15 10.36 32.98
C ALA C 270 -14.66 10.62 33.26
N ASP C 271 -14.44 11.55 34.19
CA ASP C 271 -13.12 11.95 34.63
C ASP C 271 -13.01 11.64 36.11
N SER C 272 -12.67 10.40 36.43
CA SER C 272 -12.51 9.93 37.80
C SER C 272 -11.04 9.77 38.18
N TYR C 273 -10.80 9.46 39.45
CA TYR C 273 -9.48 9.12 39.97
C TYR C 273 -9.09 7.69 39.63
N MET C 274 -10.10 6.85 39.49
CA MET C 274 -9.88 5.42 39.35
C MET C 274 -8.78 4.99 38.35
N PRO C 275 -8.75 5.61 37.14
CA PRO C 275 -7.78 5.20 36.13
C PRO C 275 -6.35 5.33 36.64
N TYR C 276 -6.18 6.14 37.68
CA TYR C 276 -4.87 6.42 38.23
C TYR C 276 -4.70 5.85 39.61
N LEU C 277 -5.56 4.89 39.96
CA LEU C 277 -5.48 4.24 41.25
C LEU C 277 -4.03 3.89 41.58
N ILE C 278 -3.26 3.46 40.57
CA ILE C 278 -1.90 2.98 40.80
C ILE C 278 -0.94 4.10 41.10
N ASP C 279 -0.92 5.11 40.21
CA ASP C 279 0.03 6.24 40.30
C ASP C 279 -0.29 7.23 41.39
N PHE C 280 -1.57 7.39 41.70
CA PHE C 280 -1.96 8.18 42.84
C PHE C 280 -1.80 7.37 44.12
N GLY C 281 -1.36 6.12 43.98
CA GLY C 281 -1.13 5.26 45.12
C GLY C 281 -2.39 4.97 45.91
N LEU C 282 -3.53 5.13 45.25
CA LEU C 282 -4.79 4.74 45.82
C LEU C 282 -4.85 3.21 45.95
N SER C 283 -3.92 2.54 45.29
CA SER C 283 -3.88 1.08 45.24
C SER C 283 -2.45 0.61 44.95
N SER C 284 -2.08 -0.55 45.49
CA SER C 284 -0.72 -1.04 45.32
C SER C 284 -0.77 -2.44 44.73
N LYS C 285 -1.96 -2.77 44.25
CA LYS C 285 -2.21 -4.03 43.59
C LYS C 285 -3.57 -3.85 42.96
N SER C 286 -3.56 -3.30 41.75
CA SER C 286 -4.78 -2.98 41.02
C SER C 286 -5.54 -4.22 40.64
N PRO C 287 -6.86 -4.23 40.94
CA PRO C 287 -7.79 -5.30 40.60
C PRO C 287 -8.18 -5.35 39.11
N TYR C 288 -7.57 -4.52 38.28
CA TYR C 288 -7.92 -4.50 36.89
C TYR C 288 -6.77 -5.03 36.03
N SER C 289 -5.72 -5.46 36.70
CA SER C 289 -4.46 -5.83 36.07
C SER C 289 -4.56 -7.15 35.33
N SER C 290 -3.80 -7.28 34.27
CA SER C 290 -3.68 -8.56 33.60
C SER C 290 -3.35 -9.65 34.61
N VAL C 291 -2.51 -9.34 35.59
CA VAL C 291 -1.96 -10.39 36.44
C VAL C 291 -2.92 -10.89 37.49
N LYS C 292 -3.82 -10.03 37.95
CA LYS C 292 -4.85 -10.45 38.89
C LYS C 292 -6.09 -10.95 38.13
N ASN C 293 -6.06 -10.80 36.81
CA ASN C 293 -7.13 -11.25 35.94
C ASN C 293 -6.56 -12.00 34.76
N PRO C 294 -5.71 -13.00 35.04
CA PRO C 294 -4.93 -13.77 34.06
C PRO C 294 -5.82 -14.56 33.13
N ALA C 295 -6.80 -15.24 33.72
CA ALA C 295 -7.74 -16.02 32.96
C ALA C 295 -8.57 -15.08 32.13
N PHE C 296 -9.06 -14.00 32.73
CA PHE C 296 -9.88 -13.09 31.95
C PHE C 296 -9.07 -12.45 30.88
N HIS C 297 -7.83 -12.16 31.18
CA HIS C 297 -7.04 -11.49 30.19
C HIS C 297 -6.81 -12.37 28.98
N PHE C 298 -6.47 -13.62 29.26
CA PHE C 298 -6.18 -14.58 28.21
C PHE C 298 -7.37 -14.76 27.30
N TRP C 299 -8.45 -15.26 27.89
CA TRP C 299 -9.70 -15.51 27.20
C TRP C 299 -10.09 -14.34 26.31
N GLY C 300 -10.33 -13.20 26.92
CA GLY C 300 -10.74 -12.02 26.18
C GLY C 300 -9.87 -11.67 25.00
N GLN C 301 -8.56 -11.84 25.13
CA GLN C 301 -7.67 -11.52 24.03
C GLN C 301 -7.68 -12.63 22.99
N LEU C 302 -7.44 -13.85 23.42
CA LEU C 302 -7.50 -15.00 22.53
C LEU C 302 -8.75 -14.91 21.68
N THR C 303 -9.87 -14.65 22.34
CA THR C 303 -11.13 -14.52 21.64
C THR C 303 -11.04 -13.39 20.62
N ALA C 304 -10.85 -12.17 21.10
CA ALA C 304 -10.66 -11.03 20.22
C ALA C 304 -9.73 -11.38 19.07
N LEU C 305 -8.60 -12.02 19.36
CA LEU C 305 -7.64 -12.40 18.31
C LEU C 305 -8.34 -13.19 17.22
N LEU C 306 -8.94 -14.30 17.61
CA LEU C 306 -9.76 -15.09 16.72
C LEU C 306 -10.73 -14.21 15.91
N LEU C 307 -11.32 -13.20 16.55
CA LEU C 307 -12.24 -12.31 15.86
C LEU C 307 -11.53 -11.19 15.11
N ARG C 308 -10.32 -11.51 14.69
CA ARG C 308 -9.54 -10.63 13.83
C ARG C 308 -8.84 -9.45 14.51
N SER C 309 -8.83 -9.40 15.84
CA SER C 309 -8.26 -8.26 16.53
C SER C 309 -6.82 -8.09 16.15
N THR C 310 -6.42 -6.85 15.91
CA THR C 310 -5.02 -6.57 15.62
C THR C 310 -4.19 -6.55 16.92
N ARG C 311 -4.70 -5.84 17.92
CA ARG C 311 -4.13 -5.80 19.26
C ARG C 311 -3.80 -7.18 19.82
N ALA C 312 -4.80 -8.02 20.01
CA ALA C 312 -4.62 -9.31 20.69
C ALA C 312 -3.42 -10.13 20.19
N ARG C 313 -3.24 -10.14 18.88
CA ARG C 313 -2.05 -10.72 18.28
C ARG C 313 -0.86 -10.73 19.25
N ASN C 314 -0.64 -9.62 19.97
CA ASN C 314 0.57 -9.42 20.79
C ASN C 314 0.40 -9.36 22.31
N ALA C 315 -0.74 -9.81 22.80
CA ALA C 315 -1.03 -9.85 24.22
C ALA C 315 -0.27 -10.99 24.80
N ARG C 316 0.31 -10.82 25.98
CA ARG C 316 1.09 -11.90 26.59
C ARG C 316 0.20 -13.07 27.02
N GLN C 317 0.76 -14.27 27.01
CA GLN C 317 0.01 -15.45 27.41
C GLN C 317 0.28 -15.66 28.89
N PRO C 318 -0.67 -15.22 29.77
CA PRO C 318 -0.49 -15.31 31.22
C PRO C 318 -0.19 -16.73 31.61
N ASP C 319 0.56 -16.90 32.69
CA ASP C 319 0.93 -18.24 33.13
C ASP C 319 -0.01 -18.73 34.24
N ASP C 320 0.09 -20.02 34.53
CA ASP C 320 -0.66 -20.63 35.64
C ASP C 320 -2.15 -20.35 35.54
N ILE C 321 -2.67 -20.44 34.32
CA ILE C 321 -4.11 -20.45 34.09
C ILE C 321 -4.52 -21.72 33.35
N GLU C 322 -5.79 -22.07 33.38
CA GLU C 322 -6.14 -23.28 32.69
C GLU C 322 -6.27 -22.97 31.21
N TYR C 323 -5.22 -23.29 30.45
CA TYR C 323 -5.16 -22.90 29.05
C TYR C 323 -6.16 -23.63 28.18
N THR C 324 -6.49 -24.85 28.56
CA THR C 324 -7.24 -25.74 27.69
C THR C 324 -8.74 -25.77 27.95
N SER C 325 -9.24 -24.71 28.58
CA SER C 325 -10.66 -24.53 28.84
C SER C 325 -10.92 -23.09 28.54
N LEU C 326 -9.86 -22.29 28.70
CA LEU C 326 -9.94 -20.88 28.37
C LEU C 326 -9.94 -20.75 26.87
N THR C 327 -9.12 -21.57 26.20
CA THR C 327 -9.07 -21.56 24.75
C THR C 327 -10.36 -22.11 24.20
N THR C 328 -10.83 -23.20 24.76
CA THR C 328 -12.07 -23.80 24.30
C THR C 328 -13.16 -22.72 24.37
N ALA C 329 -13.32 -22.11 25.54
CA ALA C 329 -14.37 -21.12 25.74
C ALA C 329 -14.13 -19.87 24.91
N GLY C 330 -12.93 -19.72 24.38
CA GLY C 330 -12.57 -18.55 23.62
C GLY C 330 -12.93 -18.83 22.20
N LEU C 331 -12.37 -19.90 21.67
CA LEU C 331 -12.77 -20.47 20.38
C LEU C 331 -14.27 -20.45 20.18
N LEU C 332 -15.01 -20.82 21.22
CA LEU C 332 -16.43 -20.96 21.06
C LEU C 332 -17.06 -19.60 20.87
N TYR C 333 -16.73 -18.70 21.77
CA TYR C 333 -17.23 -17.34 21.72
C TYR C 333 -16.80 -16.74 20.38
N ALA C 334 -15.55 -16.96 20.02
CA ALA C 334 -15.02 -16.41 18.79
C ALA C 334 -15.87 -16.97 17.67
N TYR C 335 -15.98 -18.29 17.61
CA TYR C 335 -16.80 -18.95 16.59
C TYR C 335 -18.21 -18.35 16.54
N ALA C 336 -18.95 -18.46 17.65
CA ALA C 336 -20.25 -17.81 17.74
C ALA C 336 -20.19 -16.47 17.00
N VAL C 337 -19.59 -15.47 17.63
CA VAL C 337 -19.51 -14.13 17.05
C VAL C 337 -19.04 -14.11 15.59
N GLY C 338 -18.19 -15.07 15.27
CA GLY C 338 -17.50 -15.01 14.02
C GLY C 338 -18.39 -15.45 12.91
N SER C 339 -18.65 -16.75 12.89
CA SER C 339 -19.47 -17.43 11.91
C SER C 339 -20.79 -16.71 11.70
N SER C 340 -21.59 -16.59 12.75
CA SER C 340 -22.87 -15.90 12.63
C SER C 340 -22.76 -14.38 12.80
N ALA C 341 -22.59 -13.69 11.67
CA ALA C 341 -22.38 -12.24 11.69
C ALA C 341 -23.56 -11.52 12.32
N ASP C 342 -23.72 -10.25 12.01
CA ASP C 342 -24.68 -9.39 12.70
C ASP C 342 -25.53 -8.60 11.70
N LEU C 343 -25.64 -9.14 10.49
CA LEU C 343 -26.18 -8.37 9.37
C LEU C 343 -27.59 -7.93 9.77
N ALA C 344 -28.05 -6.83 9.19
CA ALA C 344 -29.43 -6.40 9.33
C ALA C 344 -29.61 -5.10 8.58
N GLN C 345 -30.57 -5.08 7.66
CA GLN C 345 -30.84 -3.88 6.90
C GLN C 345 -30.93 -2.71 7.88
N GLN C 346 -30.32 -1.59 7.52
CA GLN C 346 -30.38 -0.44 8.41
C GLN C 346 -31.21 0.68 7.81
N PHE C 347 -31.12 0.86 6.50
CA PHE C 347 -31.88 1.92 5.82
C PHE C 347 -32.75 1.35 4.72
N CYS C 348 -33.59 2.18 4.11
CA CYS C 348 -34.54 1.68 3.12
C CYS C 348 -35.31 2.74 2.32
N VAL C 349 -36.42 2.31 1.72
CA VAL C 349 -37.36 3.22 1.09
C VAL C 349 -38.79 2.65 1.12
N GLY C 350 -39.27 2.34 2.33
CA GLY C 350 -40.52 1.62 2.49
C GLY C 350 -40.42 0.09 2.33
N ASP C 351 -39.25 -0.38 1.92
CA ASP C 351 -39.01 -1.80 1.65
C ASP C 351 -37.78 -2.33 2.40
N ASN C 352 -38.01 -3.25 3.32
CA ASN C 352 -36.95 -3.79 4.19
C ASN C 352 -37.04 -5.30 4.40
N LYS C 353 -36.01 -5.94 4.94
CA LYS C 353 -36.08 -7.39 5.10
C LYS C 353 -36.80 -7.87 6.37
N TYR C 354 -38.11 -7.98 6.30
CA TYR C 354 -38.84 -8.77 7.26
C TYR C 354 -38.24 -10.16 7.18
N THR C 355 -37.60 -10.57 8.25
CA THR C 355 -36.75 -11.76 8.24
C THR C 355 -37.43 -13.11 8.59
N PRO C 356 -38.48 -13.08 9.45
CA PRO C 356 -39.21 -14.31 9.82
C PRO C 356 -39.99 -14.94 8.67
N THR C 365 -30.62 -30.07 11.47
CA THR C 365 -29.86 -30.81 12.47
C THR C 365 -28.40 -30.32 12.64
N ASN C 366 -28.05 -30.04 13.90
CA ASN C 366 -26.68 -29.75 14.32
C ASN C 366 -25.99 -28.53 13.70
N ALA C 367 -26.64 -27.85 12.77
CA ALA C 367 -26.10 -26.61 12.24
C ALA C 367 -26.01 -25.63 13.40
N PRO C 368 -24.86 -24.96 13.52
CA PRO C 368 -24.58 -24.01 14.60
C PRO C 368 -25.70 -22.97 14.78
N PRO C 369 -25.85 -22.45 16.01
CA PRO C 369 -26.98 -21.59 16.42
C PRO C 369 -27.08 -20.27 15.71
N GLN C 370 -28.32 -19.79 15.61
CA GLN C 370 -28.68 -18.64 14.80
C GLN C 370 -27.90 -17.39 15.17
N GLY C 371 -27.93 -17.04 16.45
CA GLY C 371 -27.36 -15.79 16.90
C GLY C 371 -26.14 -15.92 17.80
N ARG C 372 -26.15 -15.18 18.90
CA ARG C 372 -25.03 -15.21 19.83
C ARG C 372 -25.50 -15.32 21.27
N ASP C 373 -26.54 -16.12 21.49
CA ASP C 373 -26.91 -16.41 22.86
C ASP C 373 -26.03 -17.50 23.43
N VAL C 374 -25.40 -17.18 24.54
CA VAL C 374 -24.53 -18.09 25.27
C VAL C 374 -25.19 -19.47 25.42
N VAL C 375 -26.43 -19.47 25.91
CA VAL C 375 -27.19 -20.70 26.16
C VAL C 375 -27.48 -21.47 24.87
N GLU C 376 -27.89 -20.76 23.84
CA GLU C 376 -28.06 -21.38 22.53
C GLU C 376 -26.75 -22.08 22.17
N TRP C 377 -25.62 -21.40 22.41
CA TRP C 377 -24.34 -21.98 22.01
C TRP C 377 -23.84 -23.06 22.97
N LEU C 378 -23.92 -22.78 24.25
CA LEU C 378 -23.62 -23.81 25.23
C LEU C 378 -24.38 -25.10 24.93
N GLY C 379 -25.70 -24.99 24.79
CA GLY C 379 -26.52 -26.11 24.37
C GLY C 379 -25.89 -26.76 23.16
N TRP C 380 -25.75 -26.01 22.08
CA TRP C 380 -25.12 -26.52 20.87
C TRP C 380 -23.80 -27.22 21.13
N PHE C 381 -23.01 -26.66 22.04
CA PHE C 381 -21.71 -27.23 22.31
C PHE C 381 -21.88 -28.58 23.03
N GLU C 382 -22.67 -28.61 24.11
CA GLU C 382 -22.97 -29.84 24.80
C GLU C 382 -23.47 -30.84 23.78
N ASP C 383 -24.20 -30.33 22.78
CA ASP C 383 -24.75 -31.15 21.70
C ASP C 383 -23.61 -31.68 20.87
N GLN C 384 -22.44 -31.05 21.02
CA GLN C 384 -21.30 -31.44 20.23
C GLN C 384 -20.34 -32.33 21.00
N ASN C 385 -20.86 -32.99 22.03
CA ASN C 385 -20.07 -33.86 22.90
C ASN C 385 -18.96 -33.07 23.61
N ARG C 386 -19.14 -31.75 23.63
CA ARG C 386 -18.31 -30.84 24.42
C ARG C 386 -16.88 -30.77 23.91
N LYS C 387 -16.72 -30.84 22.60
CA LYS C 387 -15.43 -30.92 21.93
C LYS C 387 -15.52 -30.15 20.62
N PRO C 388 -14.71 -29.08 20.48
CA PRO C 388 -14.84 -28.12 19.37
C PRO C 388 -14.82 -28.76 17.96
N THR C 389 -15.73 -28.31 17.13
CA THR C 389 -15.99 -28.93 15.83
C THR C 389 -14.98 -28.53 14.77
N PRO C 390 -14.72 -29.45 13.83
CA PRO C 390 -14.08 -29.22 12.55
C PRO C 390 -14.23 -27.80 11.98
N ASP C 391 -15.43 -27.32 11.66
CA ASP C 391 -15.45 -25.96 11.08
C ASP C 391 -14.88 -24.98 12.08
N MET C 392 -15.31 -25.04 13.34
CA MET C 392 -14.83 -24.03 14.27
C MET C 392 -13.30 -24.06 14.44
N MET C 393 -12.74 -25.25 14.56
CA MET C 393 -11.29 -25.40 14.53
C MET C 393 -10.68 -24.99 13.16
N GLN C 394 -11.46 -25.09 12.09
CA GLN C 394 -11.01 -24.54 10.81
C GLN C 394 -11.10 -23.04 10.87
N TYR C 395 -12.12 -22.51 11.55
CA TYR C 395 -12.32 -21.07 11.65
C TYR C 395 -11.16 -20.48 12.42
N ALA C 396 -10.73 -21.22 13.44
CA ALA C 396 -9.58 -20.88 14.28
C ALA C 396 -8.34 -20.90 13.43
N LYS C 397 -8.09 -22.02 12.75
CA LYS C 397 -6.96 -22.11 11.83
C LYS C 397 -6.96 -21.05 10.70
N ARG C 398 -8.13 -20.58 10.29
CA ARG C 398 -8.17 -19.49 9.31
C ARG C 398 -7.86 -18.19 10.01
N ALA C 399 -8.27 -18.07 11.27
CA ALA C 399 -7.99 -16.86 12.02
C ALA C 399 -6.48 -16.65 12.20
N VAL C 400 -5.75 -17.75 12.42
CA VAL C 400 -4.37 -17.66 12.89
C VAL C 400 -3.30 -17.98 11.86
N MET C 401 -3.55 -18.92 10.95
CA MET C 401 -2.62 -19.07 9.83
C MET C 401 -2.57 -17.71 9.19
N SER C 402 -1.53 -17.46 8.42
CA SER C 402 -1.38 -16.17 7.76
C SER C 402 -0.93 -15.02 8.72
N LEU C 403 -1.28 -15.12 10.00
CA LEU C 403 -0.60 -14.31 11.01
C LEU C 403 0.88 -14.59 10.97
N GLN C 404 1.68 -13.54 10.78
CA GLN C 404 3.13 -13.70 10.90
C GLN C 404 3.70 -12.73 11.92
N GLY C 405 5.01 -12.85 12.14
CA GLY C 405 5.70 -11.98 13.07
C GLY C 405 5.15 -12.03 14.47
N LEU C 406 4.88 -13.23 14.95
CA LEU C 406 4.29 -13.39 16.28
C LEU C 406 5.39 -13.47 17.33
N ARG C 407 5.21 -12.74 18.43
CA ARG C 407 6.23 -12.69 19.47
C ARG C 407 6.03 -13.83 20.44
N GLU C 408 7.11 -14.36 21.00
CA GLU C 408 6.96 -15.53 21.85
C GLU C 408 6.20 -15.16 23.11
N LYS C 409 5.56 -16.16 23.71
CA LYS C 409 4.75 -15.94 24.90
C LYS C 409 3.61 -14.92 24.72
N THR C 410 3.22 -14.60 23.48
CA THR C 410 1.95 -13.87 23.30
C THR C 410 0.79 -14.80 22.97
N ILE C 411 -0.43 -14.39 23.30
CA ILE C 411 -1.62 -15.15 22.93
C ILE C 411 -1.64 -15.33 21.40
N GLY C 412 -1.04 -14.40 20.68
CA GLY C 412 -0.85 -14.58 19.26
C GLY C 412 -0.10 -15.86 19.01
N LYS C 413 1.16 -15.93 19.42
CA LYS C 413 1.99 -17.12 19.18
C LYS C 413 1.33 -18.38 19.71
N TYR C 414 0.47 -18.21 20.71
CA TYR C 414 -0.18 -19.35 21.32
C TYR C 414 -1.21 -19.87 20.36
N ALA C 415 -2.10 -18.98 19.98
CA ALA C 415 -3.18 -19.33 19.08
C ALA C 415 -2.68 -19.99 17.80
N LYS C 416 -1.67 -19.41 17.17
CA LYS C 416 -1.20 -19.93 15.91
C LYS C 416 -0.69 -21.36 16.08
N SER C 417 -0.14 -21.66 17.26
CA SER C 417 0.42 -22.97 17.53
C SER C 417 -0.69 -23.91 17.90
N GLU C 418 -1.66 -23.39 18.65
CA GLU C 418 -2.82 -24.16 19.04
C GLU C 418 -3.65 -24.54 17.81
N PHE C 419 -3.69 -23.67 16.80
CA PHE C 419 -4.63 -23.84 15.69
C PHE C 419 -4.07 -24.10 14.28
N ASP C 420 -3.03 -23.39 13.84
CA ASP C 420 -2.45 -23.63 12.50
C ASP C 420 -1.53 -24.81 12.55
N LYS C 421 -2.00 -25.90 11.92
CA LYS C 421 -1.20 -27.07 11.60
C LYS C 421 -2.04 -28.09 10.80
N SER D 1 6.45 -63.11 45.96
CA SER D 1 7.72 -62.64 45.43
C SER D 1 8.73 -62.18 46.53
N VAL D 2 8.49 -62.52 47.80
CA VAL D 2 9.46 -62.22 48.85
C VAL D 2 10.69 -63.10 48.60
N THR D 3 10.45 -64.26 48.00
CA THR D 3 11.44 -65.33 47.92
C THR D 3 11.62 -65.96 46.52
N VAL D 4 12.68 -65.53 45.83
CA VAL D 4 12.97 -65.98 44.45
C VAL D 4 13.90 -67.18 44.43
N LYS D 5 13.71 -68.05 43.44
CA LYS D 5 14.60 -69.18 43.25
C LYS D 5 14.85 -69.42 41.76
N ARG D 6 16.06 -69.86 41.43
CA ARG D 6 16.38 -70.25 40.06
C ARG D 6 15.59 -71.51 39.79
N ILE D 7 15.17 -71.74 38.54
CA ILE D 7 14.55 -73.02 38.18
C ILE D 7 15.51 -74.21 38.15
N ILE D 8 16.12 -74.44 36.98
CA ILE D 8 16.74 -75.70 36.58
C ILE D 8 17.42 -76.45 37.75
N ASP D 9 18.30 -75.79 38.49
CA ASP D 9 18.94 -76.44 39.65
C ASP D 9 18.16 -76.18 40.95
N ASN D 10 17.21 -75.25 40.87
CA ASN D 10 16.27 -74.98 41.95
C ASN D 10 16.93 -74.52 43.25
N THR D 11 17.91 -73.65 43.12
CA THR D 11 18.53 -73.01 44.26
C THR D 11 17.94 -71.61 44.47
N VAL D 12 17.94 -71.14 45.71
CA VAL D 12 17.42 -69.80 45.99
C VAL D 12 18.40 -68.79 45.43
N ILE D 13 17.94 -67.56 45.36
CA ILE D 13 18.80 -66.40 45.10
C ILE D 13 18.09 -65.26 45.83
N VAL D 14 18.85 -64.36 46.46
CA VAL D 14 18.22 -63.19 47.06
C VAL D 14 18.61 -61.98 46.26
N PRO D 15 17.75 -61.57 45.31
CA PRO D 15 18.02 -60.30 44.65
C PRO D 15 17.97 -59.16 45.67
N LYS D 16 19.14 -58.58 45.87
CA LYS D 16 19.31 -57.48 46.77
C LYS D 16 20.05 -56.46 45.93
N LEU D 17 20.00 -55.20 46.30
CA LEU D 17 20.75 -54.20 45.57
C LEU D 17 21.14 -53.02 46.47
N PRO D 18 22.28 -52.37 46.17
CA PRO D 18 22.85 -51.26 46.93
C PRO D 18 21.77 -50.39 47.54
N ALA D 19 21.79 -50.23 48.86
CA ALA D 19 20.81 -49.38 49.52
C ALA D 19 20.95 -47.92 49.08
N ASN D 20 20.07 -47.06 49.59
CA ASN D 20 19.95 -45.69 49.12
C ASN D 20 19.36 -44.78 50.19
N GLU D 21 20.16 -44.46 51.20
CA GLU D 21 19.66 -43.75 52.37
C GLU D 21 19.19 -42.32 52.13
N ASP D 22 20.02 -41.37 52.55
CA ASP D 22 19.56 -40.00 52.85
C ASP D 22 18.04 -39.83 52.86
N PRO D 23 17.44 -40.06 54.04
CA PRO D 23 16.06 -39.68 54.32
C PRO D 23 15.87 -38.19 54.10
N VAL D 24 14.63 -37.75 54.05
CA VAL D 24 14.32 -36.33 53.98
C VAL D 24 14.34 -35.78 55.40
N GLU D 25 14.26 -34.46 55.53
CA GLU D 25 14.20 -33.84 56.84
C GLU D 25 13.22 -32.69 56.81
N TYR D 26 12.19 -32.79 57.66
CA TYR D 26 11.13 -31.78 57.67
C TYR D 26 11.43 -30.59 58.59
N PRO D 27 10.91 -29.39 58.25
CA PRO D 27 11.10 -28.22 59.10
C PRO D 27 10.66 -28.49 60.54
N ALA D 28 9.35 -28.68 60.71
CA ALA D 28 8.78 -28.98 62.01
C ALA D 28 9.65 -29.93 62.81
N ASP D 29 9.81 -31.15 62.30
CA ASP D 29 10.48 -32.23 63.03
C ASP D 29 11.98 -31.83 63.28
N TYR D 30 12.23 -30.51 63.32
CA TYR D 30 13.54 -29.94 63.69
C TYR D 30 13.44 -28.94 64.84
N PHE D 31 12.30 -28.28 64.96
CA PHE D 31 11.98 -27.48 66.14
C PHE D 31 11.56 -28.38 67.29
N ARG D 32 11.71 -29.67 67.09
CA ARG D 32 11.54 -30.63 68.16
C ARG D 32 12.91 -30.88 68.76
N LYS D 33 13.90 -30.16 68.25
CA LYS D 33 15.24 -30.16 68.82
C LYS D 33 15.53 -28.80 69.45
N SER D 34 15.54 -27.78 68.60
CA SER D 34 15.86 -26.41 68.98
C SER D 34 14.66 -25.47 68.74
N LYS D 35 14.63 -24.36 69.46
CA LYS D 35 13.56 -23.36 69.27
C LYS D 35 14.12 -22.03 68.73
N GLU D 36 15.29 -22.09 68.11
CA GLU D 36 15.96 -20.88 67.62
C GLU D 36 16.74 -21.18 66.35
N ILE D 37 16.74 -20.23 65.43
CA ILE D 37 17.52 -20.37 64.21
C ILE D 37 18.84 -19.59 64.31
N PRO D 38 19.88 -20.19 64.94
CA PRO D 38 21.12 -19.51 65.33
C PRO D 38 21.89 -18.89 64.17
N LEU D 39 21.93 -17.57 64.13
CA LEU D 39 22.69 -16.88 63.08
C LEU D 39 24.02 -16.38 63.64
N TYR D 40 25.03 -17.24 63.62
CA TYR D 40 26.36 -16.83 64.04
C TYR D 40 26.89 -15.70 63.15
N ILE D 41 26.83 -14.50 63.69
CA ILE D 41 27.48 -13.34 63.09
C ILE D 41 28.52 -12.84 64.06
N ASN D 42 29.79 -12.88 63.68
CA ASN D 42 30.87 -12.50 64.60
C ASN D 42 31.04 -10.99 64.80
N THR D 43 31.91 -10.40 63.99
CA THR D 43 32.51 -9.10 64.24
C THR D 43 31.28 -8.21 64.30
N THR D 44 30.64 -8.15 65.47
CA THR D 44 29.77 -7.05 65.82
C THR D 44 30.55 -5.76 66.02
N LYS D 45 31.51 -5.51 65.13
CA LYS D 45 32.31 -4.29 65.19
C LYS D 45 31.89 -3.31 64.09
N SER D 46 32.56 -2.17 64.03
CA SER D 46 32.08 -1.03 63.27
C SER D 46 31.34 -1.49 62.01
N LEU D 47 30.29 -0.75 61.64
CA LEU D 47 29.67 -0.90 60.33
C LEU D 47 30.28 0.00 59.27
N SER D 48 30.39 1.29 59.57
CA SER D 48 31.12 2.21 58.70
C SER D 48 32.34 1.45 58.17
N ASP D 49 33.04 0.80 59.11
CA ASP D 49 34.18 -0.04 58.81
C ASP D 49 33.85 -1.17 57.86
N LEU D 50 32.96 -2.08 58.28
CA LEU D 50 32.58 -3.27 57.50
C LEU D 50 32.10 -2.92 56.11
N ARG D 51 31.33 -1.85 55.98
CA ARG D 51 30.91 -1.34 54.67
C ARG D 51 32.12 -1.20 53.74
N GLY D 52 33.26 -0.79 54.30
CA GLY D 52 34.49 -0.70 53.54
C GLY D 52 35.14 -2.06 53.26
N TYR D 53 35.19 -2.93 54.26
CA TYR D 53 35.85 -4.22 54.13
C TYR D 53 35.26 -4.97 52.96
N VAL D 54 34.02 -4.63 52.62
CA VAL D 54 33.30 -5.32 51.53
C VAL D 54 33.30 -4.59 50.19
N TYR D 55 33.19 -3.25 50.21
CA TYR D 55 33.25 -2.51 48.94
C TYR D 55 34.60 -2.78 48.25
N GLN D 56 35.68 -2.65 49.02
CA GLN D 56 37.03 -2.94 48.53
C GLN D 56 37.23 -4.45 48.35
N GLY D 57 36.71 -5.24 49.28
CA GLY D 57 36.89 -6.68 49.24
C GLY D 57 36.28 -7.30 48.00
N LEU D 58 35.26 -6.63 47.45
CA LEU D 58 34.53 -7.13 46.29
C LEU D 58 35.14 -6.69 44.96
N LYS D 59 35.72 -5.50 44.94
CA LYS D 59 36.41 -5.01 43.74
C LYS D 59 37.71 -5.83 43.56
N SER D 60 37.66 -7.09 43.98
CA SER D 60 38.80 -7.99 43.93
C SER D 60 38.38 -9.38 44.39
N GLY D 61 39.11 -10.39 43.93
CA GLY D 61 38.70 -11.77 44.14
C GLY D 61 38.60 -12.25 45.57
N ASN D 62 38.84 -11.36 46.53
CA ASN D 62 38.89 -11.79 47.90
C ASN D 62 38.14 -10.89 48.86
N VAL D 63 36.95 -11.34 49.22
CA VAL D 63 36.20 -10.75 50.33
C VAL D 63 35.63 -11.88 51.17
N SER D 64 35.89 -11.84 52.48
CA SER D 64 35.48 -12.92 53.34
C SER D 64 33.99 -12.96 53.51
N ILE D 65 33.42 -14.15 53.36
CA ILE D 65 32.00 -14.31 53.62
C ILE D 65 31.69 -13.80 55.02
N ILE D 66 32.51 -14.16 55.99
CA ILE D 66 32.32 -13.74 57.38
C ILE D 66 32.12 -12.23 57.46
N HIS D 67 32.81 -11.50 56.59
CA HIS D 67 32.66 -10.04 56.52
C HIS D 67 31.32 -9.60 55.93
N VAL D 68 30.98 -10.11 54.75
CA VAL D 68 29.71 -9.74 54.14
C VAL D 68 28.60 -10.00 55.15
N ASN D 69 28.59 -11.21 55.72
CA ASN D 69 27.65 -11.57 56.78
C ASN D 69 27.48 -10.42 57.75
N SER D 70 28.56 -10.13 58.47
CA SER D 70 28.54 -9.09 59.46
C SER D 70 28.12 -7.74 58.85
N TYR D 71 28.50 -7.50 57.60
CA TYR D 71 28.11 -6.23 56.99
C TYR D 71 26.61 -6.13 56.85
N LEU D 72 25.99 -7.22 56.37
CA LEU D 72 24.55 -7.28 56.24
C LEU D 72 23.85 -7.07 57.58
N TYR D 73 24.27 -7.79 58.62
CA TYR D 73 23.70 -7.56 59.94
C TYR D 73 23.67 -6.06 60.23
N GLY D 74 24.72 -5.38 59.83
CA GLY D 74 24.86 -3.97 60.13
C GLY D 74 23.88 -3.13 59.35
N ALA D 75 23.80 -3.39 58.06
CA ALA D 75 22.98 -2.57 57.18
C ALA D 75 21.50 -2.90 57.39
N LEU D 76 21.24 -4.12 57.81
CA LEU D 76 19.88 -4.60 57.92
C LEU D 76 19.40 -4.68 59.37
N LYS D 77 19.46 -3.56 60.08
CA LYS D 77 18.68 -3.43 61.29
C LYS D 77 17.76 -2.24 61.16
N ASP D 78 17.23 -2.09 59.94
CA ASP D 78 15.98 -1.39 59.72
C ASP D 78 14.95 -2.13 60.57
N ILE D 79 15.00 -1.81 61.86
CA ILE D 79 14.11 -2.40 62.85
C ILE D 79 12.67 -1.99 62.48
N ARG D 80 12.53 -1.52 61.24
CA ARG D 80 11.26 -1.11 60.65
C ARG D 80 10.40 -2.32 60.37
N GLY D 81 9.08 -2.13 60.37
CA GLY D 81 8.14 -3.20 60.14
C GLY D 81 7.20 -3.44 61.31
N LYS D 82 6.00 -2.86 61.23
CA LYS D 82 4.99 -3.00 62.29
C LYS D 82 4.01 -4.13 62.00
N LEU D 83 4.18 -5.26 62.66
CA LEU D 83 3.26 -6.38 62.50
C LEU D 83 1.80 -5.98 62.68
N ASP D 84 1.14 -5.67 61.58
CA ASP D 84 -0.28 -5.31 61.64
C ASP D 84 -1.11 -6.45 62.25
N LYS D 85 -0.67 -7.68 62.00
CA LYS D 85 -1.31 -8.87 62.54
C LYS D 85 -0.46 -9.52 63.63
N ASP D 86 -0.60 -10.82 63.76
CA ASP D 86 0.22 -11.62 64.67
C ASP D 86 1.35 -12.20 63.83
N TRP D 87 2.14 -13.10 64.41
CA TRP D 87 3.19 -13.79 63.66
C TRP D 87 3.93 -14.86 64.48
N SER D 88 3.60 -16.12 64.24
CA SER D 88 4.30 -17.23 64.88
C SER D 88 4.60 -18.28 63.83
N SER D 89 5.25 -19.37 64.25
CA SER D 89 5.57 -20.46 63.34
C SER D 89 6.31 -21.60 64.04
N PHE D 90 5.68 -22.76 64.13
CA PHE D 90 6.34 -23.96 64.68
C PHE D 90 6.50 -23.88 66.19
N GLY D 91 5.84 -22.92 66.80
CA GLY D 91 5.97 -22.71 68.22
C GLY D 91 6.62 -21.37 68.48
N ILE D 92 7.56 -21.04 67.62
CA ILE D 92 8.31 -19.78 67.69
C ILE D 92 7.41 -18.55 67.54
N ASN D 93 7.28 -17.76 68.60
CA ASN D 93 6.66 -16.44 68.48
C ASN D 93 7.63 -15.55 67.72
N ILE D 94 7.11 -14.56 67.01
CA ILE D 94 7.99 -13.60 66.34
C ILE D 94 7.51 -12.18 66.64
N GLY D 95 6.21 -12.07 66.93
CA GLY D 95 5.65 -10.78 67.25
C GLY D 95 4.14 -10.83 67.26
N LYS D 96 3.54 -10.29 68.32
CA LYS D 96 2.09 -10.25 68.45
C LYS D 96 1.59 -8.85 68.09
N ALA D 97 0.33 -8.57 68.43
CA ALA D 97 -0.06 -7.23 68.86
C ALA D 97 0.84 -6.17 68.23
N GLY D 98 0.85 -6.12 66.90
CA GLY D 98 1.49 -5.04 66.19
C GLY D 98 2.80 -4.62 66.81
N ASP D 99 3.37 -5.51 67.62
CA ASP D 99 4.82 -5.58 67.78
C ASP D 99 5.54 -4.91 66.61
N THR D 100 6.49 -4.03 66.94
CA THR D 100 7.43 -3.53 65.93
C THR D 100 8.74 -4.35 65.92
N ILE D 101 9.04 -4.96 64.77
CA ILE D 101 10.18 -5.87 64.69
C ILE D 101 11.00 -5.76 63.40
N GLY D 102 12.24 -6.25 63.46
CA GLY D 102 13.18 -6.15 62.36
C GLY D 102 13.68 -7.49 61.84
N ILE D 103 14.52 -7.43 60.81
CA ILE D 103 14.86 -8.62 60.02
C ILE D 103 15.49 -9.76 60.83
N PHE D 104 15.80 -9.54 62.10
CA PHE D 104 16.60 -10.52 62.81
C PHE D 104 16.00 -11.04 64.12
N ASP D 105 14.70 -10.86 64.31
CA ASP D 105 14.05 -11.43 65.48
C ASP D 105 13.95 -12.93 65.25
N LEU D 106 14.92 -13.39 64.46
CA LEU D 106 15.14 -14.78 64.11
C LEU D 106 16.58 -15.12 64.60
N VAL D 107 16.71 -14.90 65.92
CA VAL D 107 17.69 -15.47 66.88
C VAL D 107 19.21 -15.42 66.60
N SER D 108 19.82 -14.25 66.85
CA SER D 108 21.24 -13.99 66.54
C SER D 108 22.24 -14.48 67.59
N LEU D 109 23.38 -15.00 67.12
CA LEU D 109 24.49 -15.35 68.01
C LEU D 109 25.76 -14.55 67.68
N LYS D 110 26.94 -15.15 67.86
CA LYS D 110 28.21 -14.53 67.50
C LYS D 110 29.33 -15.56 67.68
N ALA D 111 30.27 -15.63 66.74
CA ALA D 111 31.20 -16.77 66.70
C ALA D 111 32.71 -16.55 67.02
N LEU D 112 33.56 -16.86 66.05
CA LEU D 112 34.99 -17.10 66.27
C LEU D 112 35.92 -15.86 66.18
N ASP D 113 37.17 -16.06 65.76
CA ASP D 113 38.23 -15.06 65.97
C ASP D 113 38.88 -14.42 64.74
N GLY D 114 39.05 -15.20 63.67
CA GLY D 114 39.75 -14.73 62.49
C GLY D 114 38.97 -13.75 61.62
N VAL D 115 39.61 -12.62 61.33
CA VAL D 115 39.05 -11.59 60.44
C VAL D 115 40.17 -10.83 59.73
N LEU D 116 39.95 -10.50 58.45
CA LEU D 116 41.05 -10.05 57.58
C LEU D 116 41.57 -8.60 57.77
N PRO D 117 41.15 -7.62 56.93
CA PRO D 117 41.84 -6.32 56.99
C PRO D 117 41.96 -5.66 58.39
N ASP D 118 42.94 -4.77 58.57
CA ASP D 118 43.09 -4.06 59.84
C ASP D 118 42.06 -2.94 59.93
N GLY D 119 42.15 -2.14 60.98
CA GLY D 119 41.19 -1.07 61.24
C GLY D 119 40.28 -0.57 60.12
N VAL D 120 40.86 -0.24 58.96
CA VAL D 120 40.14 0.51 57.92
C VAL D 120 40.57 0.15 56.47
N SER D 121 39.72 -0.55 55.73
CA SER D 121 40.04 -0.85 54.34
C SER D 121 40.24 0.34 53.40
N ASP D 122 39.39 1.33 53.58
CA ASP D 122 39.53 2.73 53.13
C ASP D 122 38.28 3.55 53.49
N ALA D 123 38.52 4.76 54.01
CA ALA D 123 37.47 5.64 54.51
C ALA D 123 36.45 6.04 53.43
N SER D 124 36.72 5.57 52.20
CA SER D 124 35.95 5.95 51.02
C SER D 124 34.43 5.92 51.22
N ARG D 125 33.92 4.77 51.64
CA ARG D 125 32.49 4.51 51.55
C ARG D 125 31.56 5.15 52.60
N THR D 126 30.81 6.14 52.11
CA THR D 126 29.70 6.78 52.81
C THR D 126 28.52 5.83 52.94
N SER D 127 27.45 6.30 53.58
CA SER D 127 26.24 5.49 53.71
C SER D 127 25.32 5.50 52.47
N ALA D 128 25.92 5.64 51.29
CA ALA D 128 25.37 5.05 50.08
C ALA D 128 25.62 3.58 50.37
N ASP D 129 24.80 3.09 51.29
CA ASP D 129 25.11 1.95 52.14
C ASP D 129 24.01 0.96 51.94
N ASP D 130 23.19 0.84 52.97
CA ASP D 130 21.99 0.01 52.93
C ASP D 130 21.30 0.24 51.59
N LYS D 131 21.26 1.50 51.19
CA LYS D 131 20.63 1.92 49.96
C LYS D 131 20.70 0.86 48.85
N TRP D 132 21.85 0.20 48.71
CA TRP D 132 22.05 -0.79 47.66
C TRP D 132 23.00 -1.91 48.01
N LEU D 133 24.23 -1.57 48.41
CA LEU D 133 25.25 -2.57 48.74
C LEU D 133 24.68 -3.88 49.31
N PRO D 134 23.75 -3.80 50.26
CA PRO D 134 23.22 -5.07 50.75
C PRO D 134 22.45 -5.77 49.64
N LEU D 135 21.53 -5.06 49.00
CA LEU D 135 20.80 -5.56 47.82
C LEU D 135 21.78 -6.31 46.94
N TYR D 136 22.75 -5.58 46.41
CA TYR D 136 23.77 -6.14 45.57
C TYR D 136 24.35 -7.42 46.16
N LEU D 137 24.69 -7.37 47.45
CA LEU D 137 25.31 -8.52 48.10
C LEU D 137 24.40 -9.73 48.10
N LEU D 138 23.17 -9.50 48.55
CA LEU D 138 22.14 -10.52 48.61
C LEU D 138 21.86 -11.00 47.18
N GLY D 139 21.81 -10.07 46.25
CA GLY D 139 21.59 -10.39 44.86
C GLY D 139 22.58 -11.38 44.28
N LEU D 140 23.75 -11.45 44.89
CA LEU D 140 24.75 -12.39 44.44
C LEU D 140 24.49 -13.82 44.94
N TYR D 141 23.51 -13.99 45.82
CA TYR D 141 23.14 -15.33 46.25
C TYR D 141 22.49 -15.94 45.04
N ARG D 142 21.60 -15.15 44.45
CA ARG D 142 20.81 -15.51 43.28
C ARG D 142 21.69 -15.84 42.09
N VAL D 143 22.69 -14.99 41.87
CA VAL D 143 23.55 -15.15 40.71
C VAL D 143 24.42 -16.39 40.89
N GLY D 144 24.87 -16.63 42.11
CA GLY D 144 25.77 -17.74 42.37
C GLY D 144 25.23 -19.12 42.05
N ARG D 145 23.92 -19.29 42.27
CA ARG D 145 23.27 -20.58 42.09
C ARG D 145 23.18 -21.04 40.63
N THR D 146 23.45 -20.16 39.68
CA THR D 146 23.14 -20.44 38.26
C THR D 146 24.36 -20.87 37.43
N GLN D 147 24.16 -21.05 36.12
CA GLN D 147 25.17 -21.69 35.26
C GLN D 147 25.34 -21.25 33.77
N MET D 148 24.30 -20.73 33.12
CA MET D 148 24.37 -20.34 31.68
C MET D 148 24.29 -18.81 31.48
N PRO D 149 24.38 -18.29 30.22
CA PRO D 149 24.25 -16.84 30.00
C PRO D 149 23.11 -16.21 30.78
N GLU D 150 22.41 -17.00 31.61
CA GLU D 150 21.49 -16.49 32.62
C GLU D 150 22.29 -15.79 33.71
N TYR D 151 23.47 -16.33 34.03
CA TYR D 151 24.35 -15.65 34.97
C TYR D 151 24.54 -14.18 34.57
N ARG D 152 24.93 -13.93 33.32
CA ARG D 152 25.16 -12.56 32.89
C ARG D 152 23.82 -11.83 32.71
N LYS D 153 22.78 -12.57 32.34
CA LYS D 153 21.43 -12.02 32.33
C LYS D 153 21.08 -11.60 33.74
N LYS D 154 21.28 -12.51 34.69
CA LYS D 154 20.88 -12.31 36.08
C LYS D 154 21.69 -11.23 36.76
N LEU D 155 23.00 -11.24 36.58
CA LEU D 155 23.82 -10.16 37.11
C LEU D 155 23.42 -8.85 36.45
N MET D 156 23.44 -8.83 35.11
CA MET D 156 23.21 -7.58 34.38
C MET D 156 21.90 -6.86 34.75
N ASP D 157 20.98 -7.57 35.37
CA ASP D 157 19.74 -6.94 35.81
C ASP D 157 19.70 -6.88 37.34
N GLY D 158 20.33 -7.87 37.96
CA GLY D 158 20.51 -7.84 39.40
C GLY D 158 21.64 -6.89 39.68
N LEU D 159 21.83 -6.00 38.69
CA LEU D 159 22.73 -4.85 38.74
C LEU D 159 22.14 -3.56 38.11
N THR D 160 20.95 -3.63 37.51
CA THR D 160 20.25 -2.38 37.23
C THR D 160 19.24 -2.15 38.36
N ASN D 161 19.29 -2.99 39.38
CA ASN D 161 18.45 -2.81 40.55
C ASN D 161 19.14 -1.97 41.63
N GLN D 162 20.45 -1.85 41.53
CA GLN D 162 21.17 -0.94 42.40
C GLN D 162 21.32 0.39 41.68
N CYS D 163 20.80 0.47 40.46
CA CYS D 163 20.74 1.75 39.78
C CYS D 163 19.39 2.36 40.05
N LYS D 164 18.75 1.90 41.12
CA LYS D 164 17.58 2.58 41.66
C LYS D 164 17.97 3.48 42.82
N MET D 165 19.28 3.72 42.97
CA MET D 165 19.94 3.57 44.26
C MET D 165 21.07 4.49 44.70
N ILE D 166 21.58 5.29 43.77
CA ILE D 166 23.01 5.48 43.63
C ILE D 166 23.83 4.93 42.47
N ASN D 167 23.15 4.70 41.35
CA ASN D 167 23.78 4.07 40.18
C ASN D 167 25.27 4.32 39.87
N GLU D 168 26.11 3.37 40.26
CA GLU D 168 27.40 3.18 39.61
C GLU D 168 27.55 1.74 39.12
N GLN D 169 28.31 1.54 38.05
CA GLN D 169 27.97 0.56 37.03
C GLN D 169 28.09 -0.85 37.57
N PHE D 170 29.31 -1.25 37.93
CA PHE D 170 29.58 -2.64 38.28
C PHE D 170 31.05 -2.82 38.68
N GLU D 171 31.41 -4.05 39.03
CA GLU D 171 31.92 -4.34 40.36
C GLU D 171 33.10 -5.31 40.29
N PRO D 172 32.82 -6.60 40.49
CA PRO D 172 33.84 -7.63 40.40
C PRO D 172 34.08 -8.08 38.95
N LEU D 173 35.10 -8.91 38.76
CA LEU D 173 35.76 -9.00 37.46
C LEU D 173 35.24 -10.16 36.64
N VAL D 174 35.62 -11.38 37.04
CA VAL D 174 35.29 -12.58 36.28
C VAL D 174 33.78 -12.77 36.17
N PRO D 175 33.30 -13.14 34.96
CA PRO D 175 31.87 -13.45 34.76
C PRO D 175 31.32 -14.45 35.80
N GLU D 176 31.57 -15.74 35.58
CA GLU D 176 31.17 -16.73 36.55
C GLU D 176 32.03 -18.00 36.58
N GLY D 177 31.36 -19.15 36.57
CA GLY D 177 31.99 -20.45 36.71
C GLY D 177 31.45 -21.15 37.94
N ARG D 178 30.37 -20.60 38.49
CA ARG D 178 29.94 -20.99 39.80
C ARG D 178 31.19 -21.14 40.62
N ASP D 179 31.90 -20.01 40.87
CA ASP D 179 33.14 -19.97 41.70
C ASP D 179 33.59 -18.69 42.44
N ILE D 180 33.29 -17.51 41.89
CA ILE D 180 33.79 -16.20 42.38
C ILE D 180 33.25 -15.69 43.76
N PHE D 181 32.07 -16.19 44.11
CA PHE D 181 31.31 -15.80 45.29
C PHE D 181 30.13 -16.80 45.35
N ASP D 182 30.22 -17.79 44.47
CA ASP D 182 29.24 -18.86 44.40
C ASP D 182 29.53 -19.80 45.55
N VAL D 183 30.33 -19.30 46.48
CA VAL D 183 30.72 -20.06 47.66
C VAL D 183 29.97 -19.54 48.86
N TRP D 184 29.48 -18.31 48.76
CA TRP D 184 28.62 -17.74 49.78
C TRP D 184 27.45 -18.68 50.03
N GLY D 185 27.05 -19.38 48.97
CA GLY D 185 26.02 -20.39 49.05
C GLY D 185 26.38 -21.38 50.13
N ASN D 186 27.58 -21.93 50.06
CA ASN D 186 28.03 -22.91 51.05
C ASN D 186 28.05 -22.39 52.49
N ASP D 187 27.77 -21.10 52.67
CA ASP D 187 27.94 -20.51 54.00
C ASP D 187 26.68 -20.53 54.84
N SER D 188 26.67 -21.42 55.81
CA SER D 188 25.52 -21.63 56.70
C SER D 188 24.83 -20.35 57.20
N ASN D 189 25.62 -19.33 57.51
CA ASN D 189 25.06 -18.09 58.06
C ASN D 189 24.65 -17.09 57.01
N TYR D 190 25.34 -17.10 55.87
CA TYR D 190 24.94 -16.25 54.76
C TYR D 190 23.52 -16.61 54.35
N THR D 191 23.35 -17.86 53.93
CA THR D 191 22.06 -18.38 53.57
C THR D 191 21.00 -17.95 54.60
N LYS D 192 21.30 -18.15 55.88
CA LYS D 192 20.38 -17.78 56.95
C LYS D 192 20.02 -16.30 56.87
N ILE D 193 20.96 -15.46 56.45
CA ILE D 193 20.70 -14.04 56.33
C ILE D 193 19.74 -13.75 55.18
N VAL D 194 20.03 -14.28 53.99
CA VAL D 194 19.15 -14.03 52.85
C VAL D 194 17.79 -14.63 53.14
N ALA D 195 17.79 -15.81 53.74
CA ALA D 195 16.53 -16.45 54.08
C ALA D 195 15.71 -15.51 54.95
N ALA D 196 16.33 -14.87 55.93
CA ALA D 196 15.64 -13.94 56.83
C ALA D 196 15.20 -12.66 56.12
N VAL D 197 16.04 -12.12 55.25
CA VAL D 197 15.73 -10.90 54.53
C VAL D 197 14.50 -11.08 53.66
N ASP D 198 14.40 -12.26 53.06
CA ASP D 198 13.28 -12.58 52.21
C ASP D 198 12.02 -12.80 53.04
N MET D 199 12.10 -13.78 53.94
CA MET D 199 11.02 -14.08 54.85
C MET D 199 10.43 -12.82 55.50
N PHE D 200 11.27 -11.82 55.72
CA PHE D 200 10.88 -10.58 56.35
C PHE D 200 10.16 -9.70 55.34
N PHE D 201 10.85 -9.34 54.27
CA PHE D 201 10.25 -8.50 53.25
C PHE D 201 9.11 -9.20 52.56
N HIS D 202 9.12 -10.53 52.62
CA HIS D 202 7.98 -11.29 52.13
C HIS D 202 6.75 -10.96 52.95
N MET D 203 6.96 -10.78 54.25
CA MET D 203 5.89 -10.37 55.15
C MET D 203 5.54 -8.89 55.03
N PHE D 204 6.56 -8.03 55.05
CA PHE D 204 6.36 -6.59 54.87
C PHE D 204 6.60 -6.22 53.43
N LYS D 205 5.71 -6.71 52.56
CA LYS D 205 5.87 -6.61 51.12
C LYS D 205 5.96 -5.16 50.63
N LYS D 206 5.38 -4.23 51.39
CA LYS D 206 5.30 -2.83 50.97
C LYS D 206 6.45 -1.94 51.44
N HIS D 207 7.39 -2.52 52.17
CA HIS D 207 8.50 -1.77 52.75
C HIS D 207 9.36 -1.05 51.70
N GLU D 208 9.95 0.06 52.08
CA GLU D 208 10.76 0.82 51.14
C GLU D 208 11.91 -0.06 50.64
N CYS D 209 12.57 -0.73 51.58
CA CYS D 209 13.75 -1.52 51.26
C CYS D 209 13.39 -2.92 50.80
N ALA D 210 12.11 -3.19 50.62
CA ALA D 210 11.67 -4.50 50.16
C ALA D 210 12.20 -4.82 48.77
N SER D 211 12.76 -3.82 48.10
CA SER D 211 13.37 -4.01 46.79
C SER D 211 14.53 -5.01 46.85
N PHE D 212 14.98 -5.28 48.08
CA PHE D 212 16.12 -6.15 48.38
C PHE D 212 15.87 -7.60 48.06
N ARG D 213 14.60 -7.96 47.96
CA ARG D 213 14.25 -9.36 47.72
C ARG D 213 14.75 -9.80 46.36
N TYR D 214 15.33 -8.87 45.60
CA TYR D 214 15.68 -9.19 44.23
C TYR D 214 16.49 -10.47 44.15
N GLY D 215 17.53 -10.61 44.97
CA GLY D 215 18.32 -11.82 44.94
C GLY D 215 17.91 -12.77 46.04
N THR D 216 17.31 -12.20 47.08
CA THR D 216 16.98 -12.97 48.26
C THR D 216 15.77 -13.88 47.97
N ILE D 217 15.20 -13.75 46.79
CA ILE D 217 13.93 -14.43 46.47
C ILE D 217 14.05 -15.89 46.08
N VAL D 218 15.12 -16.27 45.40
CA VAL D 218 15.33 -17.66 45.04
C VAL D 218 15.58 -18.53 46.28
N SER D 219 15.42 -17.94 47.46
CA SER D 219 15.61 -18.69 48.68
C SER D 219 14.30 -19.33 49.15
N ARG D 220 13.20 -18.62 48.87
CA ARG D 220 11.85 -19.09 49.19
C ARG D 220 11.50 -20.33 48.36
N PHE D 221 11.22 -21.42 49.08
CA PHE D 221 11.05 -22.73 48.46
C PHE D 221 12.27 -23.11 47.61
N LYS D 222 13.45 -22.86 48.16
CA LYS D 222 14.65 -23.42 47.58
C LYS D 222 14.59 -24.90 47.87
N ASP D 223 14.75 -25.72 46.83
CA ASP D 223 14.72 -27.17 46.93
C ASP D 223 13.29 -27.71 47.15
N CYS D 224 12.28 -26.94 46.74
CA CYS D 224 10.89 -27.39 46.86
C CYS D 224 10.17 -27.30 45.51
N ALA D 225 10.79 -27.88 44.49
CA ALA D 225 10.30 -27.75 43.13
C ALA D 225 9.07 -28.60 42.90
N ALA D 226 9.05 -29.80 43.48
CA ALA D 226 7.90 -30.69 43.30
C ALA D 226 6.66 -30.10 43.99
N LEU D 227 6.89 -29.51 45.14
CA LEU D 227 5.86 -28.78 45.87
C LEU D 227 5.24 -27.72 45.00
N ALA D 228 6.07 -27.07 44.20
CA ALA D 228 5.64 -25.94 43.42
C ALA D 228 5.13 -26.35 42.05
N THR D 229 5.53 -27.53 41.59
CA THR D 229 4.97 -28.04 40.33
C THR D 229 3.66 -28.72 40.64
N PHE D 230 3.43 -29.02 41.91
CA PHE D 230 2.13 -29.45 42.35
C PHE D 230 1.18 -28.27 42.15
N GLY D 231 1.47 -27.16 42.82
CA GLY D 231 0.64 -25.98 42.72
C GLY D 231 0.37 -25.52 41.29
N HIS D 232 1.29 -25.84 40.40
CA HIS D 232 1.25 -25.34 39.03
C HIS D 232 0.33 -26.23 38.23
N LEU D 233 0.48 -27.54 38.45
CA LEU D 233 -0.41 -28.54 37.90
C LEU D 233 -1.85 -28.16 38.23
N CYS D 234 -2.09 -27.92 39.53
CA CYS D 234 -3.40 -27.49 39.99
C CYS D 234 -3.87 -26.32 39.17
N LYS D 235 -3.09 -25.24 39.20
CA LYS D 235 -3.40 -24.01 38.50
C LYS D 235 -3.64 -24.19 37.01
N ILE D 236 -2.92 -25.14 36.41
CA ILE D 236 -2.91 -25.32 34.96
C ILE D 236 -4.03 -26.27 34.51
N THR D 237 -4.52 -27.07 35.46
CA THR D 237 -5.67 -27.93 35.20
C THR D 237 -6.87 -27.30 35.87
N GLY D 238 -6.70 -26.07 36.34
CA GLY D 238 -7.77 -25.36 37.03
C GLY D 238 -8.37 -26.14 38.18
N MET D 239 -8.06 -27.43 38.25
CA MET D 239 -8.55 -28.33 39.30
C MET D 239 -8.07 -27.99 40.70
N SER D 240 -8.76 -28.58 41.67
CA SER D 240 -8.54 -28.28 43.07
C SER D 240 -7.44 -29.17 43.52
N THR D 241 -6.77 -28.72 44.58
CA THR D 241 -5.59 -29.41 45.07
C THR D 241 -5.94 -30.88 45.36
N GLU D 242 -7.11 -31.10 45.94
CA GLU D 242 -7.56 -32.45 46.30
C GLU D 242 -7.97 -33.27 45.08
N ASP D 243 -8.60 -32.64 44.10
CA ASP D 243 -9.03 -33.36 42.90
C ASP D 243 -7.77 -33.69 42.06
N VAL D 244 -6.83 -32.78 41.99
CA VAL D 244 -5.57 -33.06 41.32
C VAL D 244 -4.90 -34.27 41.97
N THR D 245 -4.99 -34.34 43.29
CA THR D 245 -4.33 -35.37 44.09
C THR D 245 -4.85 -36.77 43.81
N THR D 246 -6.14 -36.87 43.49
CA THR D 246 -6.74 -38.17 43.24
C THR D 246 -6.25 -38.71 41.92
N TRP D 247 -5.87 -37.78 41.06
CA TRP D 247 -5.35 -38.10 39.73
C TRP D 247 -3.93 -38.68 39.71
N ILE D 248 -3.31 -38.78 40.88
CA ILE D 248 -2.04 -39.49 41.03
C ILE D 248 -2.30 -40.98 40.86
N LEU D 249 -1.61 -41.58 39.89
CA LEU D 249 -1.93 -42.93 39.44
C LEU D 249 -0.75 -43.89 39.51
N ASN D 250 0.23 -43.60 40.37
CA ASN D 250 1.41 -44.46 40.54
C ASN D 250 1.83 -44.52 42.01
N ARG D 251 2.04 -45.73 42.53
CA ARG D 251 2.47 -45.87 43.92
C ARG D 251 3.50 -44.80 44.27
N GLU D 252 4.60 -44.76 43.52
CA GLU D 252 5.72 -43.92 43.91
C GLU D 252 5.52 -42.44 43.61
N VAL D 253 4.44 -42.08 42.92
CA VAL D 253 4.10 -40.66 42.84
C VAL D 253 3.23 -40.25 44.02
N ALA D 254 2.38 -41.18 44.45
CA ALA D 254 1.53 -40.98 45.62
C ALA D 254 2.39 -41.06 46.86
N ASP D 255 3.39 -41.93 46.84
CA ASP D 255 4.27 -42.07 47.99
C ASP D 255 4.91 -40.72 48.27
N GLU D 256 5.30 -40.06 47.20
CA GLU D 256 5.99 -38.75 47.28
C GLU D 256 5.01 -37.66 47.65
N MET D 257 3.80 -37.76 47.09
CA MET D 257 2.76 -36.81 47.39
C MET D 257 2.49 -36.92 48.88
N VAL D 258 2.51 -38.14 49.39
CA VAL D 258 2.24 -38.35 50.80
C VAL D 258 3.35 -37.73 51.61
N GLN D 259 4.58 -37.98 51.17
CA GLN D 259 5.77 -37.43 51.81
C GLN D 259 5.72 -35.91 51.84
N MET D 260 5.33 -35.31 50.71
CA MET D 260 5.23 -33.85 50.62
C MET D 260 4.20 -33.25 51.55
N MET D 261 2.99 -33.82 51.48
CA MET D 261 1.81 -33.29 52.15
C MET D 261 1.79 -33.55 53.64
N LEU D 262 2.83 -34.19 54.16
CA LEU D 262 2.97 -34.43 55.58
C LEU D 262 2.61 -33.18 56.37
N PRO D 263 1.74 -33.36 57.38
CA PRO D 263 1.11 -32.19 58.00
C PRO D 263 1.99 -31.50 59.03
N GLY D 264 1.49 -30.40 59.59
CA GLY D 264 2.19 -29.67 60.62
C GLY D 264 3.56 -29.30 60.15
N GLN D 265 3.64 -28.78 58.93
CA GLN D 265 4.90 -28.34 58.33
C GLN D 265 4.77 -26.93 57.78
N GLU D 266 3.56 -26.38 57.84
CA GLU D 266 3.30 -24.99 57.47
C GLU D 266 3.50 -24.68 55.99
N ILE D 267 3.48 -25.73 55.15
CA ILE D 267 3.55 -25.57 53.69
C ILE D 267 2.65 -24.41 53.29
N ASP D 268 1.35 -24.64 53.45
CA ASP D 268 0.31 -23.68 53.10
C ASP D 268 0.34 -22.36 53.87
N LYS D 269 1.19 -22.27 54.89
CA LYS D 269 1.12 -21.15 55.83
C LYS D 269 1.54 -19.84 55.22
N ALA D 270 0.79 -18.78 55.58
CA ALA D 270 1.02 -17.41 55.11
C ALA D 270 2.51 -17.08 55.00
N ASP D 271 3.07 -16.66 56.13
CA ASP D 271 4.46 -16.32 56.22
C ASP D 271 5.12 -17.23 57.24
N SER D 272 5.51 -18.42 56.78
CA SER D 272 6.11 -19.43 57.64
C SER D 272 7.61 -19.53 57.40
N TYR D 273 8.27 -20.33 58.23
CA TYR D 273 9.70 -20.67 58.07
C TYR D 273 9.89 -21.73 57.00
N MET D 274 8.87 -22.57 56.80
CA MET D 274 9.00 -23.73 55.93
C MET D 274 9.65 -23.48 54.56
N PRO D 275 9.26 -22.38 53.87
CA PRO D 275 9.81 -22.11 52.53
C PRO D 275 11.31 -22.03 52.54
N TYR D 276 11.88 -21.78 53.72
CA TYR D 276 13.31 -21.58 53.86
C TYR D 276 13.95 -22.69 54.67
N LEU D 277 13.24 -23.80 54.83
CA LEU D 277 13.78 -24.94 55.54
C LEU D 277 15.23 -25.20 55.15
N ILE D 278 15.56 -25.04 53.87
CA ILE D 278 16.90 -25.33 53.38
C ILE D 278 17.95 -24.31 53.83
N ASP D 279 17.68 -23.02 53.59
CA ASP D 279 18.63 -21.94 53.91
C ASP D 279 18.72 -21.60 55.39
N PHE D 280 17.65 -21.78 56.12
CA PHE D 280 17.71 -21.66 57.56
C PHE D 280 18.29 -22.94 58.18
N GLY D 281 18.65 -23.90 57.33
CA GLY D 281 19.26 -25.12 57.81
C GLY D 281 18.34 -25.92 58.73
N LEU D 282 17.04 -25.70 58.59
CA LEU D 282 16.04 -26.51 59.27
C LEU D 282 15.98 -27.91 58.67
N SER D 283 16.60 -28.06 57.50
CA SER D 283 16.58 -29.32 56.75
C SER D 283 17.83 -29.38 55.88
N SER D 284 18.36 -30.57 55.65
CA SER D 284 19.53 -30.72 54.81
C SER D 284 19.24 -31.68 53.65
N LYS D 285 17.95 -31.94 53.49
CA LYS D 285 17.44 -32.81 52.44
C LYS D 285 15.95 -32.55 52.45
N SER D 286 15.55 -31.50 51.73
CA SER D 286 14.16 -31.08 51.68
C SER D 286 13.29 -32.14 51.04
N PRO D 287 12.17 -32.48 51.70
CA PRO D 287 11.13 -33.40 51.20
C PRO D 287 10.24 -32.81 50.09
N TYR D 288 10.55 -31.63 49.60
CA TYR D 288 9.74 -31.01 48.56
C TYR D 288 10.52 -30.92 47.23
N SER D 289 11.73 -31.47 47.25
CA SER D 289 12.65 -31.31 46.16
C SER D 289 12.22 -32.14 44.98
N SER D 290 12.57 -31.67 43.78
CA SER D 290 12.40 -32.47 42.57
C SER D 290 13.05 -33.83 42.75
N VAL D 291 14.21 -33.86 43.38
CA VAL D 291 15.00 -35.10 43.44
C VAL D 291 14.44 -36.16 44.38
N LYS D 292 13.78 -35.75 45.47
CA LYS D 292 13.13 -36.70 46.37
C LYS D 292 11.71 -36.97 45.93
N ASN D 293 11.29 -36.25 44.90
CA ASN D 293 9.96 -36.41 44.33
C ASN D 293 10.03 -36.47 42.80
N PRO D 294 10.89 -37.36 42.30
CA PRO D 294 11.25 -37.47 40.89
C PRO D 294 10.08 -37.86 40.03
N ALA D 295 9.34 -38.85 40.52
CA ALA D 295 8.17 -39.34 39.82
C ALA D 295 7.11 -38.28 39.85
N PHE D 296 6.90 -37.69 41.01
CA PHE D 296 5.88 -36.65 41.09
C PHE D 296 6.27 -35.47 40.23
N HIS D 297 7.55 -35.17 40.19
CA HIS D 297 7.96 -34.00 39.48
C HIS D 297 7.73 -34.22 38.00
N PHE D 298 8.10 -35.40 37.52
CA PHE D 298 8.02 -35.69 36.11
C PHE D 298 6.56 -35.61 35.68
N TRP D 299 5.76 -36.46 36.29
CA TRP D 299 4.35 -36.56 35.99
C TRP D 299 3.71 -35.18 35.95
N GLY D 300 3.71 -34.50 37.07
CA GLY D 300 3.09 -33.20 37.17
C GLY D 300 3.47 -32.24 36.06
N GLN D 301 4.74 -32.25 35.66
CA GLN D 301 5.20 -31.33 34.62
C GLN D 301 4.80 -31.83 33.24
N LEU D 302 5.15 -33.08 32.94
CA LEU D 302 4.73 -33.70 31.71
C LEU D 302 3.28 -33.42 31.48
N THR D 303 2.47 -33.66 32.51
CA THR D 303 1.05 -33.39 32.41
C THR D 303 0.81 -31.93 32.06
N ALA D 304 1.16 -31.05 32.97
CA ALA D 304 1.05 -29.62 32.71
C ALA D 304 1.52 -29.28 31.30
N LEU D 305 2.64 -29.84 30.87
CA LEU D 305 3.15 -29.55 29.54
C LEU D 305 2.09 -29.80 28.50
N LEU D 306 1.59 -31.03 28.51
CA LEU D 306 0.55 -31.46 27.61
C LEU D 306 -0.64 -30.47 27.68
N LEU D 307 -0.96 -30.00 28.88
CA LEU D 307 -2.02 -29.02 29.09
C LEU D 307 -1.61 -27.58 28.77
N ARG D 308 -0.64 -27.46 27.89
CA ARG D 308 -0.18 -26.20 27.34
C ARG D 308 0.73 -25.33 28.25
N SER D 309 1.18 -25.89 29.39
CA SER D 309 2.06 -25.15 30.29
C SER D 309 3.28 -24.63 29.57
N THR D 310 3.61 -23.38 29.82
CA THR D 310 4.80 -22.79 29.24
C THR D 310 6.02 -23.23 30.05
N ARG D 311 5.91 -23.15 31.38
CA ARG D 311 6.94 -23.62 32.32
C ARG D 311 7.43 -25.03 32.04
N ALA D 312 6.54 -26.01 32.11
CA ALA D 312 6.92 -27.43 32.00
C ALA D 312 7.85 -27.71 30.82
N ARG D 313 7.53 -27.13 29.68
CA ARG D 313 8.42 -27.14 28.52
C ARG D 313 9.87 -27.43 28.93
N ASN D 314 10.35 -26.75 29.97
CA ASN D 314 11.78 -26.78 30.34
C ASN D 314 12.17 -27.46 31.66
N ALA D 315 11.23 -28.20 32.25
CA ALA D 315 11.49 -28.91 33.48
C ALA D 315 12.35 -30.08 33.16
N ARG D 316 13.31 -30.42 34.02
CA ARG D 316 14.24 -31.52 33.71
C ARG D 316 13.54 -32.89 33.80
N GLN D 317 14.03 -33.86 33.04
CA GLN D 317 13.45 -35.18 33.05
C GLN D 317 14.24 -35.97 34.08
N PRO D 318 13.67 -36.12 35.30
CA PRO D 318 14.36 -36.83 36.38
C PRO D 318 14.75 -38.21 35.93
N ASP D 319 15.83 -38.76 36.49
CA ASP D 319 16.31 -40.07 36.09
C ASP D 319 15.82 -41.14 37.07
N ASP D 320 15.99 -42.40 36.66
CA ASP D 320 15.66 -43.54 37.52
C ASP D 320 14.23 -43.48 38.06
N ILE D 321 13.30 -43.08 37.19
CA ILE D 321 11.89 -43.20 37.47
C ILE D 321 11.21 -44.05 36.39
N GLU D 322 10.01 -44.54 36.67
CA GLU D 322 9.38 -45.34 35.64
C GLU D 322 8.75 -44.43 34.60
N TYR D 323 9.44 -44.25 33.46
CA TYR D 323 9.02 -43.24 32.52
C TYR D 323 7.74 -43.64 31.80
N THR D 324 7.56 -44.93 31.60
CA THR D 324 6.51 -45.41 30.70
C THR D 324 5.21 -45.77 31.42
N SER D 325 5.02 -45.19 32.58
CA SER D 325 3.80 -45.37 33.35
C SER D 325 3.50 -44.02 33.92
N LEU D 326 4.54 -43.24 34.05
CA LEU D 326 4.39 -41.87 34.48
C LEU D 326 3.85 -41.08 33.29
N THR D 327 4.36 -41.36 32.09
CA THR D 327 3.90 -40.68 30.90
C THR D 327 2.49 -41.11 30.60
N THR D 328 2.23 -42.41 30.67
CA THR D 328 0.89 -42.89 30.41
C THR D 328 -0.10 -42.15 31.34
N ALA D 329 0.19 -42.15 32.65
CA ALA D 329 -0.68 -41.54 33.64
C ALA D 329 -0.74 -40.03 33.48
N GLY D 330 0.19 -39.49 32.71
CA GLY D 330 0.31 -38.06 32.53
C GLY D 330 -0.56 -37.73 31.37
N LEU D 331 -0.24 -38.32 30.23
CA LEU D 331 -1.10 -38.33 29.04
C LEU D 331 -2.58 -38.46 29.37
N LEU D 332 -2.91 -39.36 30.28
CA LEU D 332 -4.30 -39.60 30.54
C LEU D 332 -4.89 -38.41 31.21
N TYR D 333 -4.26 -37.98 32.30
CA TYR D 333 -4.70 -36.83 33.06
C TYR D 333 -4.75 -35.61 32.14
N ALA D 334 -3.72 -35.47 31.32
CA ALA D 334 -3.65 -34.38 30.37
C ALA D 334 -4.86 -34.47 29.47
N TYR D 335 -5.03 -35.64 28.85
CA TYR D 335 -6.17 -35.88 27.97
C TYR D 335 -7.48 -35.54 28.68
N ALA D 336 -7.78 -36.20 29.79
CA ALA D 336 -8.97 -35.87 30.57
C ALA D 336 -9.16 -34.37 30.58
N VAL D 337 -8.35 -33.69 31.37
CA VAL D 337 -8.45 -32.24 31.50
C VAL D 337 -8.53 -31.53 30.15
N GLY D 338 -7.86 -32.09 29.16
CA GLY D 338 -7.62 -31.35 27.95
C GLY D 338 -8.85 -31.35 27.14
N SER D 339 -9.13 -32.53 26.59
CA SER D 339 -10.28 -32.80 25.73
C SER D 339 -11.57 -32.26 26.34
N SER D 340 -11.93 -32.74 27.52
CA SER D 340 -13.16 -32.29 28.15
C SER D 340 -12.94 -31.01 28.97
N ALA D 341 -13.15 -29.87 28.32
CA ALA D 341 -12.85 -28.58 28.95
C ALA D 341 -13.75 -28.34 30.15
N ASP D 342 -14.00 -27.07 30.46
CA ASP D 342 -14.49 -26.68 31.77
C ASP D 342 -15.73 -25.78 31.65
N LEU D 343 -16.29 -25.72 30.46
CA LEU D 343 -17.27 -24.69 30.12
C LEU D 343 -18.44 -24.71 31.11
N ALA D 344 -19.03 -23.55 31.34
CA ALA D 344 -20.24 -23.46 32.11
C ALA D 344 -20.64 -22.00 32.16
N GLN D 345 -21.87 -21.70 31.74
CA GLN D 345 -22.36 -20.34 31.80
C GLN D 345 -22.04 -19.77 33.18
N GLN D 346 -21.59 -18.52 33.23
CA GLN D 346 -21.30 -17.93 34.51
C GLN D 346 -22.24 -16.79 34.82
N PHE D 347 -22.64 -16.03 33.80
CA PHE D 347 -23.56 -14.91 34.00
C PHE D 347 -24.80 -15.05 33.14
N CYS D 348 -25.78 -14.15 33.29
CA CYS D 348 -27.02 -14.29 32.54
C CYS D 348 -27.98 -13.09 32.62
N VAL D 349 -29.25 -13.37 32.32
CA VAL D 349 -30.34 -12.43 32.55
C VAL D 349 -31.66 -13.18 32.76
N GLY D 350 -31.70 -14.07 33.75
CA GLY D 350 -32.83 -14.96 33.94
C GLY D 350 -32.85 -16.21 33.02
N ASP D 351 -31.91 -16.26 32.09
CA ASP D 351 -31.83 -17.36 31.13
C ASP D 351 -30.43 -17.97 31.08
N ASN D 352 -30.34 -19.23 31.44
CA ASN D 352 -29.04 -19.94 31.59
C ASN D 352 -29.10 -21.39 31.07
N LYS D 353 -27.95 -22.03 30.90
CA LYS D 353 -27.98 -23.39 30.34
C LYS D 353 -28.20 -24.50 31.37
N TYR D 354 -29.47 -24.74 31.69
CA TYR D 354 -29.84 -25.98 32.34
C TYR D 354 -29.34 -27.08 31.41
N THR D 355 -28.36 -27.84 31.89
CA THR D 355 -27.60 -28.75 31.04
C THR D 355 -28.14 -30.18 30.91
N PRO D 356 -28.81 -30.71 31.96
CA PRO D 356 -29.38 -32.08 31.92
C PRO D 356 -30.56 -32.24 30.95
N ASP D 357 -30.30 -32.01 29.66
CA ASP D 357 -31.29 -32.14 28.59
C ASP D 357 -32.17 -33.38 28.75
N LEU D 363 -24.20 -40.27 25.12
CA LEU D 363 -23.59 -41.10 24.10
C LEU D 363 -23.41 -42.50 24.62
N THR D 364 -23.58 -43.49 23.73
CA THR D 364 -23.44 -44.88 24.12
C THR D 364 -21.97 -45.33 24.22
N THR D 365 -21.25 -45.48 23.09
CA THR D 365 -20.10 -46.37 23.17
C THR D 365 -18.69 -45.78 23.08
N ASN D 366 -17.91 -46.04 24.14
CA ASN D 366 -16.47 -45.79 24.18
C ASN D 366 -16.00 -44.34 24.03
N ALA D 367 -16.94 -43.42 23.81
CA ALA D 367 -16.60 -42.01 23.79
C ALA D 367 -16.07 -41.65 25.16
N PRO D 368 -14.94 -40.94 25.22
CA PRO D 368 -14.27 -40.55 26.47
C PRO D 368 -15.22 -39.87 27.47
N PRO D 369 -14.92 -40.01 28.77
CA PRO D 369 -15.79 -39.62 29.88
C PRO D 369 -16.12 -38.14 29.94
N GLN D 370 -17.30 -37.87 30.49
CA GLN D 370 -17.91 -36.55 30.50
C GLN D 370 -17.00 -35.50 31.16
N GLY D 371 -16.57 -35.79 32.39
CA GLY D 371 -15.84 -34.81 33.17
C GLY D 371 -14.41 -35.17 33.44
N ARG D 372 -13.99 -35.02 34.69
CA ARG D 372 -12.60 -35.28 35.06
C ARG D 372 -12.51 -36.11 36.32
N ASP D 373 -13.43 -37.07 36.48
CA ASP D 373 -13.30 -37.98 37.59
C ASP D 373 -12.28 -39.05 37.26
N VAL D 374 -11.29 -39.16 38.13
CA VAL D 374 -10.28 -40.18 38.02
C VAL D 374 -10.88 -41.56 37.69
N VAL D 375 -11.89 -41.95 38.46
CA VAL D 375 -12.51 -43.27 38.34
C VAL D 375 -13.25 -43.40 37.01
N GLU D 376 -13.96 -42.35 36.63
CA GLU D 376 -14.61 -42.35 35.32
C GLU D 376 -13.54 -42.62 34.26
N TRP D 377 -12.39 -41.97 34.41
CA TRP D 377 -11.35 -42.11 33.39
C TRP D 377 -10.58 -43.40 33.51
N LEU D 378 -10.15 -43.76 34.72
CA LEU D 378 -9.56 -45.06 34.94
C LEU D 378 -10.41 -46.17 34.32
N GLY D 379 -11.70 -46.19 34.67
CA GLY D 379 -12.64 -47.13 34.10
C GLY D 379 -12.52 -47.08 32.59
N TRP D 380 -12.73 -45.90 32.01
CA TRP D 380 -12.60 -45.70 30.57
C TRP D 380 -11.30 -46.23 30.02
N PHE D 381 -10.22 -46.05 30.75
CA PHE D 381 -8.91 -46.47 30.28
C PHE D 381 -8.83 -48.00 30.30
N GLU D 382 -9.19 -48.62 31.43
CA GLU D 382 -9.27 -50.07 31.49
C GLU D 382 -10.12 -50.57 30.34
N ASP D 383 -11.17 -49.80 30.02
CA ASP D 383 -12.08 -50.10 28.92
C ASP D 383 -11.31 -50.03 27.60
N GLN D 384 -10.16 -49.38 27.65
CA GLN D 384 -9.36 -49.17 26.44
C GLN D 384 -8.22 -50.16 26.37
N ASN D 385 -8.39 -51.29 27.04
CA ASN D 385 -7.35 -52.32 27.09
C ASN D 385 -6.04 -51.77 27.67
N ARG D 386 -6.16 -50.64 28.39
CA ARG D 386 -5.09 -50.07 29.20
C ARG D 386 -3.91 -49.56 28.36
N LYS D 387 -4.26 -49.01 27.20
CA LYS D 387 -3.29 -48.59 26.19
C LYS D 387 -3.83 -47.33 25.53
N PRO D 388 -3.10 -46.22 25.65
CA PRO D 388 -3.59 -44.89 25.25
C PRO D 388 -4.06 -44.81 23.79
N THR D 389 -5.23 -44.20 23.60
CA THR D 389 -5.93 -44.16 22.32
C THR D 389 -5.34 -43.18 21.33
N PRO D 390 -5.43 -43.53 20.03
CA PRO D 390 -5.28 -42.65 18.88
C PRO D 390 -5.61 -41.17 19.11
N ASP D 391 -6.83 -40.77 19.50
CA ASP D 391 -7.03 -39.33 19.69
C ASP D 391 -6.13 -38.81 20.80
N MET D 392 -6.08 -39.50 21.94
CA MET D 392 -5.27 -38.97 23.04
C MET D 392 -3.81 -38.87 22.65
N MET D 393 -3.31 -39.88 21.94
CA MET D 393 -1.95 -39.79 21.41
C MET D 393 -1.86 -38.70 20.33
N GLN D 394 -2.95 -38.42 19.64
CA GLN D 394 -2.98 -37.30 18.73
C GLN D 394 -2.99 -36.01 19.53
N TYR D 395 -3.73 -36.01 20.63
CA TYR D 395 -3.82 -34.82 21.49
C TYR D 395 -2.44 -34.48 22.01
N ALA D 396 -1.70 -35.53 22.33
CA ALA D 396 -0.34 -35.44 22.82
C ALA D 396 0.56 -34.90 21.73
N LYS D 397 0.49 -35.49 20.53
CA LYS D 397 1.24 -35.00 19.37
C LYS D 397 0.85 -33.57 18.96
N ARG D 398 -0.38 -33.15 19.24
CA ARG D 398 -0.73 -31.76 18.99
C ARG D 398 -0.16 -30.85 20.08
N ALA D 399 -0.10 -31.36 21.31
CA ALA D 399 0.50 -30.59 22.39
C ALA D 399 1.97 -30.28 22.15
N VAL D 400 2.69 -31.24 21.57
CA VAL D 400 4.15 -31.19 21.54
C VAL D 400 4.78 -30.84 20.20
N MET D 401 4.18 -31.27 19.10
CA MET D 401 4.64 -30.78 17.82
C MET D 401 4.51 -29.28 17.91
N SER D 402 5.22 -28.56 17.07
CA SER D 402 5.17 -27.10 17.09
C SER D 402 5.93 -26.47 18.27
N LEU D 403 6.08 -27.19 19.37
CA LEU D 403 7.09 -26.85 20.38
C LEU D 403 8.44 -26.84 19.72
N GLN D 404 9.15 -25.73 19.81
CA GLN D 404 10.53 -25.71 19.35
C GLN D 404 11.45 -25.25 20.48
N GLY D 405 12.75 -25.22 20.19
CA GLY D 405 13.74 -24.77 21.14
C GLY D 405 13.70 -25.54 22.43
N LEU D 406 13.62 -26.86 22.32
CA LEU D 406 13.57 -27.70 23.51
C LEU D 406 14.99 -28.06 23.98
N ARG D 407 15.23 -27.93 25.28
CA ARG D 407 16.56 -28.22 25.82
C ARG D 407 16.64 -29.69 26.16
N GLU D 408 17.83 -30.26 26.01
CA GLU D 408 17.97 -31.69 26.20
C GLU D 408 17.72 -32.07 27.66
N LYS D 409 17.33 -33.31 27.88
CA LYS D 409 16.98 -33.78 29.22
C LYS D 409 15.89 -32.96 29.94
N THR D 410 15.08 -32.18 29.21
CA THR D 410 13.86 -31.63 29.82
C THR D 410 12.64 -32.46 29.47
N ILE D 411 11.62 -32.43 30.31
CA ILE D 411 10.36 -33.13 30.04
C ILE D 411 9.79 -32.61 28.71
N GLY D 412 10.13 -31.36 28.37
CA GLY D 412 9.80 -30.84 27.06
C GLY D 412 10.39 -31.72 25.96
N LYS D 413 11.71 -31.76 25.88
CA LYS D 413 12.37 -32.60 24.88
C LYS D 413 11.87 -34.05 24.94
N TYR D 414 11.44 -34.46 26.12
CA TYR D 414 11.02 -35.82 26.31
C TYR D 414 9.73 -36.01 25.59
N ALA D 415 8.74 -35.23 26.01
CA ALA D 415 7.41 -35.27 25.43
C ALA D 415 7.39 -35.18 23.90
N LYS D 416 8.13 -34.24 23.34
CA LYS D 416 8.13 -34.08 21.90
C LYS D 416 8.66 -35.32 21.20
N SER D 417 9.59 -36.03 21.84
CA SER D 417 10.16 -37.24 21.28
C SER D 417 9.22 -38.40 21.48
N GLU D 418 8.60 -38.43 22.64
CA GLU D 418 7.63 -39.45 22.96
C GLU D 418 6.42 -39.34 22.04
N PHE D 419 6.06 -38.12 21.67
CA PHE D 419 4.77 -37.89 20.98
C PHE D 419 4.78 -37.39 19.51
N ASP D 420 5.63 -36.42 19.16
CA ASP D 420 5.68 -35.97 17.76
C ASP D 420 6.52 -36.90 16.91
N LYS D 421 5.81 -37.63 16.04
CA LYS D 421 6.41 -38.41 14.97
C LYS D 421 5.31 -39.06 14.11
N SER E 1 -28.48 1.60 -39.63
CA SER E 1 -27.48 2.19 -38.74
C SER E 1 -26.91 3.54 -39.25
N VAL E 2 -27.56 4.17 -40.24
CA VAL E 2 -27.11 5.51 -40.68
C VAL E 2 -27.42 6.49 -39.56
N THR E 3 -28.45 6.16 -38.77
CA THR E 3 -29.05 7.09 -37.81
C THR E 3 -29.27 6.52 -36.39
N VAL E 4 -28.37 6.87 -35.48
CA VAL E 4 -28.38 6.35 -34.11
C VAL E 4 -29.11 7.28 -33.17
N LYS E 5 -29.80 6.71 -32.18
CA LYS E 5 -30.49 7.49 -31.16
C LYS E 5 -30.31 6.86 -29.79
N ARG E 6 -30.23 7.68 -28.75
CA ARG E 6 -30.22 7.21 -27.38
C ARG E 6 -31.59 6.67 -27.07
N ILE E 7 -31.69 5.60 -26.29
CA ILE E 7 -33.03 5.18 -25.86
C ILE E 7 -33.98 5.67 -24.77
N ILE E 8 -33.50 5.92 -23.55
CA ILE E 8 -34.36 6.43 -22.47
C ILE E 8 -35.02 7.79 -22.76
N ASP E 9 -34.24 8.81 -23.15
CA ASP E 9 -34.82 10.11 -23.49
C ASP E 9 -35.12 10.22 -24.99
N ASN E 10 -34.62 9.25 -25.75
CA ASN E 10 -34.92 9.12 -27.16
C ASN E 10 -34.51 10.29 -28.02
N THR E 11 -33.34 10.84 -27.74
CA THR E 11 -32.74 11.89 -28.57
C THR E 11 -31.72 11.28 -29.53
N VAL E 12 -31.54 11.92 -30.68
CA VAL E 12 -30.56 11.44 -31.65
C VAL E 12 -29.18 11.70 -31.10
N ILE E 13 -28.20 11.07 -31.72
CA ILE E 13 -26.79 11.37 -31.50
C ILE E 13 -26.14 11.03 -32.83
N VAL E 14 -25.17 11.82 -33.28
CA VAL E 14 -24.45 11.47 -34.50
C VAL E 14 -23.06 11.07 -34.13
N PRO E 15 -22.82 9.76 -34.00
CA PRO E 15 -21.43 9.34 -33.80
C PRO E 15 -20.60 9.70 -35.04
N LYS E 16 -19.70 10.65 -34.82
CA LYS E 16 -18.81 11.09 -35.87
C LYS E 16 -17.46 10.97 -35.22
N LEU E 17 -16.39 10.92 -36.01
CA LEU E 17 -15.05 10.89 -35.41
C LEU E 17 -14.01 11.49 -36.35
N PRO E 18 -12.95 12.06 -35.76
CA PRO E 18 -11.89 12.77 -36.48
C PRO E 18 -11.60 12.14 -37.84
N ALA E 19 -11.71 12.92 -38.91
CA ALA E 19 -11.43 12.39 -40.24
C ALA E 19 -9.95 11.95 -40.38
N ASN E 20 -9.60 11.42 -41.54
CA ASN E 20 -8.31 10.79 -41.73
C ASN E 20 -7.92 10.80 -43.21
N GLU E 21 -7.54 11.96 -43.72
CA GLU E 21 -7.29 12.14 -45.14
C GLU E 21 -6.11 11.35 -45.71
N ASP E 22 -5.01 12.07 -45.98
CA ASP E 22 -4.00 11.64 -46.96
C ASP E 22 -4.39 10.43 -47.80
N PRO E 23 -5.07 10.69 -48.93
CA PRO E 23 -5.27 9.71 -49.98
C PRO E 23 -3.93 9.15 -50.45
N VAL E 24 -3.99 8.06 -51.20
CA VAL E 24 -2.81 7.50 -51.83
C VAL E 24 -2.56 8.26 -53.13
N GLU E 25 -1.42 8.01 -53.76
CA GLU E 25 -1.11 8.64 -55.03
C GLU E 25 -0.44 7.63 -55.95
N TYR E 26 -1.06 7.37 -57.10
CA TYR E 26 -0.54 6.36 -58.02
C TYR E 26 0.46 6.91 -59.02
N PRO E 27 1.42 6.07 -59.47
CA PRO E 27 2.42 6.52 -60.46
C PRO E 27 1.73 7.07 -61.69
N ALA E 28 1.02 6.20 -62.39
CA ALA E 28 0.28 6.58 -63.59
C ALA E 28 -0.43 7.92 -63.45
N ASP E 29 -1.36 7.98 -62.49
CA ASP E 29 -2.24 9.13 -62.32
C ASP E 29 -1.39 10.36 -61.91
N TYR E 30 -0.11 10.36 -62.33
CA TYR E 30 0.82 11.49 -62.17
C TYR E 30 1.44 11.91 -63.50
N PHE E 31 1.60 10.95 -64.41
CA PHE E 31 2.03 11.25 -65.77
C PHE E 31 0.84 11.79 -66.56
N ARG E 32 -0.26 12.01 -65.84
CA ARG E 32 -1.41 12.70 -66.41
C ARG E 32 -1.25 14.18 -66.10
N LYS E 33 -0.12 14.52 -65.48
CA LYS E 33 0.26 15.91 -65.22
C LYS E 33 1.48 16.24 -66.06
N SER E 34 2.58 15.54 -65.80
CA SER E 34 3.86 15.78 -66.44
C SER E 34 4.31 14.53 -67.21
N LYS E 35 5.18 14.72 -68.20
CA LYS E 35 5.73 13.58 -68.95
C LYS E 35 7.25 13.43 -68.73
N GLU E 36 7.76 14.01 -67.64
CA GLU E 36 9.20 14.04 -67.36
C GLU E 36 9.50 13.97 -65.87
N ILE E 37 10.54 13.22 -65.49
CA ILE E 37 10.90 13.11 -64.09
C ILE E 37 12.08 14.06 -63.78
N PRO E 38 11.79 15.35 -63.54
CA PRO E 38 12.79 16.45 -63.49
C PRO E 38 13.85 16.25 -62.42
N LEU E 39 15.09 16.02 -62.85
CA LEU E 39 16.20 15.86 -61.91
C LEU E 39 17.02 17.13 -61.85
N TYR E 40 16.61 18.06 -61.01
CA TYR E 40 17.39 19.29 -60.81
C TYR E 40 18.77 18.94 -60.26
N ILE E 41 19.74 18.98 -61.17
CA ILE E 41 21.14 18.93 -60.80
C ILE E 41 21.78 20.24 -61.22
N ASN E 42 22.28 21.01 -60.27
CA ASN E 42 22.85 22.32 -60.60
C ASN E 42 24.27 22.28 -61.23
N THR E 43 25.27 22.39 -60.37
CA THR E 43 26.63 22.78 -60.74
C THR E 43 26.98 21.68 -61.73
N THR E 44 26.57 21.88 -62.99
CA THR E 44 27.18 21.18 -64.11
C THR E 44 28.61 21.65 -64.35
N LYS E 45 29.36 21.81 -63.26
CA LYS E 45 30.75 22.24 -63.36
C LYS E 45 31.70 21.09 -63.07
N SER E 46 32.99 21.37 -63.13
CA SER E 46 34.01 20.32 -63.18
C SER E 46 33.57 19.09 -62.40
N LEU E 47 33.90 17.91 -62.91
CA LEU E 47 33.79 16.67 -62.14
C LEU E 47 35.06 16.37 -61.34
N SER E 48 36.21 16.40 -62.01
CA SER E 48 37.48 16.26 -61.30
C SER E 48 37.33 17.03 -60.00
N ASP E 49 36.85 18.27 -60.13
CA ASP E 49 36.54 19.14 -58.99
C ASP E 49 35.57 18.50 -58.01
N LEU E 50 34.34 18.27 -58.46
CA LEU E 50 33.29 17.75 -57.59
C LEU E 50 33.73 16.48 -56.84
N ARG E 51 34.45 15.61 -57.54
CA ARG E 51 34.99 14.39 -56.93
C ARG E 51 35.74 14.75 -55.65
N GLY E 52 36.39 15.89 -55.69
CA GLY E 52 37.08 16.39 -54.51
C GLY E 52 36.16 17.00 -53.46
N TYR E 53 35.17 17.78 -53.90
CA TYR E 53 34.26 18.45 -52.96
C TYR E 53 33.59 17.41 -52.08
N VAL E 54 33.50 16.18 -52.57
CA VAL E 54 32.84 15.11 -51.82
C VAL E 54 33.79 14.21 -51.04
N TYR E 55 34.97 13.90 -51.59
CA TYR E 55 35.89 13.03 -50.86
C TYR E 55 36.25 13.72 -49.54
N GLN E 56 36.62 14.99 -49.64
CA GLN E 56 36.93 15.83 -48.47
C GLN E 56 35.67 16.16 -47.66
N GLY E 57 34.57 16.40 -48.36
CA GLY E 57 33.34 16.81 -47.72
C GLY E 57 32.84 15.71 -46.80
N LEU E 58 33.16 14.47 -47.14
CA LEU E 58 32.66 13.28 -46.42
C LEU E 58 33.54 12.89 -45.23
N LYS E 59 34.86 13.11 -45.38
CA LYS E 59 35.79 12.86 -44.28
C LYS E 59 35.57 13.94 -43.18
N SER E 60 34.32 14.38 -43.06
CA SER E 60 33.94 15.43 -42.12
C SER E 60 32.41 15.61 -42.16
N GLY E 61 31.85 16.16 -41.09
CA GLY E 61 30.42 16.17 -40.92
C GLY E 61 29.63 16.99 -41.94
N ASN E 62 30.36 17.64 -42.84
CA ASN E 62 29.71 18.56 -43.76
C ASN E 62 30.06 18.36 -45.24
N VAL E 63 29.14 17.72 -45.95
CA VAL E 63 29.20 17.68 -47.41
C VAL E 63 27.79 17.97 -47.91
N SER E 64 27.68 18.93 -48.81
CA SER E 64 26.36 19.32 -49.31
C SER E 64 25.73 18.22 -50.16
N ILE E 65 24.47 17.94 -49.90
CA ILE E 65 23.77 17.02 -50.78
C ILE E 65 23.86 17.50 -52.24
N ILE E 66 23.61 18.79 -52.45
CA ILE E 66 23.66 19.38 -53.78
C ILE E 66 24.94 18.97 -54.51
N HIS E 67 26.05 18.92 -53.77
CA HIS E 67 27.33 18.48 -54.30
C HIS E 67 27.32 16.99 -54.67
N VAL E 68 26.95 16.11 -53.73
CA VAL E 68 27.00 14.70 -54.03
C VAL E 68 26.17 14.46 -55.29
N ASN E 69 24.94 15.01 -55.29
CA ASN E 69 24.05 14.97 -56.47
C ASN E 69 24.86 15.20 -57.74
N SER E 70 25.37 16.43 -57.85
CA SER E 70 26.11 16.81 -59.03
C SER E 70 27.29 15.87 -59.25
N TYR E 71 27.90 15.37 -58.17
CA TYR E 71 29.04 14.47 -58.37
C TYR E 71 28.60 13.20 -59.06
N LEU E 72 27.48 12.65 -58.59
CA LEU E 72 26.93 11.43 -59.17
C LEU E 72 26.61 11.63 -60.65
N TYR E 73 25.91 12.71 -60.99
CA TYR E 73 25.66 13.02 -62.40
C TYR E 73 26.96 12.87 -63.18
N GLY E 74 28.04 13.38 -62.60
CA GLY E 74 29.33 13.39 -63.26
C GLY E 74 29.91 12.01 -63.47
N ALA E 75 29.89 11.21 -62.40
CA ALA E 75 30.46 9.88 -62.46
C ALA E 75 29.58 8.94 -63.26
N LEU E 76 28.29 9.23 -63.26
CA LEU E 76 27.33 8.31 -63.84
C LEU E 76 26.80 8.78 -65.19
N LYS E 77 27.71 9.01 -66.12
CA LYS E 77 27.30 9.11 -67.51
C LYS E 77 28.06 8.08 -68.33
N ASP E 78 28.24 6.92 -67.69
CA ASP E 78 28.49 5.69 -68.39
C ASP E 78 27.28 5.55 -69.31
N ILE E 79 27.34 6.28 -70.42
CA ILE E 79 26.29 6.29 -71.41
C ILE E 79 26.19 4.87 -71.99
N ARG E 80 26.83 3.93 -71.29
CA ARG E 80 26.83 2.50 -71.62
C ARG E 80 25.46 1.89 -71.38
N GLY E 81 25.14 0.85 -72.14
CA GLY E 81 23.86 0.21 -72.02
C GLY E 81 23.08 0.21 -73.32
N LYS E 82 23.18 -0.89 -74.08
CA LYS E 82 22.50 -1.05 -75.36
C LYS E 82 21.17 -1.79 -75.20
N LEU E 83 20.07 -1.05 -75.24
CA LEU E 83 18.74 -1.65 -75.15
C LEU E 83 18.54 -2.77 -76.18
N ASP E 84 18.82 -4.00 -75.79
CA ASP E 84 18.61 -5.14 -76.66
C ASP E 84 17.15 -5.21 -77.14
N LYS E 85 16.23 -4.78 -76.28
CA LYS E 85 14.80 -4.75 -76.58
C LYS E 85 14.30 -3.32 -76.77
N ASP E 86 13.02 -3.11 -76.45
CA ASP E 86 12.44 -1.77 -76.43
C ASP E 86 12.50 -1.26 -74.99
N TRP E 87 11.84 -0.15 -74.72
CA TRP E 87 11.75 0.36 -73.36
C TRP E 87 10.90 1.65 -73.24
N SER E 88 9.67 1.49 -72.75
CA SER E 88 8.79 2.62 -72.46
C SER E 88 8.13 2.41 -71.10
N SER E 89 7.30 3.37 -70.71
CA SER E 89 6.61 3.29 -69.43
C SER E 89 5.72 4.49 -69.17
N PHE E 90 4.42 4.27 -69.09
CA PHE E 90 3.46 5.32 -68.77
C PHE E 90 3.32 6.34 -69.90
N GLY E 91 3.79 5.98 -71.08
CA GLY E 91 3.76 6.89 -72.20
C GLY E 91 5.16 7.31 -72.56
N ILE E 92 5.98 7.49 -71.53
CA ILE E 92 7.38 7.87 -71.68
C ILE E 92 8.20 6.84 -72.48
N ASN E 93 8.68 7.25 -73.67
CA ASN E 93 9.66 6.45 -74.37
C ASN E 93 10.98 6.59 -73.63
N ILE E 94 11.82 5.57 -73.68
CA ILE E 94 13.15 5.66 -73.09
C ILE E 94 14.19 5.20 -74.08
N GLY E 95 13.79 4.32 -75.00
CA GLY E 95 14.70 3.84 -76.02
C GLY E 95 14.11 2.68 -76.77
N LYS E 96 14.17 2.74 -78.10
CA LYS E 96 13.88 1.58 -78.93
C LYS E 96 15.16 0.94 -79.46
N ALA E 97 15.07 -0.32 -79.88
CA ALA E 97 15.68 -0.76 -81.12
C ALA E 97 17.19 -0.57 -81.10
N GLY E 98 17.85 -1.30 -80.20
CA GLY E 98 19.29 -1.22 -80.06
C GLY E 98 19.76 0.13 -79.53
N ASP E 99 18.81 1.05 -79.38
CA ASP E 99 19.11 2.38 -78.85
C ASP E 99 20.14 2.29 -77.72
N THR E 100 21.21 3.06 -77.83
CA THR E 100 22.21 3.10 -76.77
C THR E 100 21.94 4.27 -75.80
N ILE E 101 21.73 3.94 -74.52
CA ILE E 101 21.33 4.96 -73.54
C ILE E 101 21.99 4.81 -72.17
N GLY E 102 22.00 5.92 -71.42
CA GLY E 102 22.64 5.99 -70.11
C GLY E 102 21.70 6.30 -68.96
N ILE E 103 22.25 6.33 -67.76
CA ILE E 103 21.44 6.37 -66.53
C ILE E 103 20.48 7.55 -66.43
N PHE E 104 20.56 8.49 -67.35
CA PHE E 104 19.80 9.72 -67.15
C PHE E 104 18.85 10.13 -68.27
N ASP E 105 18.51 9.19 -69.13
CA ASP E 105 17.52 9.48 -70.16
C ASP E 105 16.16 9.56 -69.48
N LEU E 106 16.24 9.93 -68.20
CA LEU E 106 15.13 10.16 -67.31
C LEU E 106 15.22 11.63 -66.83
N VAL E 107 15.23 12.48 -67.87
CA VAL E 107 14.89 13.92 -67.91
C VAL E 107 15.53 14.96 -66.95
N SER E 108 16.77 15.35 -67.26
CA SER E 108 17.58 16.23 -66.41
C SER E 108 17.28 17.73 -66.54
N LEU E 109 17.39 18.44 -65.42
CA LEU E 109 17.28 19.90 -65.41
C LEU E 109 18.54 20.54 -64.79
N LYS E 110 18.38 21.67 -64.12
CA LYS E 110 19.48 22.35 -63.42
C LYS E 110 18.92 23.52 -62.61
N ALA E 111 19.39 23.71 -61.37
CA ALA E 111 18.69 24.62 -60.45
C ALA E 111 19.38 25.94 -60.03
N LEU E 112 19.59 26.08 -58.72
CA LEU E 112 19.85 27.37 -58.09
C LEU E 112 21.33 27.81 -58.02
N ASP E 113 21.69 28.59 -56.99
CA ASP E 113 22.93 29.36 -57.00
C ASP E 113 23.99 28.99 -55.94
N GLY E 114 23.55 28.64 -54.73
CA GLY E 114 24.47 28.40 -53.62
C GLY E 114 25.27 27.11 -53.70
N VAL E 115 26.59 27.23 -53.55
CA VAL E 115 27.49 26.07 -53.53
C VAL E 115 28.72 26.39 -52.69
N LEU E 116 29.20 25.40 -51.93
CA LEU E 116 30.18 25.65 -50.85
C LEU E 116 31.66 25.91 -51.27
N PRO E 117 32.57 24.90 -51.19
CA PRO E 117 33.99 25.22 -51.39
C PRO E 117 34.35 26.03 -52.66
N ASP E 118 35.48 26.72 -52.64
CA ASP E 118 35.95 27.46 -53.82
C ASP E 118 36.57 26.49 -54.82
N GLY E 119 37.12 27.05 -55.89
CA GLY E 119 37.71 26.26 -56.98
C GLY E 119 38.05 24.79 -56.75
N VAL E 120 38.77 24.50 -55.67
CA VAL E 120 39.41 23.18 -55.50
C VAL E 120 39.51 22.73 -54.02
N SER E 121 38.71 21.74 -53.61
CA SER E 121 38.82 21.23 -52.26
C SER E 121 40.21 20.66 -51.91
N ASP E 122 40.74 19.86 -52.84
CA ASP E 122 42.14 19.44 -52.88
C ASP E 122 42.36 18.51 -54.10
N ALA E 123 43.45 18.78 -54.84
CA ALA E 123 43.77 18.08 -56.08
C ALA E 123 43.96 16.57 -55.89
N SER E 124 43.89 16.14 -54.63
CA SER E 124 44.18 14.78 -54.26
C SER E 124 43.56 13.71 -55.18
N ARG E 125 42.24 13.77 -55.33
CA ARG E 125 41.49 12.65 -55.88
C ARG E 125 41.53 12.42 -57.39
N THR E 126 42.27 11.36 -57.77
CA THR E 126 42.29 10.78 -59.11
C THR E 126 40.97 10.10 -59.45
N SER E 127 40.88 9.58 -60.67
CA SER E 127 39.67 8.86 -61.09
C SER E 127 39.59 7.41 -60.58
N ALA E 128 40.17 7.16 -59.41
CA ALA E 128 39.65 6.10 -58.53
C ALA E 128 38.36 6.76 -58.11
N ASP E 129 37.42 6.73 -59.04
CA ASP E 129 36.35 7.71 -59.12
C ASP E 129 35.08 6.91 -59.16
N ASP E 130 34.47 6.89 -60.34
CA ASP E 130 33.28 6.09 -60.60
C ASP E 130 33.49 4.72 -59.97
N LYS E 131 34.71 4.21 -60.16
CA LYS E 131 35.10 2.90 -59.66
C LYS E 131 34.37 2.50 -58.37
N TRP E 132 34.23 3.46 -57.44
CA TRP E 132 33.61 3.19 -56.13
C TRP E 132 32.87 4.35 -55.50
N LEU E 133 33.54 5.48 -55.35
CA LEU E 133 32.95 6.66 -54.73
C LEU E 133 31.43 6.81 -54.96
N PRO E 134 30.98 6.65 -56.22
CA PRO E 134 29.53 6.72 -56.40
C PRO E 134 28.83 5.57 -55.66
N LEU E 135 29.30 4.35 -55.89
CA LEU E 135 28.81 3.19 -55.15
C LEU E 135 28.64 3.60 -53.69
N TYR E 136 29.76 3.87 -53.05
CA TYR E 136 29.77 4.28 -51.67
C TYR E 136 28.71 5.33 -51.36
N LEU E 137 28.64 6.38 -52.19
CA LEU E 137 27.68 7.45 -51.98
C LEU E 137 26.25 6.95 -52.01
N LEU E 138 25.94 6.20 -53.07
CA LEU E 138 24.63 5.61 -53.25
C LEU E 138 24.35 4.64 -52.10
N GLY E 139 25.37 3.87 -51.73
CA GLY E 139 25.25 2.92 -50.64
C GLY E 139 24.80 3.56 -49.33
N LEU E 140 25.06 4.84 -49.19
CA LEU E 140 24.65 5.54 -47.98
C LEU E 140 23.15 5.88 -47.96
N TYR E 141 22.47 5.68 -49.09
CA TYR E 141 21.04 5.88 -49.11
C TYR E 141 20.47 4.76 -48.27
N ARG E 142 20.94 3.57 -48.58
CA ARG E 142 20.54 2.33 -47.92
C ARG E 142 20.82 2.38 -46.42
N VAL E 143 22.00 2.89 -46.06
CA VAL E 143 22.42 2.88 -44.68
C VAL E 143 21.57 3.89 -43.92
N GLY E 144 21.28 5.03 -44.55
CA GLY E 144 20.57 6.12 -43.90
C GLY E 144 19.18 5.75 -43.41
N ARG E 145 18.51 4.87 -44.17
CA ARG E 145 17.14 4.48 -43.88
C ARG E 145 16.96 3.65 -42.60
N THR E 146 18.06 3.12 -42.04
CA THR E 146 17.97 2.11 -40.98
C THR E 146 18.20 2.64 -39.56
N GLN E 147 18.21 1.74 -38.58
CA GLN E 147 18.13 2.13 -37.15
C GLN E 147 18.87 1.29 -36.06
N MET E 148 19.10 -0.01 -36.28
CA MET E 148 19.76 -0.87 -35.27
C MET E 148 21.16 -1.35 -35.73
N PRO E 149 21.92 -2.10 -34.88
CA PRO E 149 23.23 -2.63 -35.33
C PRO E 149 23.23 -3.19 -36.76
N GLU E 150 22.10 -3.07 -37.46
CA GLU E 150 22.03 -3.28 -38.90
C GLU E 150 22.76 -2.13 -39.59
N TYR E 151 22.65 -0.93 -39.04
CA TYR E 151 23.40 0.21 -39.57
C TYR E 151 24.87 -0.18 -39.73
N ARG E 152 25.49 -0.62 -38.64
CA ARG E 152 26.90 -0.97 -38.69
C ARG E 152 27.13 -2.26 -39.48
N LYS E 153 26.13 -3.15 -39.48
CA LYS E 153 26.13 -4.33 -40.33
C LYS E 153 26.11 -3.84 -41.77
N LYS E 154 25.19 -2.92 -42.06
CA LYS E 154 24.95 -2.46 -43.41
C LYS E 154 26.11 -1.63 -43.93
N LEU E 155 26.60 -0.70 -43.12
CA LEU E 155 27.77 0.05 -43.54
C LEU E 155 28.93 -0.92 -43.71
N MET E 156 29.22 -1.71 -42.68
CA MET E 156 30.43 -2.54 -42.68
C MET E 156 30.54 -3.45 -43.90
N ASP E 157 29.42 -3.70 -44.56
CA ASP E 157 29.46 -4.53 -45.77
C ASP E 157 29.20 -3.67 -47.01
N GLY E 158 28.41 -2.61 -46.82
CA GLY E 158 28.24 -1.62 -47.85
C GLY E 158 29.49 -0.78 -47.85
N LEU E 159 30.57 -1.40 -47.36
CA LEU E 159 31.91 -0.84 -47.36
C LEU E 159 32.97 -1.91 -47.64
N THR E 160 32.60 -3.18 -47.71
CA THR E 160 33.53 -4.15 -48.35
C THR E 160 33.15 -4.32 -49.82
N ASN E 161 32.20 -3.50 -50.27
CA ASN E 161 31.84 -3.49 -51.68
C ASN E 161 32.63 -2.47 -52.49
N GLN E 162 33.24 -1.50 -51.80
CA GLN E 162 34.19 -0.62 -52.45
C GLN E 162 35.59 -1.16 -52.28
N CYS E 163 35.72 -2.30 -51.61
CA CYS E 163 36.99 -3.00 -51.61
C CYS E 163 37.00 -4.01 -52.74
N LYS E 164 36.10 -3.79 -53.69
CA LYS E 164 35.99 -4.65 -54.85
C LYS E 164 36.87 -4.03 -55.93
N MET E 165 38.15 -4.38 -55.85
CA MET E 165 39.23 -3.87 -56.70
C MET E 165 39.50 -2.38 -56.45
N ILE E 166 39.32 -1.93 -55.21
CA ILE E 166 39.66 -0.55 -54.84
C ILE E 166 40.26 -0.34 -53.43
N ASN E 167 40.07 -1.34 -52.57
CA ASN E 167 40.70 -1.45 -51.23
C ASN E 167 41.43 -0.27 -50.56
N GLU E 168 40.72 0.85 -50.41
CA GLU E 168 41.06 1.77 -49.33
C GLU E 168 39.95 1.58 -48.32
N GLN E 169 40.27 1.79 -47.05
CA GLN E 169 39.34 1.56 -45.96
C GLN E 169 37.94 2.18 -46.18
N PHE E 170 37.50 2.90 -45.17
CA PHE E 170 36.10 3.19 -44.87
C PHE E 170 36.00 4.71 -44.92
N GLU E 171 35.14 5.39 -44.14
CA GLU E 171 35.10 6.89 -44.23
C GLU E 171 34.65 7.80 -43.06
N PRO E 172 33.38 8.30 -43.07
CA PRO E 172 33.05 9.34 -42.08
C PRO E 172 33.11 8.84 -40.63
N LEU E 173 32.80 9.71 -39.68
CA LEU E 173 33.13 9.41 -38.30
C LEU E 173 32.04 8.68 -37.51
N VAL E 174 31.01 9.44 -37.11
CA VAL E 174 29.94 8.95 -36.24
C VAL E 174 29.22 7.74 -36.83
N PRO E 175 28.95 6.71 -36.00
CA PRO E 175 28.19 5.54 -36.44
C PRO E 175 26.87 5.89 -37.16
N GLU E 176 25.84 6.22 -36.38
CA GLU E 176 24.60 6.67 -36.98
C GLU E 176 23.75 7.60 -36.10
N GLY E 177 22.46 7.28 -36.01
CA GLY E 177 21.47 8.09 -35.31
C GLY E 177 20.39 8.54 -36.28
N ARG E 178 20.38 7.91 -37.45
CA ARG E 178 19.62 8.43 -38.58
C ARG E 178 19.78 9.93 -38.51
N ASP E 179 21.02 10.42 -38.77
CA ASP E 179 21.35 11.87 -38.81
C ASP E 179 22.54 12.39 -39.66
N ILE E 180 23.60 11.60 -39.80
CA ILE E 180 24.88 12.06 -40.40
C ILE E 180 24.89 12.40 -41.93
N PHE E 181 23.95 11.75 -42.63
CA PHE E 181 23.80 11.82 -44.08
C PHE E 181 22.46 11.13 -44.35
N ASP E 182 21.74 10.85 -43.26
CA ASP E 182 20.43 10.22 -43.31
C ASP E 182 19.44 11.29 -43.71
N VAL E 183 20.01 12.39 -44.21
CA VAL E 183 19.23 13.53 -44.63
C VAL E 183 19.19 13.57 -46.14
N TRP E 184 20.17 12.93 -46.77
CA TRP E 184 20.16 12.73 -48.21
C TRP E 184 18.83 12.12 -48.66
N GLY E 185 18.26 11.30 -47.77
CA GLY E 185 16.94 10.75 -47.97
C GLY E 185 15.96 11.85 -48.28
N ASN E 186 15.92 12.87 -47.42
CA ASN E 186 15.00 13.98 -47.59
C ASN E 186 15.22 14.76 -48.89
N ASP E 187 16.25 14.41 -49.65
CA ASP E 187 16.58 15.20 -50.83
C ASP E 187 15.96 14.72 -52.11
N SER E 188 14.93 15.46 -52.55
CA SER E 188 14.13 15.14 -53.73
C SER E 188 14.95 14.68 -54.96
N ASN E 189 16.09 15.30 -55.19
CA ASN E 189 16.92 14.95 -56.35
C ASN E 189 17.88 13.80 -56.12
N TYR E 190 18.35 13.65 -54.88
CA TYR E 190 19.20 12.53 -54.52
C TYR E 190 18.43 11.25 -54.79
N THR E 191 17.32 11.09 -54.09
CA THR E 191 16.43 9.94 -54.26
C THR E 191 16.21 9.66 -55.74
N LYS E 192 15.88 10.70 -56.50
CA LYS E 192 15.71 10.56 -57.96
C LYS E 192 16.96 9.98 -58.64
N ILE E 193 18.14 10.33 -58.15
CA ILE E 193 19.36 9.75 -58.71
C ILE E 193 19.50 8.25 -58.39
N VAL E 194 19.41 7.88 -57.12
CA VAL E 194 19.52 6.46 -56.77
C VAL E 194 18.39 5.68 -57.46
N ALA E 195 17.19 6.25 -57.46
CA ALA E 195 16.08 5.58 -58.13
C ALA E 195 16.47 5.30 -59.60
N ALA E 196 17.09 6.27 -60.26
CA ALA E 196 17.49 6.09 -61.64
C ALA E 196 18.62 5.06 -61.79
N VAL E 197 19.61 5.13 -60.90
CA VAL E 197 20.74 4.20 -60.94
C VAL E 197 20.27 2.76 -60.83
N ASP E 198 19.29 2.54 -59.97
CA ASP E 198 18.78 1.21 -59.76
C ASP E 198 17.99 0.81 -60.97
N MET E 199 16.97 1.61 -61.29
CA MET E 199 16.07 1.33 -62.41
C MET E 199 16.87 1.01 -63.69
N PHE E 200 18.05 1.60 -63.77
CA PHE E 200 18.91 1.43 -64.94
C PHE E 200 19.65 0.10 -64.87
N PHE E 201 20.45 -0.07 -63.81
CA PHE E 201 21.18 -1.30 -63.64
C PHE E 201 20.25 -2.48 -63.39
N HIS E 202 19.04 -2.18 -62.95
CA HIS E 202 18.03 -3.21 -62.86
C HIS E 202 17.71 -3.72 -64.24
N MET E 203 17.73 -2.82 -65.22
CA MET E 203 17.52 -3.19 -66.60
C MET E 203 18.77 -3.82 -67.21
N PHE E 204 19.91 -3.19 -67.01
CA PHE E 204 21.18 -3.72 -67.53
C PHE E 204 21.88 -4.49 -66.44
N LYS E 205 21.27 -5.60 -66.03
CA LYS E 205 21.70 -6.35 -64.86
C LYS E 205 23.17 -6.82 -64.96
N LYS E 206 23.65 -7.03 -66.19
CA LYS E 206 24.98 -7.60 -66.42
C LYS E 206 26.11 -6.56 -66.54
N HIS E 207 25.78 -5.28 -66.42
CA HIS E 207 26.76 -4.21 -66.60
C HIS E 207 27.93 -4.33 -65.62
N GLU E 208 29.10 -3.86 -66.03
CA GLU E 208 30.28 -3.90 -65.16
C GLU E 208 30.02 -3.13 -63.85
N CYS E 209 29.48 -1.93 -63.99
CA CYS E 209 29.22 -1.04 -62.86
C CYS E 209 27.88 -1.33 -62.17
N ALA E 210 27.21 -2.40 -62.59
CA ALA E 210 25.93 -2.77 -61.95
C ALA E 210 26.11 -3.11 -60.48
N SER E 211 27.36 -3.25 -60.05
CA SER E 211 27.68 -3.54 -58.66
C SER E 211 27.19 -2.41 -57.77
N PHE E 212 26.85 -1.28 -58.41
CA PHE E 212 26.40 -0.05 -57.75
C PHE E 212 25.05 -0.16 -57.09
N ARG E 213 24.26 -1.14 -57.52
CA ARG E 213 22.93 -1.28 -56.98
C ARG E 213 22.98 -1.60 -55.49
N TYR E 214 24.19 -1.76 -54.95
CA TYR E 214 24.30 -2.27 -53.60
C TYR E 214 23.42 -1.48 -52.65
N GLY E 215 23.47 -0.17 -52.73
CA GLY E 215 22.69 0.66 -51.83
C GLY E 215 21.45 1.15 -52.53
N THR E 216 21.57 1.25 -53.85
CA THR E 216 20.53 1.82 -54.68
C THR E 216 19.33 0.90 -54.76
N ILE E 217 19.47 -0.29 -54.17
CA ILE E 217 18.46 -1.34 -54.28
C ILE E 217 17.23 -1.22 -53.38
N VAL E 218 17.43 -0.73 -52.16
CA VAL E 218 16.30 -0.52 -51.26
C VAL E 218 15.39 0.60 -51.75
N SER E 219 15.63 1.09 -52.97
CA SER E 219 14.77 2.09 -53.59
C SER E 219 13.62 1.46 -54.38
N ARG E 220 13.91 0.28 -54.95
CA ARG E 220 12.92 -0.46 -55.72
C ARG E 220 11.83 -0.99 -54.79
N PHE E 221 10.59 -0.59 -55.09
CA PHE E 221 9.46 -0.85 -54.22
C PHE E 221 9.71 -0.35 -52.81
N LYS E 222 10.30 0.85 -52.71
CA LYS E 222 10.35 1.55 -51.45
C LYS E 222 8.91 1.97 -51.15
N ASP E 223 8.43 1.59 -49.96
CA ASP E 223 7.08 1.92 -49.54
C ASP E 223 6.01 1.04 -50.22
N CYS E 224 6.42 -0.13 -50.71
CA CYS E 224 5.47 -1.07 -51.32
C CYS E 224 5.54 -2.43 -50.67
N ALA E 225 5.49 -2.44 -49.33
CA ALA E 225 5.64 -3.67 -48.55
C ALA E 225 4.47 -4.62 -48.70
N ALA E 226 3.25 -4.08 -48.72
CA ALA E 226 2.05 -4.90 -48.83
C ALA E 226 2.04 -5.58 -50.19
N LEU E 227 2.45 -4.82 -51.20
CA LEU E 227 2.56 -5.31 -52.56
C LEU E 227 3.48 -6.52 -52.62
N ALA E 228 4.52 -6.46 -51.80
CA ALA E 228 5.55 -7.47 -51.81
C ALA E 228 5.21 -8.61 -50.88
N THR E 229 4.37 -8.35 -49.87
CA THR E 229 3.97 -9.44 -48.98
C THR E 229 2.81 -10.17 -49.62
N PHE E 230 2.20 -9.54 -50.61
CA PHE E 230 1.26 -10.22 -51.46
C PHE E 230 2.01 -11.31 -52.22
N GLY E 231 3.02 -10.89 -52.98
CA GLY E 231 3.81 -11.81 -53.77
C GLY E 231 4.43 -12.94 -52.97
N HIS E 232 4.68 -12.68 -51.69
CA HIS E 232 5.34 -13.63 -50.81
C HIS E 232 4.34 -14.67 -50.31
N LEU E 233 3.18 -14.18 -49.91
CA LEU E 233 2.05 -15.02 -49.57
C LEU E 233 1.80 -16.00 -50.73
N CYS E 234 1.65 -15.46 -51.93
CA CYS E 234 1.47 -16.30 -53.09
C CYS E 234 2.54 -17.39 -53.12
N LYS E 235 3.81 -16.96 -53.13
CA LYS E 235 4.95 -17.86 -53.23
C LYS E 235 5.01 -18.86 -52.11
N ILE E 236 4.47 -18.51 -50.96
CA ILE E 236 4.62 -19.31 -49.74
C ILE E 236 3.44 -20.28 -49.57
N THR E 237 2.38 -19.99 -50.32
CA THR E 237 1.23 -20.87 -50.37
C THR E 237 1.22 -21.53 -51.73
N GLY E 238 2.30 -21.33 -52.47
CA GLY E 238 2.41 -21.90 -53.79
C GLY E 238 1.26 -21.54 -54.69
N MET E 239 0.19 -20.99 -54.11
CA MET E 239 -1.00 -20.58 -54.86
C MET E 239 -0.79 -19.44 -55.86
N SER E 240 -1.78 -19.32 -56.74
CA SER E 240 -1.72 -18.36 -57.83
C SER E 240 -2.20 -17.04 -57.30
N THR E 241 -1.71 -15.98 -57.92
CA THR E 241 -2.05 -14.64 -57.50
C THR E 241 -3.56 -14.49 -57.33
N GLU E 242 -4.31 -14.96 -58.31
CA GLU E 242 -5.76 -14.86 -58.30
C GLU E 242 -6.43 -15.77 -57.26
N ASP E 243 -5.89 -16.98 -57.05
CA ASP E 243 -6.48 -17.88 -56.07
C ASP E 243 -6.17 -17.36 -54.65
N VAL E 244 -4.98 -16.81 -54.47
CA VAL E 244 -4.63 -16.16 -53.19
C VAL E 244 -5.59 -15.04 -52.92
N THR E 245 -5.91 -14.29 -53.98
CA THR E 245 -6.79 -13.13 -53.89
C THR E 245 -8.19 -13.47 -53.40
N THR E 246 -8.71 -14.63 -53.79
CA THR E 246 -10.07 -15.01 -53.42
C THR E 246 -10.14 -15.31 -51.94
N TRP E 247 -8.99 -15.72 -51.39
CA TRP E 247 -8.82 -16.02 -49.97
C TRP E 247 -8.81 -14.82 -49.00
N ILE E 248 -8.97 -13.63 -49.59
CA ILE E 248 -9.19 -12.41 -48.83
C ILE E 248 -10.60 -12.44 -48.28
N LEU E 249 -10.69 -12.34 -46.96
CA LEU E 249 -11.94 -12.62 -46.25
C LEU E 249 -12.39 -11.48 -45.34
N ASN E 250 -11.95 -10.24 -45.64
CA ASN E 250 -12.31 -9.07 -44.85
C ASN E 250 -12.50 -7.84 -45.73
N ARG E 251 -13.64 -7.16 -45.63
CA ARG E 251 -13.87 -5.95 -46.43
C ARG E 251 -12.57 -5.15 -46.58
N GLU E 252 -11.98 -4.76 -45.46
CA GLU E 252 -10.89 -3.79 -45.51
C GLU E 252 -9.58 -4.41 -45.97
N VAL E 253 -9.54 -5.74 -46.12
CA VAL E 253 -8.35 -6.32 -46.72
C VAL E 253 -8.53 -6.36 -48.21
N ALA E 254 -9.78 -6.57 -48.62
CA ALA E 254 -10.13 -6.58 -50.03
C ALA E 254 -10.11 -5.17 -50.56
N ASP E 255 -10.49 -4.22 -49.71
CA ASP E 255 -10.52 -2.83 -50.12
C ASP E 255 -9.13 -2.41 -50.52
N GLU E 256 -8.16 -2.88 -49.72
CA GLU E 256 -6.73 -2.56 -49.91
C GLU E 256 -6.15 -3.28 -51.10
N MET E 257 -6.54 -4.55 -51.22
CA MET E 257 -6.16 -5.34 -52.37
C MET E 257 -6.64 -4.65 -53.62
N VAL E 258 -7.87 -4.15 -53.58
CA VAL E 258 -8.43 -3.45 -54.72
C VAL E 258 -7.63 -2.21 -55.02
N GLN E 259 -7.33 -1.46 -53.96
CA GLN E 259 -6.50 -0.27 -54.05
C GLN E 259 -5.12 -0.59 -54.64
N MET E 260 -4.52 -1.67 -54.19
CA MET E 260 -3.20 -2.07 -54.68
C MET E 260 -3.23 -2.43 -56.18
N MET E 261 -4.17 -3.31 -56.50
CA MET E 261 -4.24 -3.94 -57.82
C MET E 261 -4.78 -3.00 -58.91
N LEU E 262 -5.04 -1.74 -58.53
CA LEU E 262 -5.51 -0.76 -59.48
C LEU E 262 -4.68 -0.82 -60.76
N PRO E 263 -5.36 -0.86 -61.91
CA PRO E 263 -4.65 -1.20 -63.15
C PRO E 263 -3.91 -0.02 -63.78
N GLY E 264 -3.19 -0.29 -64.86
CA GLY E 264 -2.48 0.73 -65.60
C GLY E 264 -1.53 1.46 -64.68
N GLN E 265 -0.80 0.69 -63.88
CA GLN E 265 0.18 1.25 -62.94
C GLN E 265 1.52 0.56 -63.10
N GLU E 266 1.56 -0.49 -63.93
CA GLU E 266 2.80 -1.17 -64.30
C GLU E 266 3.45 -1.93 -63.13
N ILE E 267 2.64 -2.26 -62.13
CA ILE E 267 3.09 -3.08 -61.02
C ILE E 267 3.91 -4.22 -61.60
N ASP E 268 3.20 -5.12 -62.27
CA ASP E 268 3.76 -6.34 -62.87
C ASP E 268 4.80 -6.10 -63.98
N LYS E 269 4.96 -4.85 -64.43
CA LYS E 269 5.80 -4.55 -65.59
C LYS E 269 7.30 -4.82 -65.37
N ALA E 270 7.92 -5.39 -66.40
CA ALA E 270 9.33 -5.76 -66.41
C ALA E 270 10.20 -4.71 -65.71
N ASP E 271 10.55 -3.68 -66.46
CA ASP E 271 11.36 -2.60 -65.96
C ASP E 271 10.55 -1.33 -66.10
N SER E 272 9.69 -1.08 -65.11
CA SER E 272 8.84 0.12 -65.10
C SER E 272 9.35 1.16 -64.10
N TYR E 273 8.68 2.31 -64.11
CA TYR E 273 8.96 3.39 -63.15
C TYR E 273 8.31 3.11 -61.80
N MET E 274 7.22 2.33 -61.84
CA MET E 274 6.36 2.15 -60.69
C MET E 274 7.08 1.80 -59.40
N PRO E 275 8.06 0.89 -59.46
CA PRO E 275 8.77 0.47 -58.24
C PRO E 275 9.39 1.65 -57.52
N TYR E 276 9.57 2.74 -58.26
CA TYR E 276 10.27 3.91 -57.73
C TYR E 276 9.35 5.11 -57.61
N LEU E 277 8.04 4.84 -57.70
CA LEU E 277 7.04 5.90 -57.54
C LEU E 277 7.46 6.87 -56.41
N ILE E 278 7.99 6.32 -55.31
CA ILE E 278 8.30 7.12 -54.14
C ILE E 278 9.50 8.00 -54.34
N ASP E 279 10.61 7.39 -54.77
CA ASP E 279 11.90 8.12 -54.93
C ASP E 279 11.94 9.03 -56.15
N PHE E 280 11.21 8.65 -57.19
CA PHE E 280 11.07 9.54 -58.33
C PHE E 280 10.01 10.60 -58.04
N GLY E 281 9.42 10.54 -56.84
CA GLY E 281 8.42 11.52 -56.44
C GLY E 281 7.18 11.50 -57.30
N LEU E 282 6.95 10.36 -57.96
CA LEU E 282 5.75 10.14 -58.73
C LEU E 282 4.56 10.00 -57.76
N SER E 283 4.88 9.84 -56.48
CA SER E 283 3.89 9.61 -55.44
C SER E 283 4.46 10.07 -54.10
N SER E 284 3.59 10.56 -53.20
CA SER E 284 4.06 11.02 -51.90
C SER E 284 3.30 10.29 -50.80
N LYS E 285 2.59 9.27 -51.24
CA LYS E 285 1.84 8.40 -50.36
C LYS E 285 1.53 7.17 -51.22
N SER E 286 2.47 6.25 -51.24
CA SER E 286 2.36 5.04 -52.06
C SER E 286 1.21 4.16 -51.61
N PRO E 287 0.37 3.75 -52.56
CA PRO E 287 -0.75 2.81 -52.35
C PRO E 287 -0.34 1.34 -52.11
N TYR E 288 0.95 1.07 -52.02
CA TYR E 288 1.39 -0.31 -51.87
C TYR E 288 2.04 -0.52 -50.51
N SER E 289 1.98 0.54 -49.70
CA SER E 289 2.66 0.60 -48.43
C SER E 289 1.99 -0.27 -47.38
N SER E 290 2.79 -0.80 -46.46
CA SER E 290 2.24 -1.50 -45.33
C SER E 290 1.19 -0.63 -44.66
N VAL E 291 1.44 0.67 -44.57
CA VAL E 291 0.62 1.55 -43.75
C VAL E 291 -0.74 1.90 -44.34
N LYS E 292 -0.82 1.95 -45.67
CA LYS E 292 -2.10 2.14 -46.36
C LYS E 292 -2.77 0.80 -46.63
N ASN E 293 -2.05 -0.28 -46.33
CA ASN E 293 -2.56 -1.64 -46.48
C ASN E 293 -2.32 -2.47 -45.20
N PRO E 294 -2.68 -1.90 -44.05
CA PRO E 294 -2.37 -2.45 -42.72
C PRO E 294 -3.01 -3.82 -42.52
N ALA E 295 -4.27 -3.92 -42.92
CA ALA E 295 -5.02 -5.16 -42.77
C ALA E 295 -4.45 -6.20 -43.72
N PHE E 296 -4.18 -5.78 -44.95
CA PHE E 296 -3.64 -6.70 -45.90
C PHE E 296 -2.26 -7.10 -45.49
N HIS E 297 -1.53 -6.16 -44.92
CA HIS E 297 -0.16 -6.49 -44.57
C HIS E 297 -0.15 -7.52 -43.47
N PHE E 298 -0.99 -7.29 -42.46
CA PHE E 298 -1.05 -8.16 -41.30
C PHE E 298 -1.43 -9.56 -41.72
N TRP E 299 -2.61 -9.66 -42.29
CA TRP E 299 -3.15 -10.93 -42.74
C TRP E 299 -2.13 -11.71 -43.53
N GLY E 300 -1.71 -11.16 -44.66
CA GLY E 300 -0.77 -11.83 -45.53
C GLY E 300 0.47 -12.37 -44.83
N GLN E 301 0.98 -11.61 -43.87
CA GLN E 301 2.17 -12.05 -43.16
C GLN E 301 1.82 -13.09 -42.13
N LEU E 302 0.89 -12.77 -41.24
CA LEU E 302 0.42 -13.72 -40.26
C LEU E 302 0.17 -15.06 -40.90
N THR E 303 -0.54 -15.03 -42.02
CA THR E 303 -0.80 -16.25 -42.77
C THR E 303 0.52 -16.91 -43.16
N ALA E 304 1.30 -16.21 -43.97
CA ALA E 304 2.59 -16.73 -44.39
C ALA E 304 3.37 -17.28 -43.21
N LEU E 305 3.43 -16.54 -42.11
CA LEU E 305 4.10 -17.00 -40.90
C LEU E 305 3.64 -18.40 -40.52
N LEU E 306 2.34 -18.53 -40.30
CA LEU E 306 1.72 -19.81 -40.02
C LEU E 306 2.18 -20.90 -41.02
N LEU E 307 2.31 -20.54 -42.29
CA LEU E 307 2.74 -21.46 -43.33
C LEU E 307 4.25 -21.55 -43.41
N ARG E 308 4.89 -21.30 -42.28
CA ARG E 308 6.32 -21.54 -42.10
C ARG E 308 7.25 -20.45 -42.66
N SER E 309 6.68 -19.34 -43.11
CA SER E 309 7.50 -18.26 -43.66
C SER E 309 8.55 -17.83 -42.67
N THR E 310 9.77 -17.64 -43.18
CA THR E 310 10.85 -17.18 -42.32
C THR E 310 10.77 -15.66 -42.19
N ARG E 311 10.52 -14.98 -43.32
CA ARG E 311 10.28 -13.53 -43.35
C ARG E 311 9.23 -13.04 -42.35
N ALA E 312 8.00 -13.51 -42.49
CA ALA E 312 6.88 -13.03 -41.69
C ALA E 312 7.19 -12.96 -40.20
N ARG E 313 7.84 -13.98 -39.69
CA ARG E 313 8.35 -13.94 -38.32
C ARG E 313 8.53 -12.50 -37.79
N ASN E 314 9.13 -11.63 -38.59
CA ASN E 314 9.57 -10.31 -38.15
C ASN E 314 8.83 -9.11 -38.74
N ALA E 315 7.68 -9.37 -39.35
CA ALA E 315 6.88 -8.31 -39.97
C ALA E 315 6.20 -7.59 -38.83
N ARG E 316 6.09 -6.26 -38.92
CA ARG E 316 5.48 -5.49 -37.84
C ARG E 316 3.97 -5.76 -37.76
N GLN E 317 3.42 -5.64 -36.56
CA GLN E 317 1.99 -5.83 -36.36
C GLN E 317 1.35 -4.46 -36.47
N PRO E 318 0.75 -4.16 -37.64
CA PRO E 318 0.17 -2.84 -37.89
C PRO E 318 -0.85 -2.53 -36.81
N ASP E 319 -1.05 -1.25 -36.51
CA ASP E 319 -2.00 -0.87 -35.47
C ASP E 319 -3.34 -0.47 -36.08
N ASP E 320 -4.34 -0.34 -35.22
CA ASP E 320 -5.66 0.12 -35.64
C ASP E 320 -6.24 -0.69 -36.81
N ILE E 321 -6.06 -2.01 -36.74
CA ILE E 321 -6.74 -2.92 -37.65
C ILE E 321 -7.55 -3.90 -36.82
N GLU E 322 -8.49 -4.62 -37.44
CA GLU E 322 -9.24 -5.57 -36.65
C GLU E 322 -8.46 -6.85 -36.49
N TYR E 323 -7.84 -7.04 -35.33
CA TYR E 323 -6.85 -8.10 -35.18
C TYR E 323 -7.52 -9.44 -35.11
N THR E 324 -8.74 -9.45 -34.59
CA THR E 324 -9.39 -10.69 -34.23
C THR E 324 -10.32 -11.25 -35.32
N SER E 325 -10.11 -10.81 -36.56
CA SER E 325 -10.86 -11.29 -37.71
C SER E 325 -9.86 -11.45 -38.80
N LEU E 326 -8.79 -10.69 -38.69
CA LEU E 326 -7.67 -10.82 -39.60
C LEU E 326 -6.94 -12.09 -39.24
N THR E 327 -6.76 -12.34 -37.94
CA THR E 327 -6.08 -13.54 -37.47
C THR E 327 -6.92 -14.75 -37.79
N THR E 328 -8.22 -14.67 -37.51
CA THR E 328 -9.11 -15.78 -37.81
C THR E 328 -8.99 -16.13 -39.32
N ALA E 329 -9.20 -15.14 -40.18
CA ALA E 329 -9.10 -15.34 -41.62
C ALA E 329 -7.70 -15.77 -42.08
N GLY E 330 -6.72 -15.59 -41.21
CA GLY E 330 -5.34 -15.88 -41.54
C GLY E 330 -5.14 -17.33 -41.19
N LEU E 331 -5.33 -17.63 -39.92
CA LEU E 331 -5.40 -18.99 -39.40
C LEU E 331 -6.11 -19.92 -40.36
N LEU E 332 -7.25 -19.50 -40.88
CA LEU E 332 -8.02 -20.36 -41.74
C LEU E 332 -7.26 -20.64 -43.02
N TYR E 333 -6.85 -19.58 -43.68
CA TYR E 333 -6.12 -19.70 -44.92
C TYR E 333 -4.88 -20.53 -44.68
N ALA E 334 -4.21 -20.26 -43.56
CA ALA E 334 -2.98 -20.96 -43.22
C ALA E 334 -3.36 -22.42 -43.10
N TYR E 335 -4.36 -22.70 -42.27
CA TYR E 335 -4.84 -24.06 -42.07
C TYR E 335 -5.15 -24.73 -43.40
N ALA E 336 -6.12 -24.19 -44.14
CA ALA E 336 -6.37 -24.69 -45.48
C ALA E 336 -5.06 -25.09 -46.15
N VAL E 337 -4.29 -24.11 -46.60
CA VAL E 337 -3.03 -24.36 -47.28
C VAL E 337 -2.12 -25.35 -46.54
N GLY E 338 -2.16 -25.31 -45.22
CA GLY E 338 -1.21 -26.06 -44.44
C GLY E 338 -1.54 -27.53 -44.43
N SER E 339 -2.60 -27.84 -43.70
CA SER E 339 -3.08 -29.18 -43.51
C SER E 339 -3.17 -29.92 -44.83
N SER E 340 -3.98 -29.41 -45.76
CA SER E 340 -4.15 -30.06 -47.05
C SER E 340 -3.07 -29.64 -48.06
N ALA E 341 -1.97 -30.41 -48.09
CA ALA E 341 -0.81 -30.16 -48.94
C ALA E 341 -1.16 -30.05 -50.42
N ASP E 342 -0.14 -30.14 -51.27
CA ASP E 342 -0.36 -30.21 -52.71
C ASP E 342 0.36 -31.42 -53.33
N LEU E 343 -0.22 -32.60 -53.15
CA LEU E 343 0.48 -33.84 -53.44
C LEU E 343 -0.06 -34.51 -54.69
N ALA E 344 0.83 -34.83 -55.63
CA ALA E 344 0.47 -34.92 -57.04
C ALA E 344 1.63 -35.43 -57.87
N GLN E 345 1.64 -36.73 -58.14
CA GLN E 345 2.70 -37.35 -58.94
C GLN E 345 3.02 -36.41 -60.09
N GLN E 346 4.31 -36.22 -60.33
CA GLN E 346 4.74 -35.35 -61.41
C GLN E 346 5.38 -36.12 -62.55
N PHE E 347 6.13 -37.18 -62.23
CA PHE E 347 6.76 -38.00 -63.26
C PHE E 347 6.35 -39.47 -63.14
N CYS E 348 6.76 -40.32 -64.08
CA CYS E 348 6.33 -41.71 -64.07
C CYS E 348 7.02 -42.62 -65.08
N VAL E 349 6.37 -43.74 -65.38
CA VAL E 349 6.80 -44.63 -66.46
C VAL E 349 5.60 -45.41 -67.01
N GLY E 350 4.59 -44.68 -67.48
CA GLY E 350 3.33 -45.27 -67.88
C GLY E 350 2.37 -45.58 -66.73
N ASP E 351 2.84 -45.38 -65.50
CA ASP E 351 2.09 -45.68 -64.28
C ASP E 351 2.05 -44.48 -63.31
N ASN E 352 0.85 -43.96 -63.07
CA ASN E 352 0.66 -42.75 -62.28
C ASN E 352 -0.58 -42.84 -61.37
N LYS E 353 -0.70 -41.95 -60.39
CA LYS E 353 -1.87 -42.03 -59.50
C LYS E 353 -3.17 -41.39 -60.03
N TYR E 354 -3.92 -42.15 -60.82
CA TYR E 354 -5.31 -41.81 -61.06
C TYR E 354 -5.94 -41.77 -59.67
N THR E 355 -6.37 -40.58 -59.27
CA THR E 355 -6.76 -40.33 -57.89
C THR E 355 -8.25 -40.55 -57.53
N PRO E 356 -9.14 -40.34 -58.49
CA PRO E 356 -10.53 -40.76 -58.35
C PRO E 356 -10.68 -42.27 -58.51
N ASP E 357 -9.99 -43.03 -57.67
CA ASP E 357 -10.58 -44.21 -57.04
C ASP E 357 -12.00 -44.63 -56.69
N ASP E 358 -12.70 -43.78 -55.92
CA ASP E 358 -14.06 -43.28 -55.89
C ASP E 358 -14.13 -41.92 -55.21
N SER E 359 -13.19 -41.05 -55.54
CA SER E 359 -12.53 -40.21 -54.52
C SER E 359 -13.48 -39.47 -53.59
N THR E 360 -14.15 -40.26 -52.76
CA THR E 360 -15.05 -39.79 -51.73
C THR E 360 -14.30 -38.84 -50.76
N GLY E 361 -15.05 -37.99 -50.07
CA GLY E 361 -14.46 -36.96 -49.25
C GLY E 361 -14.25 -37.32 -47.79
N GLY E 362 -13.00 -37.56 -47.40
CA GLY E 362 -12.57 -37.71 -46.02
C GLY E 362 -13.53 -38.34 -45.01
N LEU E 363 -13.35 -37.99 -43.73
CA LEU E 363 -14.20 -38.52 -42.68
C LEU E 363 -15.67 -38.22 -43.01
N THR E 364 -16.53 -39.21 -42.79
CA THR E 364 -17.94 -39.18 -43.20
C THR E 364 -18.71 -38.01 -42.59
N THR E 365 -17.96 -37.00 -42.14
CA THR E 365 -18.52 -35.84 -41.45
C THR E 365 -17.46 -34.88 -40.87
N ASN E 366 -17.63 -33.61 -41.20
CA ASN E 366 -16.87 -32.51 -40.61
C ASN E 366 -15.35 -32.51 -40.79
N ALA E 367 -14.82 -33.55 -41.44
CA ALA E 367 -13.40 -33.55 -41.78
C ALA E 367 -13.16 -32.38 -42.72
N PRO E 368 -12.11 -31.60 -42.44
CA PRO E 368 -11.76 -30.41 -43.23
C PRO E 368 -11.71 -30.69 -44.73
N PRO E 369 -11.95 -29.65 -45.56
CA PRO E 369 -12.11 -29.73 -47.02
C PRO E 369 -10.89 -30.25 -47.77
N GLN E 370 -11.17 -30.87 -48.91
CA GLN E 370 -10.21 -31.61 -49.70
C GLN E 370 -9.06 -30.74 -50.16
N GLY E 371 -9.40 -29.61 -50.79
CA GLY E 371 -8.40 -28.73 -51.37
C GLY E 371 -8.26 -27.38 -50.72
N ARG E 372 -8.21 -26.34 -51.54
CA ARG E 372 -8.00 -24.97 -51.05
C ARG E 372 -8.96 -24.00 -51.69
N ASP E 373 -10.19 -24.43 -51.91
CA ASP E 373 -11.21 -23.51 -52.38
C ASP E 373 -11.75 -22.74 -51.21
N VAL E 374 -11.68 -21.43 -51.34
CA VAL E 374 -12.21 -20.50 -50.35
C VAL E 374 -13.62 -20.91 -49.91
N VAL E 375 -14.50 -21.16 -50.88
CA VAL E 375 -15.89 -21.45 -50.60
C VAL E 375 -16.02 -22.80 -49.89
N GLU E 376 -15.27 -23.79 -50.35
CA GLU E 376 -15.24 -25.07 -49.65
C GLU E 376 -14.88 -24.81 -48.19
N TRP E 377 -13.88 -23.95 -47.95
CA TRP E 377 -13.43 -23.73 -46.60
C TRP E 377 -14.39 -22.84 -45.82
N LEU E 378 -14.82 -21.75 -46.44
CA LEU E 378 -15.79 -20.87 -45.80
C LEU E 378 -16.99 -21.67 -45.34
N GLY E 379 -17.55 -22.47 -46.25
CA GLY E 379 -18.62 -23.37 -45.93
C GLY E 379 -18.26 -24.19 -44.71
N TRP E 380 -17.14 -24.93 -44.81
CA TRP E 380 -16.63 -25.72 -43.69
C TRP E 380 -16.52 -24.92 -42.38
N PHE E 381 -16.10 -23.66 -42.49
CA PHE E 381 -15.93 -22.84 -41.31
C PHE E 381 -17.29 -22.49 -40.72
N GLU E 382 -18.20 -21.97 -41.55
CA GLU E 382 -19.56 -21.74 -41.10
C GLU E 382 -20.10 -23.01 -40.48
N ASP E 383 -19.70 -24.16 -41.03
CA ASP E 383 -20.11 -25.47 -40.53
C ASP E 383 -19.50 -25.67 -39.14
N GLN E 384 -18.47 -24.88 -38.84
CA GLN E 384 -17.78 -24.99 -37.57
C GLN E 384 -18.25 -23.96 -36.55
N ASN E 385 -19.46 -23.46 -36.74
CA ASN E 385 -20.04 -22.42 -35.87
C ASN E 385 -19.17 -21.16 -35.87
N ARG E 386 -18.33 -21.04 -36.91
CA ARG E 386 -17.58 -19.82 -37.22
C ARG E 386 -16.53 -19.52 -36.16
N LYS E 387 -15.94 -20.59 -35.62
CA LYS E 387 -15.00 -20.51 -34.51
C LYS E 387 -13.92 -21.55 -34.74
N PRO E 388 -12.66 -21.11 -34.85
CA PRO E 388 -11.55 -21.98 -35.27
C PRO E 388 -11.36 -23.23 -34.40
N THR E 389 -11.18 -24.36 -35.07
CA THR E 389 -11.17 -25.67 -34.45
C THR E 389 -9.87 -26.00 -33.75
N PRO E 390 -9.97 -26.79 -32.68
CA PRO E 390 -8.89 -27.50 -32.01
C PRO E 390 -7.71 -27.89 -32.90
N ASP E 391 -7.87 -28.69 -33.97
CA ASP E 391 -6.67 -29.01 -34.76
C ASP E 391 -6.08 -27.74 -35.35
N MET E 392 -6.89 -26.92 -36.00
CA MET E 392 -6.33 -25.72 -36.61
C MET E 392 -5.65 -24.82 -35.59
N MET E 393 -6.24 -24.66 -34.41
CA MET E 393 -5.57 -23.93 -33.35
C MET E 393 -4.31 -24.70 -32.86
N GLN E 394 -4.34 -26.02 -32.94
CA GLN E 394 -3.14 -26.79 -32.68
C GLN E 394 -2.14 -26.55 -33.80
N TYR E 395 -2.62 -26.50 -35.04
CA TYR E 395 -1.75 -26.27 -36.18
C TYR E 395 -1.03 -24.94 -36.02
N ALA E 396 -1.78 -23.98 -35.50
CA ALA E 396 -1.32 -22.65 -35.23
C ALA E 396 -0.26 -22.71 -34.13
N LYS E 397 -0.60 -23.34 -32.99
CA LYS E 397 0.36 -23.54 -31.89
C LYS E 397 1.61 -24.35 -32.30
N ARG E 398 1.51 -25.21 -33.30
CA ARG E 398 2.68 -25.90 -33.79
C ARG E 398 3.48 -24.96 -34.69
N ALA E 399 2.79 -24.10 -35.41
CA ALA E 399 3.47 -23.13 -36.25
C ALA E 399 4.35 -22.18 -35.45
N VAL E 400 3.88 -21.80 -34.26
CA VAL E 400 4.48 -20.69 -33.51
C VAL E 400 5.28 -21.07 -32.28
N MET E 401 4.86 -22.07 -31.52
CA MET E 401 5.75 -22.56 -30.48
C MET E 401 7.04 -22.88 -31.19
N SER E 402 8.14 -22.97 -30.46
CA SER E 402 9.45 -23.28 -31.06
C SER E 402 10.08 -22.10 -31.83
N LEU E 403 9.25 -21.19 -32.33
CA LEU E 403 9.74 -19.88 -32.76
C LEU E 403 10.37 -19.23 -31.56
N GLN E 404 11.63 -18.83 -31.69
CA GLN E 404 12.22 -18.01 -30.63
C GLN E 404 12.74 -16.70 -31.20
N GLY E 405 13.30 -15.87 -30.32
CA GLY E 405 13.90 -14.61 -30.72
C GLY E 405 12.93 -13.74 -31.48
N LEU E 406 11.72 -13.62 -30.95
CA LEU E 406 10.72 -12.80 -31.63
C LEU E 406 10.82 -11.36 -31.14
N ARG E 407 10.74 -10.42 -32.08
CA ARG E 407 10.87 -9.01 -31.75
C ARG E 407 9.51 -8.47 -31.39
N GLU E 408 9.47 -7.51 -30.46
CA GLU E 408 8.18 -7.00 -30.01
C GLU E 408 7.46 -6.24 -31.12
N LYS E 409 6.15 -6.20 -31.05
CA LYS E 409 5.32 -5.60 -32.09
C LYS E 409 5.50 -6.20 -33.50
N THR E 410 6.07 -7.40 -33.62
CA THR E 410 6.01 -8.09 -34.93
C THR E 410 4.85 -9.09 -34.98
N ILE E 411 4.35 -9.40 -36.18
CA ILE E 411 3.29 -10.40 -36.34
C ILE E 411 3.82 -11.73 -35.79
N GLY E 412 5.14 -11.92 -35.82
CA GLY E 412 5.75 -13.05 -35.14
C GLY E 412 5.36 -13.07 -33.66
N LYS E 413 5.82 -12.08 -32.89
CA LYS E 413 5.54 -12.04 -31.46
C LYS E 413 4.05 -12.10 -31.22
N TYR E 414 3.28 -11.68 -32.21
CA TYR E 414 1.85 -11.64 -32.06
C TYR E 414 1.34 -13.04 -32.08
N ALA E 415 1.58 -13.68 -33.21
CA ALA E 415 1.19 -15.06 -33.42
C ALA E 415 1.55 -15.95 -32.24
N LYS E 416 2.80 -15.89 -31.78
CA LYS E 416 3.25 -16.78 -30.73
C LYS E 416 2.43 -16.57 -29.46
N SER E 417 1.96 -15.35 -29.27
CA SER E 417 1.22 -15.01 -28.06
C SER E 417 -0.22 -15.41 -28.26
N GLU E 418 -0.69 -15.23 -29.48
CA GLU E 418 -2.06 -15.58 -29.82
C GLU E 418 -2.24 -17.09 -29.75
N PHE E 419 -1.18 -17.84 -30.07
CA PHE E 419 -1.29 -19.27 -30.30
C PHE E 419 -0.56 -20.22 -29.33
N ASP E 420 0.69 -19.94 -28.99
CA ASP E 420 1.42 -20.81 -28.06
C ASP E 420 1.05 -20.51 -26.62
N LYS E 421 0.30 -21.44 -26.03
CA LYS E 421 0.03 -21.47 -24.60
C LYS E 421 -0.81 -22.71 -24.25
U IUM G . 29.21 33.90 -26.91
U IUM H . -23.29 1.95 -13.91
U IUM I . -23.40 -25.55 -43.45
U IUM J . -33.69 -15.28 -22.29
U IUM K . 22.75 37.15 2.88
U IUM L . -22.50 -4.93 15.20
U IUM M . -35.53 -17.72 3.31
U IUM N . 27.13 25.43 31.12
U IUM O . -11.67 -23.75 35.35
U IUM P . -28.22 -31.78 23.93
U IUM Q . 40.99 3.45 46.96
U IUM R . 5.15 -47.82 39.49
U IUM S . 44.54 16.55 -46.98
U IUM T . -13.75 -6.11 -40.79
U IUM U . -8.42 -44.30 -51.62
U IUM V . 16.58 -22.85 38.17
U IUM W . 3.10 -2.12 27.20
U IUM X . -2.77 10.52 3.96
U IUM Y . 1.18 10.42 -23.31
U IUM Z . 13.39 -2.63 -43.34
#